data_8TO9
#
_entry.id   8TO9
#
_cell.length_a   1.00
_cell.length_b   1.00
_cell.length_c   1.00
_cell.angle_alpha   90.00
_cell.angle_beta   90.00
_cell.angle_gamma   90.00
#
_symmetry.space_group_name_H-M   'P 1'
#
loop_
_entity.id
_entity.type
_entity.pdbx_description
1 polymer 'Envelope glycoprotein gp120'
2 polymer 'TRNM-f*01 heavy chain'
3 polymer 'TRNM-f*01 light chain'
4 polymer 'Envelope glycoprotein gp41'
5 branched 2-acetamido-2-deoxy-beta-D-glucopyranose-(1-4)-2-acetamido-2-deoxy-beta-D-glucopyranose
6 branched beta-D-mannopyranose-(1-4)-2-acetamido-2-deoxy-beta-D-glucopyranose-(1-4)-2-acetamido-2-deoxy-beta-D-glucopyranose
7 non-polymer 2-acetamido-2-deoxy-beta-D-glucopyranose
#
loop_
_entity_poly.entity_id
_entity_poly.type
_entity_poly.pdbx_seq_one_letter_code
_entity_poly.pdbx_strand_id
1 'polypeptide(L)'
;NLWVTVYYGVPVWKEAKTTLFCASDAKAYEKEVHNVWATHACVPTDPNPQEMVLENVTENFNMWKNDMVDQMHEDIISLW
DQSLKPCVKLTPLCVTLNCTNVNVTNTNNNNMKEEMKNCSFNTTTEIRDKKQKEYALFYRLDIVPLNENSSEYRLINCNT
STITQICPKVSFDPIPIHYCAPAGYAILKCNNKTFNGTGPCNNVSTVQCTHGIKPVVSTQLLLNGSLAEEEIIIRSENLT
DNAKTIIVHLNESVEINCTRPNNMTRKSIRIGPGQTFYALGDIIGDIRQPHCNISEAKWNKTLQRVKKKLKEHFPNKTIK
FAPSSGGDLEITTHSFNCRGEFFYCNTSKLFNSTYNNTTSNSTITLPCRIKQIINMWQEVGRAMYAPPIAGNITCKSNIT
GLLLTRDGGNNNNNTETFRPGGGDMRDNWRSELYKYKVVEIKPLGIAPTKCKRRVVERRRRRR
;
A,B,C
2 'polypeptide(L)'
;QVQLQESGPGVVKPSETLSLTCAVSGDSIKSAYQYWNWIRQPRGKGPEWIGGVYSSSDSTAYNPSLESRVSISRDTSNNR
FSLNLRSVTATDTATYFCARSVRDSRGWGRYFLDTWGQGLLVTVSS
;
D,E,H
3 'polypeptide(L)'
;DIQMTQSPSSLSASVGDTVTITCRASQSISTWLAWYQQKPGKAPKVLIYSASILQSGVPSRFRGSGSGSDFTLTIGSLQI
EDFATYFCQQYTGSPFTFGGGTKVEIK
;
F,G,L
4 'polypeptide(L)'
;AVGLGAVFLGFLGAAGSTMGAASNTLTVQARQLLSGIVQQQSNLLRAPEAQQHMLQLGVWGFKQLQARVLAIERYLEVQQ
LLGIWGCSGKLICCTAVPWNSSWSNKSQEDIWDNMTWMQWDREIGNYTDTIYRLLEESQFQQEINEKDLLALD
;
I,J,Z
#
# COMPACT_ATOMS: atom_id res chain seq x y z
N LEU A 2 -6.49 38.77 34.81
CA LEU A 2 -5.42 39.00 35.77
C LEU A 2 -4.16 38.24 35.37
N TRP A 3 -4.34 37.09 34.72
CA TRP A 3 -3.25 36.26 34.27
C TRP A 3 -3.51 35.82 32.84
N VAL A 4 -2.54 35.14 32.24
CA VAL A 4 -2.63 34.65 30.87
C VAL A 4 -2.62 33.13 30.91
N THR A 5 -3.62 32.52 30.26
CA THR A 5 -3.75 31.08 30.18
C THR A 5 -4.13 30.67 28.77
N VAL A 6 -3.73 29.47 28.37
CA VAL A 6 -4.03 28.95 27.05
C VAL A 6 -5.02 27.81 27.19
N TYR A 7 -5.78 27.56 26.13
CA TYR A 7 -6.78 26.51 26.10
C TYR A 7 -6.58 25.65 24.86
N TYR A 8 -6.72 24.35 25.03
CA TYR A 8 -6.56 23.39 23.94
C TYR A 8 -7.93 22.95 23.44
N GLY A 9 -7.98 22.65 22.14
CA GLY A 9 -9.23 22.23 21.53
C GLY A 9 -10.23 23.35 21.32
N VAL A 10 -9.75 24.57 21.14
CA VAL A 10 -10.61 25.73 20.94
C VAL A 10 -11.23 25.67 19.54
N PRO A 11 -12.56 25.70 19.43
CA PRO A 11 -13.21 25.64 18.10
C PRO A 11 -13.19 26.99 17.37
N VAL A 12 -12.04 27.31 16.76
CA VAL A 12 -11.88 28.56 16.03
C VAL A 12 -11.11 28.24 14.75
N TRP A 13 -11.25 29.10 13.75
CA TRP A 13 -10.60 28.90 12.46
C TRP A 13 -10.17 30.22 11.86
N LYS A 14 -9.25 30.13 10.89
CA LYS A 14 -8.72 31.29 10.18
C LYS A 14 -8.41 30.86 8.75
N GLU A 15 -8.60 31.79 7.81
CA GLU A 15 -8.37 31.50 6.41
C GLU A 15 -6.89 31.33 6.09
N ALA A 16 -6.57 30.33 5.29
CA ALA A 16 -5.20 30.03 4.89
C ALA A 16 -5.22 29.19 3.62
N LYS A 17 -4.08 29.12 2.96
CA LYS A 17 -3.95 28.36 1.73
C LYS A 17 -3.55 26.92 2.04
N THR A 18 -4.09 25.97 1.29
CA THR A 18 -3.79 24.56 1.50
C THR A 18 -3.95 23.81 0.19
N THR A 19 -3.42 22.58 0.18
CA THR A 19 -3.47 21.70 -0.98
C THR A 19 -4.35 20.50 -0.65
N LEU A 20 -5.31 20.20 -1.52
CA LEU A 20 -6.23 19.09 -1.32
C LEU A 20 -5.76 17.86 -2.10
N PHE A 21 -6.52 16.78 -1.99
CA PHE A 21 -6.23 15.53 -2.66
C PHE A 21 -7.49 15.02 -3.36
N CYS A 22 -7.28 14.23 -4.40
CA CYS A 22 -8.39 13.69 -5.17
C CYS A 22 -9.10 12.57 -4.43
N ALA A 23 -10.35 12.33 -4.84
CA ALA A 23 -11.24 11.30 -4.32
C ALA A 23 -12.34 11.12 -5.34
N SER A 24 -12.93 9.93 -5.38
CA SER A 24 -14.00 9.66 -6.35
C SER A 24 -14.99 8.71 -5.71
N ASP A 25 -16.02 8.34 -6.48
CA ASP A 25 -17.04 7.42 -6.01
C ASP A 25 -16.55 5.98 -6.19
N ALA A 26 -17.39 5.01 -5.86
CA ALA A 26 -17.02 3.61 -5.99
C ALA A 26 -16.91 3.22 -7.46
N LYS A 27 -15.78 2.63 -7.82
CA LYS A 27 -15.53 2.20 -9.19
C LYS A 27 -14.74 0.89 -9.17
N ALA A 28 -15.12 -0.02 -10.06
CA ALA A 28 -14.52 -1.35 -10.23
C ALA A 28 -14.48 -2.16 -8.94
N TRP A 37 -10.35 12.57 -18.11
CA TRP A 37 -10.44 11.88 -16.82
C TRP A 37 -10.18 10.39 -16.98
N ALA A 38 -8.91 10.01 -16.96
CA ALA A 38 -8.51 8.62 -17.09
C ALA A 38 -8.55 7.87 -15.76
N THR A 39 -8.89 8.55 -14.67
CA THR A 39 -8.98 8.02 -13.28
C THR A 39 -7.59 7.46 -12.92
N HIS A 40 -7.51 6.23 -12.41
CA HIS A 40 -6.27 5.54 -12.02
C HIS A 40 -5.50 6.27 -10.92
N ALA A 41 -5.04 7.50 -11.21
CA ALA A 41 -4.30 8.28 -10.23
C ALA A 41 -5.20 8.66 -9.05
N CYS A 42 -6.45 9.02 -9.34
CA CYS A 42 -7.38 9.38 -8.27
C CYS A 42 -7.84 8.12 -7.57
N VAL A 43 -8.29 8.27 -6.32
CA VAL A 43 -8.71 7.13 -5.49
C VAL A 43 -10.23 6.99 -5.59
N PRO A 44 -10.76 5.76 -5.76
CA PRO A 44 -12.21 5.56 -5.83
C PRO A 44 -12.85 5.27 -4.47
N THR A 45 -12.15 5.66 -3.39
CA THR A 45 -12.54 5.46 -1.99
C THR A 45 -14.00 5.78 -1.69
N ASP A 46 -14.59 5.00 -0.79
CA ASP A 46 -15.99 5.23 -0.44
C ASP A 46 -16.12 6.48 0.43
N PRO A 47 -17.13 7.31 0.20
CA PRO A 47 -17.27 8.52 1.02
C PRO A 47 -18.08 8.29 2.27
N ASN A 48 -17.72 8.99 3.35
CA ASN A 48 -18.42 8.90 4.63
C ASN A 48 -18.95 10.29 4.93
N PRO A 49 -20.18 10.59 4.52
CA PRO A 49 -20.75 11.92 4.75
C PRO A 49 -20.99 12.21 6.21
N GLN A 50 -20.25 13.18 6.74
CA GLN A 50 -20.36 13.62 8.12
C GLN A 50 -20.69 15.11 8.07
N GLU A 51 -21.97 15.42 7.91
CA GLU A 51 -22.43 16.81 7.83
C GLU A 51 -22.64 17.33 9.25
N MET A 52 -21.51 17.66 9.88
CA MET A 52 -21.53 18.18 11.24
C MET A 52 -21.89 19.66 11.13
N VAL A 53 -23.19 19.94 11.23
CA VAL A 53 -23.69 21.31 11.10
C VAL A 53 -23.26 22.15 12.29
N LEU A 54 -22.72 23.34 11.99
CA LEU A 54 -22.27 24.28 13.01
C LEU A 54 -23.33 25.37 13.10
N GLU A 55 -24.34 25.14 13.93
CA GLU A 55 -25.42 26.11 14.09
C GLU A 55 -24.93 27.33 14.88
N ASN A 56 -25.67 28.43 14.73
CA ASN A 56 -25.39 29.72 15.38
C ASN A 56 -24.00 30.26 15.01
N VAL A 57 -23.58 30.00 13.77
CA VAL A 57 -22.28 30.45 13.27
C VAL A 57 -22.49 31.23 11.98
N THR A 58 -21.95 32.44 11.93
CA THR A 58 -22.05 33.31 10.76
C THR A 58 -20.67 33.56 10.21
N GLU A 59 -20.52 33.42 8.89
CA GLU A 59 -19.23 33.64 8.24
C GLU A 59 -19.46 34.10 6.81
N ASN A 60 -18.55 34.95 6.33
CA ASN A 60 -18.63 35.46 4.97
C ASN A 60 -17.91 34.53 4.01
N PHE A 61 -18.39 34.48 2.77
CA PHE A 61 -17.84 33.62 1.74
C PHE A 61 -17.48 34.44 0.52
N ASN A 62 -16.46 33.97 -0.21
CA ASN A 62 -15.98 34.63 -1.42
C ASN A 62 -15.41 33.55 -2.34
N MET A 63 -16.21 33.13 -3.31
CA MET A 63 -15.78 32.10 -4.25
C MET A 63 -15.03 32.65 -5.45
N TRP A 64 -14.83 33.96 -5.53
CA TRP A 64 -14.10 34.55 -6.65
C TRP A 64 -12.60 34.63 -6.41
N LYS A 65 -12.13 34.41 -5.17
CA LYS A 65 -10.72 34.46 -4.85
C LYS A 65 -10.24 33.21 -4.14
N ASN A 66 -10.98 32.11 -4.25
CA ASN A 66 -10.59 30.87 -3.59
C ASN A 66 -9.41 30.22 -4.33
N ASP A 67 -8.55 29.56 -3.55
CA ASP A 67 -7.38 28.89 -4.10
C ASP A 67 -7.68 27.47 -4.55
N MET A 68 -8.85 26.93 -4.21
CA MET A 68 -9.19 25.56 -4.60
C MET A 68 -9.36 25.43 -6.10
N VAL A 69 -9.91 26.46 -6.76
CA VAL A 69 -10.12 26.42 -8.21
C VAL A 69 -8.78 26.28 -8.92
N ASP A 70 -7.81 27.12 -8.52
CA ASP A 70 -6.48 27.06 -9.13
C ASP A 70 -5.78 25.74 -8.79
N GLN A 71 -5.94 25.26 -7.55
CA GLN A 71 -5.30 24.02 -7.14
C GLN A 71 -5.83 22.82 -7.92
N MET A 72 -7.15 22.68 -8.03
CA MET A 72 -7.66 21.53 -8.76
C MET A 72 -7.47 21.71 -10.27
N HIS A 73 -7.34 22.96 -10.74
CA HIS A 73 -7.06 23.19 -12.14
C HIS A 73 -5.66 22.70 -12.46
N GLU A 74 -4.73 22.95 -11.55
CA GLU A 74 -3.36 22.44 -11.71
C GLU A 74 -3.35 20.93 -11.62
N ASP A 75 -4.19 20.37 -10.74
CA ASP A 75 -4.27 18.92 -10.59
C ASP A 75 -4.79 18.24 -11.85
N ILE A 76 -5.87 18.78 -12.44
CA ILE A 76 -6.42 18.17 -13.66
C ILE A 76 -5.49 18.38 -14.85
N ILE A 77 -4.81 19.54 -14.93
CA ILE A 77 -3.90 19.73 -16.06
C ILE A 77 -2.67 18.82 -15.88
N SER A 78 -2.27 18.55 -14.64
CA SER A 78 -1.14 17.66 -14.40
C SER A 78 -1.53 16.22 -14.73
N LEU A 79 -2.77 15.83 -14.41
CA LEU A 79 -3.24 14.49 -14.73
C LEU A 79 -3.33 14.29 -16.23
N TRP A 80 -3.84 15.29 -16.95
CA TRP A 80 -3.94 15.20 -18.40
C TRP A 80 -2.56 15.15 -19.05
N ASP A 81 -1.62 15.97 -18.56
CA ASP A 81 -0.27 15.96 -19.10
C ASP A 81 0.44 14.65 -18.79
N GLN A 82 0.23 14.10 -17.59
CA GLN A 82 0.86 12.83 -17.22
C GLN A 82 0.31 11.69 -18.06
N SER A 83 -0.99 11.74 -18.38
CA SER A 83 -1.58 10.70 -19.22
C SER A 83 -1.22 10.92 -20.68
N LEU A 84 -0.70 12.10 -21.02
CA LEU A 84 -0.32 12.41 -22.40
C LEU A 84 1.09 11.95 -22.75
N LYS A 85 1.98 11.77 -21.75
CA LYS A 85 3.35 11.33 -22.05
C LYS A 85 3.47 9.93 -22.66
N PRO A 86 2.82 8.86 -22.17
CA PRO A 86 3.01 7.55 -22.82
C PRO A 86 2.44 7.44 -24.24
N CYS A 87 1.59 8.36 -24.65
CA CYS A 87 1.02 8.29 -26.00
C CYS A 87 2.05 8.72 -27.05
N VAL A 88 1.84 8.27 -28.28
CA VAL A 88 2.74 8.58 -29.37
C VAL A 88 2.48 9.99 -29.89
N LYS A 89 3.51 10.60 -30.49
CA LYS A 89 3.44 11.93 -31.04
C LYS A 89 3.16 11.88 -32.54
N LEU A 90 2.77 13.03 -33.10
CA LEU A 90 2.44 13.16 -34.51
C LEU A 90 3.25 14.28 -35.18
N THR A 91 4.49 14.48 -34.76
CA THR A 91 5.32 15.53 -35.34
C THR A 91 5.86 15.31 -36.77
N PRO A 92 6.16 14.06 -37.29
CA PRO A 92 6.67 14.02 -38.68
C PRO A 92 5.58 13.89 -39.73
N LEU A 93 4.33 14.20 -39.36
CA LEU A 93 3.20 14.08 -40.27
C LEU A 93 2.93 15.37 -41.05
N CYS A 94 3.95 16.18 -41.34
CA CYS A 94 3.77 17.41 -42.09
C CYS A 94 3.95 17.20 -43.60
N VAL A 95 3.65 15.99 -44.09
CA VAL A 95 3.77 15.70 -45.51
C VAL A 95 2.61 16.38 -46.24
N THR A 96 2.90 16.92 -47.43
CA THR A 96 1.91 17.62 -48.25
C THR A 96 0.72 16.74 -48.61
N LEU A 97 -0.45 17.08 -48.09
CA LEU A 97 -1.67 16.33 -48.34
C LEU A 97 -2.18 16.57 -49.76
N ASN A 98 -3.09 15.69 -50.19
CA ASN A 98 -3.74 15.76 -51.50
C ASN A 98 -5.23 15.54 -51.20
N CYS A 99 -5.92 16.63 -50.89
CA CYS A 99 -7.32 16.60 -50.54
C CYS A 99 -8.21 16.89 -51.73
N THR A 100 -9.21 16.03 -51.94
CA THR A 100 -10.19 16.16 -53.02
C THR A 100 -11.60 16.17 -52.42
N ASN A 101 -12.51 16.81 -53.13
CA ASN A 101 -13.89 16.88 -52.65
C ASN A 101 -14.66 15.61 -53.01
N VAL A 102 -15.52 15.18 -52.08
CA VAL A 102 -16.34 13.99 -52.26
C VAL A 102 -17.77 14.31 -51.87
N ASN A 103 -18.68 13.43 -52.25
CA ASN A 103 -20.10 13.60 -51.94
C ASN A 103 -20.37 13.40 -50.45
N ASN A 110 -29.99 17.33 -48.51
CA ASN A 110 -28.59 17.17 -48.91
C ASN A 110 -27.79 18.45 -48.67
N ASN A 111 -27.67 18.86 -47.41
CA ASN A 111 -26.93 20.06 -47.06
C ASN A 111 -25.59 19.72 -46.43
N MET A 112 -24.68 20.70 -46.50
CA MET A 112 -23.29 20.63 -45.98
C MET A 112 -22.58 19.44 -46.62
N LYS A 113 -22.19 19.60 -47.89
CA LYS A 113 -21.50 18.55 -48.63
C LYS A 113 -20.13 19.00 -49.12
N GLU A 114 -19.89 20.31 -49.13
CA GLU A 114 -18.62 20.88 -49.57
C GLU A 114 -17.62 21.03 -48.42
N GLU A 115 -18.01 20.71 -47.19
CA GLU A 115 -17.12 20.82 -46.05
C GLU A 115 -16.38 19.53 -45.75
N MET A 116 -16.56 18.49 -46.57
CA MET A 116 -15.89 17.22 -46.41
C MET A 116 -14.86 17.05 -47.52
N LYS A 117 -13.65 16.65 -47.14
CA LYS A 117 -12.59 16.47 -48.13
C LYS A 117 -11.91 15.12 -47.92
N ASN A 118 -11.44 14.54 -49.01
CA ASN A 118 -10.80 13.24 -49.02
C ASN A 118 -9.30 13.46 -49.26
N CYS A 119 -8.49 13.32 -48.22
CA CYS A 119 -7.07 13.55 -48.30
C CYS A 119 -6.29 12.23 -48.35
N SER A 120 -4.97 12.35 -48.57
CA SER A 120 -4.05 11.23 -48.65
C SER A 120 -2.66 11.70 -48.26
N PHE A 121 -1.92 10.84 -47.56
CA PHE A 121 -0.57 11.16 -47.10
C PHE A 121 0.43 10.07 -47.47
N ASN A 122 1.67 10.49 -47.70
CA ASN A 122 2.74 9.56 -48.07
C ASN A 122 3.10 8.60 -46.93
N THR A 123 3.56 9.17 -45.79
CA THR A 123 4.00 8.50 -44.55
C THR A 123 4.96 7.32 -44.79
N THR A 124 5.72 7.38 -45.90
CA THR A 124 6.71 6.38 -46.33
C THR A 124 6.13 4.96 -46.41
N LYS A 133 1.90 5.47 -51.02
CA LYS A 133 1.13 6.53 -50.39
C LYS A 133 -0.10 5.98 -49.67
N GLU A 134 -0.18 6.22 -48.36
CA GLU A 134 -1.31 5.75 -47.57
C GLU A 134 -2.48 6.72 -47.74
N TYR A 135 -3.59 6.44 -47.05
CA TYR A 135 -4.79 7.25 -47.17
C TYR A 135 -5.70 7.09 -45.96
N ALA A 136 -6.44 8.15 -45.66
CA ALA A 136 -7.38 8.25 -44.55
C ALA A 136 -8.31 9.43 -44.82
N LEU A 137 -9.26 9.63 -43.90
CA LEU A 137 -10.22 10.73 -44.04
C LEU A 137 -9.96 11.83 -43.01
N PHE A 138 -10.13 13.07 -43.45
CA PHE A 138 -9.92 14.24 -42.61
C PHE A 138 -11.03 15.26 -42.84
N TYR A 139 -10.99 16.35 -42.07
CA TYR A 139 -11.97 17.41 -42.16
C TYR A 139 -11.40 18.64 -42.85
N ARG A 140 -12.27 19.46 -43.44
CA ARG A 140 -11.83 20.67 -44.13
C ARG A 140 -11.40 21.75 -43.14
N LEU A 141 -12.14 21.91 -42.04
CA LEU A 141 -11.80 22.90 -41.05
C LEU A 141 -10.57 22.53 -40.23
N ASP A 142 -10.14 21.26 -40.29
CA ASP A 142 -8.98 20.79 -39.56
C ASP A 142 -7.69 20.96 -40.34
N ILE A 143 -7.77 21.44 -41.57
CA ILE A 143 -6.60 21.65 -42.42
C ILE A 143 -6.59 23.09 -42.90
N VAL A 144 -5.39 23.67 -43.00
CA VAL A 144 -5.23 25.05 -43.43
C VAL A 144 -5.51 25.14 -44.93
N PRO A 145 -6.25 26.16 -45.41
CA PRO A 145 -6.52 26.26 -46.85
C PRO A 145 -5.32 26.82 -47.61
N LEU A 146 -4.32 25.96 -47.82
CA LEU A 146 -3.09 26.33 -48.52
C LEU A 146 -3.39 26.43 -50.00
N ASN A 147 -3.65 27.65 -50.46
CA ASN A 147 -3.94 27.89 -51.87
C ASN A 147 -2.69 28.33 -52.61
N SER A 151 -6.38 20.56 -54.42
CA SER A 151 -5.02 21.05 -54.51
C SER A 151 -4.19 20.58 -53.32
N GLU A 152 -2.98 21.11 -53.20
CA GLU A 152 -2.09 20.73 -52.11
C GLU A 152 -2.57 21.34 -50.80
N TYR A 153 -2.42 20.59 -49.71
CA TYR A 153 -2.84 21.05 -48.40
C TYR A 153 -1.90 20.47 -47.34
N ARG A 154 -1.99 21.04 -46.14
CA ARG A 154 -1.18 20.61 -45.01
C ARG A 154 -2.07 20.56 -43.77
N LEU A 155 -1.49 20.20 -42.64
CA LEU A 155 -2.25 20.13 -41.40
C LEU A 155 -2.51 21.54 -40.85
N ILE A 156 -3.22 21.62 -39.73
CA ILE A 156 -3.51 22.92 -39.14
C ILE A 156 -2.25 23.54 -38.53
N ASN A 157 -1.46 22.73 -37.82
CA ASN A 157 -0.22 23.20 -37.19
C ASN A 157 0.71 22.01 -37.02
N CYS A 158 1.73 21.91 -37.89
CA CYS A 158 2.70 20.81 -37.81
C CYS A 158 4.00 21.29 -37.18
N ASN A 159 4.62 22.31 -37.77
CA ASN A 159 5.86 22.84 -37.23
C ASN A 159 5.54 23.92 -36.21
N THR A 160 6.39 24.01 -35.17
CA THR A 160 6.32 24.91 -34.03
C THR A 160 5.09 24.66 -33.17
N SER A 161 4.35 23.58 -33.41
CA SER A 161 3.16 23.24 -32.64
C SER A 161 2.96 21.73 -32.80
N THR A 162 3.38 20.98 -31.78
CA THR A 162 3.28 19.53 -31.83
C THR A 162 1.84 19.08 -31.59
N ILE A 163 1.51 17.92 -32.15
CA ILE A 163 0.19 17.31 -32.00
C ILE A 163 0.39 15.98 -31.31
N THR A 164 -0.26 15.81 -30.15
CA THR A 164 -0.14 14.59 -29.36
C THR A 164 -1.50 13.90 -29.29
N GLN A 165 -1.61 12.75 -29.95
CA GLN A 165 -2.84 11.98 -29.94
C GLN A 165 -3.08 11.38 -28.57
N ILE A 166 -4.36 11.22 -28.21
CA ILE A 166 -4.75 10.65 -26.93
C ILE A 166 -4.77 9.13 -27.06
N CYS A 167 -4.36 8.44 -26.00
CA CYS A 167 -4.35 6.99 -26.03
C CYS A 167 -5.76 6.45 -25.94
N PRO A 168 -6.15 5.47 -26.77
CA PRO A 168 -7.51 4.93 -26.70
C PRO A 168 -7.73 3.91 -25.60
N LYS A 169 -6.71 3.60 -24.79
CA LYS A 169 -6.88 2.63 -23.72
C LYS A 169 -7.68 3.20 -22.55
N VAL A 170 -7.79 4.52 -22.45
CA VAL A 170 -8.54 5.18 -21.40
C VAL A 170 -9.52 6.15 -22.04
N SER A 171 -10.63 6.40 -21.35
CA SER A 171 -11.67 7.29 -21.83
C SER A 171 -11.79 8.49 -20.90
N PHE A 172 -11.85 9.69 -21.48
CA PHE A 172 -11.97 10.92 -20.71
C PHE A 172 -13.43 11.34 -20.53
N ASP A 173 -14.24 10.36 -20.10
CA ASP A 173 -15.67 10.49 -19.84
C ASP A 173 -15.91 11.14 -18.48
N PRO A 174 -17.02 11.87 -18.31
CA PRO A 174 -17.31 12.51 -17.02
C PRO A 174 -17.67 11.48 -15.96
N ILE A 175 -16.85 11.41 -14.92
CA ILE A 175 -17.02 10.48 -13.81
C ILE A 175 -17.07 11.30 -12.53
N PRO A 176 -18.05 11.07 -11.64
CA PRO A 176 -18.13 11.86 -10.40
C PRO A 176 -16.91 11.66 -9.51
N ILE A 177 -16.44 12.76 -8.92
CA ILE A 177 -15.27 12.78 -8.05
C ILE A 177 -15.65 13.47 -6.74
N HIS A 178 -14.68 13.53 -5.83
CA HIS A 178 -14.86 14.15 -4.52
C HIS A 178 -13.57 14.85 -4.13
N TYR A 179 -13.67 15.89 -3.32
CA TYR A 179 -12.50 16.64 -2.88
C TYR A 179 -12.54 16.76 -1.36
N CYS A 180 -11.46 16.35 -0.71
CA CYS A 180 -11.33 16.40 0.74
C CYS A 180 -10.00 17.04 1.11
N ALA A 181 -9.98 17.69 2.29
CA ALA A 181 -8.81 18.38 2.82
C ALA A 181 -8.11 17.51 3.87
N PRO A 182 -6.78 17.67 4.04
CA PRO A 182 -6.07 16.88 5.04
C PRO A 182 -6.31 17.38 6.46
N ALA A 183 -5.55 16.84 7.42
CA ALA A 183 -5.69 17.24 8.81
C ALA A 183 -5.30 18.70 9.01
N GLY A 184 -5.94 19.34 9.98
CA GLY A 184 -5.69 20.74 10.26
C GLY A 184 -6.49 21.69 9.40
N TYR A 185 -7.29 21.17 8.48
CA TYR A 185 -8.10 21.98 7.59
C TYR A 185 -9.51 21.39 7.52
N ALA A 186 -10.48 22.25 7.23
CA ALA A 186 -11.87 21.83 7.13
C ALA A 186 -12.54 22.56 5.98
N ILE A 187 -13.67 22.03 5.55
CA ILE A 187 -14.45 22.60 4.46
C ILE A 187 -15.78 23.11 5.02
N LEU A 188 -16.09 24.37 4.77
CA LEU A 188 -17.32 24.98 5.24
C LEU A 188 -18.38 24.90 4.15
N LYS A 189 -19.52 24.30 4.48
CA LYS A 189 -20.62 24.15 3.53
C LYS A 189 -21.79 25.04 3.91
N CYS A 190 -22.36 25.70 2.91
CA CYS A 190 -23.50 26.60 3.07
C CYS A 190 -24.74 25.92 2.53
N ASN A 191 -25.76 25.79 3.37
CA ASN A 191 -27.02 25.16 2.99
C ASN A 191 -28.07 26.15 2.53
N ASN A 192 -27.75 27.45 2.54
CA ASN A 192 -28.69 28.47 2.12
C ASN A 192 -28.78 28.48 0.60
N LYS A 193 -29.98 28.22 0.07
CA LYS A 193 -30.17 28.19 -1.38
C LYS A 193 -30.09 29.59 -1.98
N THR A 194 -30.71 30.58 -1.34
CA THR A 194 -30.70 31.95 -1.83
C THR A 194 -29.42 32.63 -1.34
N PHE A 195 -28.31 32.25 -1.96
CA PHE A 195 -27.01 32.81 -1.60
C PHE A 195 -26.17 32.93 -2.87
N ASN A 196 -25.70 34.13 -3.15
CA ASN A 196 -24.88 34.38 -4.33
C ASN A 196 -23.42 34.11 -4.01
N GLY A 197 -22.51 34.54 -4.90
CA GLY A 197 -21.10 34.30 -4.68
C GLY A 197 -20.52 35.06 -3.50
N THR A 198 -20.87 36.33 -3.35
CA THR A 198 -20.38 37.15 -2.27
C THR A 198 -21.42 37.23 -1.15
N GLY A 199 -21.15 38.05 -0.14
CA GLY A 199 -22.05 38.22 0.96
C GLY A 199 -21.85 37.19 2.06
N PRO A 200 -22.40 37.45 3.25
CA PRO A 200 -22.26 36.51 4.36
C PRO A 200 -23.19 35.32 4.19
N CYS A 201 -22.93 34.29 4.99
CA CYS A 201 -23.70 33.05 4.98
C CYS A 201 -24.22 32.82 6.39
N ASN A 202 -25.55 32.79 6.54
CA ASN A 202 -26.15 32.57 7.85
C ASN A 202 -26.06 31.12 8.27
N ASN A 203 -26.63 30.22 7.47
CA ASN A 203 -26.62 28.78 7.76
C ASN A 203 -25.36 28.21 7.13
N VAL A 204 -24.42 27.78 7.97
CA VAL A 204 -23.17 27.19 7.52
C VAL A 204 -22.97 25.87 8.24
N SER A 205 -22.21 24.97 7.61
CA SER A 205 -21.93 23.66 8.16
C SER A 205 -20.51 23.26 7.76
N THR A 206 -19.94 22.34 8.53
CA THR A 206 -18.58 21.85 8.30
C THR A 206 -18.64 20.40 7.86
N VAL A 207 -18.04 20.10 6.71
CA VAL A 207 -18.00 18.74 6.17
C VAL A 207 -16.54 18.42 5.86
N GLN A 208 -16.21 17.12 5.91
CA GLN A 208 -14.84 16.70 5.67
C GLN A 208 -14.58 16.33 4.21
N CYS A 209 -15.63 16.19 3.38
CA CYS A 209 -15.49 15.89 1.96
C CYS A 209 -16.62 16.55 1.20
N THR A 210 -16.36 16.85 -0.08
CA THR A 210 -17.36 17.49 -0.91
C THR A 210 -18.37 16.46 -1.43
N HIS A 211 -19.35 16.93 -2.18
CA HIS A 211 -20.38 16.07 -2.74
C HIS A 211 -19.85 15.39 -4.01
N GLY A 212 -20.73 14.65 -4.70
CA GLY A 212 -20.33 13.97 -5.91
C GLY A 212 -20.27 14.89 -7.10
N ILE A 213 -19.23 15.73 -7.15
CA ILE A 213 -19.07 16.66 -8.26
C ILE A 213 -18.71 15.90 -9.53
N LYS A 214 -19.45 16.16 -10.60
CA LYS A 214 -19.23 15.51 -11.89
C LYS A 214 -18.65 16.55 -12.85
N PRO A 215 -17.34 16.51 -13.08
CA PRO A 215 -16.72 17.47 -13.99
C PRO A 215 -17.10 17.25 -15.44
N VAL A 216 -17.31 18.35 -16.16
CA VAL A 216 -17.68 18.31 -17.56
C VAL A 216 -17.09 19.52 -18.27
N VAL A 217 -16.71 19.34 -19.52
CA VAL A 217 -16.14 20.40 -20.34
C VAL A 217 -17.27 21.02 -21.15
N SER A 218 -17.45 22.33 -21.05
CA SER A 218 -18.53 22.98 -21.79
C SER A 218 -18.17 24.41 -22.13
N THR A 219 -18.90 24.93 -23.12
CA THR A 219 -18.76 26.30 -23.61
C THR A 219 -20.16 26.87 -23.77
N GLN A 220 -20.39 28.06 -23.21
CA GLN A 220 -21.64 28.82 -23.20
C GLN A 220 -22.77 28.12 -22.43
N LEU A 221 -22.50 27.00 -21.78
CA LEU A 221 -23.50 26.26 -21.01
C LEU A 221 -22.80 25.59 -19.84
N LEU A 222 -23.57 24.81 -19.07
CA LEU A 222 -23.03 24.12 -17.91
C LEU A 222 -23.08 22.60 -18.01
N LEU A 223 -24.03 22.04 -18.75
CA LEU A 223 -24.24 20.58 -18.96
C LEU A 223 -24.50 19.93 -17.60
N ASN A 224 -23.83 18.81 -17.28
CA ASN A 224 -24.04 18.12 -16.02
C ASN A 224 -23.52 18.95 -14.84
N GLY A 225 -24.28 18.92 -13.75
CA GLY A 225 -23.89 19.66 -12.56
C GLY A 225 -25.02 19.66 -11.55
N SER A 226 -24.68 20.17 -10.37
CA SER A 226 -25.66 20.25 -9.28
C SER A 226 -26.69 21.33 -9.57
N LEU A 227 -27.93 21.06 -9.15
CA LEU A 227 -29.04 21.98 -9.35
C LEU A 227 -29.28 22.79 -8.08
N ALA A 228 -30.05 23.87 -8.24
CA ALA A 228 -30.37 24.76 -7.13
C ALA A 228 -31.88 24.82 -6.94
N GLU A 229 -32.31 24.93 -5.69
CA GLU A 229 -33.72 25.00 -5.35
C GLU A 229 -34.18 26.46 -5.40
N GLU A 230 -35.39 26.71 -4.87
CA GLU A 230 -36.03 28.01 -4.81
C GLU A 230 -36.19 28.65 -6.20
N GLU A 231 -36.17 29.97 -6.26
CA GLU A 231 -36.33 30.69 -7.51
C GLU A 231 -34.99 30.82 -8.23
N ILE A 232 -35.02 31.47 -9.39
CA ILE A 232 -33.83 31.68 -10.20
C ILE A 232 -32.95 32.77 -9.56
N ILE A 233 -31.64 32.58 -9.61
CA ILE A 233 -30.68 33.52 -9.02
C ILE A 233 -29.52 33.76 -9.98
N ILE A 234 -28.92 34.95 -9.86
CA ILE A 234 -27.77 35.36 -10.67
C ILE A 234 -26.70 35.90 -9.73
N ARG A 235 -25.46 35.45 -9.95
CA ARG A 235 -24.33 35.90 -9.16
C ARG A 235 -23.22 36.32 -10.11
N SER A 236 -22.36 37.22 -9.62
CA SER A 236 -21.25 37.74 -10.40
C SER A 236 -20.21 38.30 -9.43
N GLU A 237 -19.23 39.01 -9.99
CA GLU A 237 -18.18 39.60 -9.19
C GLU A 237 -18.47 41.06 -8.86
N ASN A 238 -18.79 41.87 -9.88
CA ASN A 238 -19.08 43.28 -9.67
C ASN A 238 -20.42 43.68 -10.27
N LEU A 239 -20.82 43.02 -11.36
CA LEU A 239 -22.04 43.21 -12.15
C LEU A 239 -22.09 44.56 -12.86
N THR A 240 -21.06 45.39 -12.75
CA THR A 240 -21.02 46.69 -13.41
C THR A 240 -20.10 46.69 -14.62
N ASP A 241 -18.91 46.12 -14.50
CA ASP A 241 -17.97 46.08 -15.61
C ASP A 241 -18.41 45.02 -16.62
N ASN A 242 -18.40 45.39 -17.89
CA ASN A 242 -18.80 44.47 -18.96
C ASN A 242 -17.77 43.38 -19.21
N ALA A 243 -16.52 43.58 -18.78
CA ALA A 243 -15.49 42.56 -19.00
C ALA A 243 -15.67 41.37 -18.08
N LYS A 244 -16.23 41.59 -16.88
CA LYS A 244 -16.43 40.50 -15.95
C LYS A 244 -17.59 39.62 -16.40
N THR A 245 -17.37 38.30 -16.39
CA THR A 245 -18.40 37.36 -16.81
C THR A 245 -19.49 37.24 -15.74
N ILE A 246 -20.67 36.83 -16.20
CA ILE A 246 -21.84 36.67 -15.36
C ILE A 246 -22.33 35.23 -15.49
N ILE A 247 -22.54 34.56 -14.36
CA ILE A 247 -23.01 33.17 -14.35
C ILE A 247 -24.38 33.11 -13.69
N VAL A 248 -25.27 32.31 -14.28
CA VAL A 248 -26.64 32.12 -13.79
C VAL A 248 -26.83 30.62 -13.56
N HIS A 249 -27.35 30.25 -12.40
CA HIS A 249 -27.60 28.86 -12.06
C HIS A 249 -29.09 28.57 -12.18
N LEU A 250 -29.44 27.62 -13.04
CA LEU A 250 -30.83 27.25 -13.28
C LEU A 250 -31.36 26.33 -12.18
N ASN A 251 -32.68 26.15 -12.17
CA ASN A 251 -33.37 25.30 -11.21
C ASN A 251 -33.95 24.05 -11.85
N GLU A 252 -34.62 24.19 -12.98
CA GLU A 252 -35.22 23.05 -13.68
C GLU A 252 -34.27 22.59 -14.79
N SER A 253 -33.98 21.29 -14.80
CA SER A 253 -33.08 20.75 -15.80
C SER A 253 -33.76 20.69 -17.17
N VAL A 254 -32.98 21.00 -18.20
CA VAL A 254 -33.44 20.98 -19.59
C VAL A 254 -32.90 19.71 -20.23
N GLU A 255 -33.80 18.90 -20.78
CA GLU A 255 -33.43 17.63 -21.40
C GLU A 255 -32.69 17.90 -22.71
N ILE A 256 -31.36 17.79 -22.66
CA ILE A 256 -30.50 17.98 -23.82
C ILE A 256 -29.72 16.68 -24.02
N ASN A 257 -30.00 15.99 -25.11
CA ASN A 257 -29.39 14.71 -25.41
C ASN A 257 -28.68 14.67 -26.76
N CYS A 258 -29.33 15.10 -27.85
CA CYS A 258 -28.81 15.17 -29.21
C CYS A 258 -28.41 13.82 -29.83
N THR A 259 -28.26 13.79 -31.14
CA THR A 259 -27.89 12.58 -31.88
C THR A 259 -26.80 12.91 -32.88
N ARG A 260 -26.05 11.88 -33.27
CA ARG A 260 -24.97 12.02 -34.25
C ARG A 260 -25.28 11.02 -35.36
N PRO A 261 -25.93 11.46 -36.44
CA PRO A 261 -26.28 10.55 -37.54
C PRO A 261 -25.11 10.21 -38.45
N ASN A 262 -24.17 9.41 -37.93
CA ASN A 262 -23.00 8.96 -38.67
C ASN A 262 -22.41 7.77 -37.94
N ASN A 263 -21.99 6.76 -38.71
CA ASN A 263 -21.42 5.55 -38.11
C ASN A 263 -19.92 5.40 -38.34
N MET A 264 -19.43 5.72 -39.55
CA MET A 264 -18.02 5.64 -39.96
C MET A 264 -17.43 4.24 -39.80
N THR A 265 -16.11 4.14 -39.91
CA THR A 265 -15.40 2.87 -39.78
C THR A 265 -14.18 3.09 -38.89
N ARG A 266 -13.29 2.10 -38.86
CA ARG A 266 -12.07 2.14 -38.07
C ARG A 266 -10.87 1.90 -38.96
N LYS A 267 -9.73 2.49 -38.61
CA LYS A 267 -8.53 2.33 -39.42
C LYS A 267 -7.29 2.44 -38.55
N SER A 268 -6.18 1.97 -39.10
CA SER A 268 -4.88 2.01 -38.41
C SER A 268 -3.80 1.99 -39.49
N ILE A 269 -2.95 3.02 -39.50
CA ILE A 269 -1.87 3.15 -40.47
C ILE A 269 -0.54 3.17 -39.73
N ARG A 270 0.34 2.22 -40.07
CA ARG A 270 1.65 2.15 -39.45
C ARG A 270 2.57 3.22 -40.03
N ILE A 271 3.19 4.00 -39.17
CA ILE A 271 4.10 5.06 -39.61
C ILE A 271 5.45 4.47 -39.96
N GLN A 275 2.74 4.36 -33.12
CA GLN A 275 2.75 4.64 -34.55
C GLN A 275 1.57 3.96 -35.26
N THR A 276 0.55 3.60 -34.47
CA THR A 276 -0.62 2.94 -35.06
C THR A 276 -1.50 3.93 -35.82
N PHE A 277 -1.46 5.21 -35.46
CA PHE A 277 -2.23 6.30 -36.08
C PHE A 277 -3.73 5.99 -36.09
N TYR A 278 -4.28 5.94 -34.88
CA TYR A 278 -5.70 5.66 -34.68
C TYR A 278 -6.52 6.80 -35.28
N ALA A 279 -7.25 6.51 -36.36
CA ALA A 279 -8.06 7.52 -37.02
C ALA A 279 -9.21 6.84 -37.75
N LEU A 280 -10.12 7.67 -38.26
CA LEU A 280 -11.27 7.16 -38.98
C LEU A 280 -10.86 6.60 -40.35
N GLY A 281 -11.76 5.81 -40.94
CA GLY A 281 -11.55 5.19 -42.22
C GLY A 281 -12.42 5.83 -43.27
N ASP A 282 -13.53 5.21 -43.62
CA ASP A 282 -14.45 5.72 -44.62
C ASP A 282 -15.82 5.96 -44.01
N ILE A 283 -16.48 7.03 -44.45
CA ILE A 283 -17.81 7.34 -43.95
C ILE A 283 -18.84 6.44 -44.62
N ILE A 284 -19.78 5.93 -43.83
CA ILE A 284 -20.83 5.05 -44.33
C ILE A 284 -21.99 5.89 -44.80
N GLY A 285 -22.37 5.72 -46.07
CA GLY A 285 -23.47 6.48 -46.64
C GLY A 285 -23.06 7.90 -47.01
N ASP A 286 -24.08 8.72 -47.23
CA ASP A 286 -23.86 10.11 -47.60
C ASP A 286 -23.49 10.94 -46.37
N ILE A 287 -23.22 12.22 -46.61
CA ILE A 287 -22.85 13.15 -45.55
C ILE A 287 -24.12 13.59 -44.82
N ARG A 288 -24.33 13.05 -43.62
CA ARG A 288 -25.51 13.45 -42.80
C ARG A 288 -25.02 14.16 -41.53
N GLN A 289 -25.18 15.48 -41.44
CA GLN A 289 -24.66 16.25 -40.28
C GLN A 289 -25.47 15.94 -39.02
N PRO A 290 -24.90 16.04 -37.80
CA PRO A 290 -25.60 15.67 -36.57
C PRO A 290 -26.40 16.81 -35.92
N HIS A 291 -27.46 17.27 -36.58
CA HIS A 291 -28.33 18.30 -35.97
C HIS A 291 -29.27 17.63 -34.96
N CYS A 292 -29.89 18.40 -34.08
CA CYS A 292 -30.89 17.82 -33.13
C CYS A 292 -31.83 18.93 -32.65
N ASN A 293 -32.94 18.55 -32.01
CA ASN A 293 -33.91 19.54 -31.56
C ASN A 293 -33.99 19.54 -30.04
N ILE A 294 -34.15 20.74 -29.49
CA ILE A 294 -34.26 20.95 -28.05
C ILE A 294 -35.69 21.40 -27.78
N SER A 295 -36.17 21.17 -26.54
CA SER A 295 -37.51 21.55 -26.14
C SER A 295 -37.69 23.07 -26.19
N GLU A 296 -38.54 23.52 -27.12
CA GLU A 296 -38.78 24.96 -27.28
C GLU A 296 -39.52 25.54 -26.09
N ALA A 297 -40.47 24.79 -25.53
CA ALA A 297 -41.24 25.28 -24.39
C ALA A 297 -40.35 25.44 -23.16
N LYS A 298 -39.51 24.45 -22.88
CA LYS A 298 -38.62 24.52 -21.72
C LYS A 298 -37.60 25.64 -21.87
N TRP A 299 -37.02 25.77 -23.07
CA TRP A 299 -36.04 26.83 -23.31
C TRP A 299 -36.68 28.21 -23.23
N ASN A 300 -37.90 28.35 -23.75
CA ASN A 300 -38.60 29.63 -23.67
C ASN A 300 -38.90 29.97 -22.21
N LYS A 301 -39.26 28.95 -21.41
CA LYS A 301 -39.52 29.15 -19.99
C LYS A 301 -38.26 29.59 -19.25
N THR A 302 -37.12 28.97 -19.59
CA THR A 302 -35.86 29.34 -18.94
C THR A 302 -35.47 30.78 -19.25
N LEU A 303 -35.64 31.20 -20.51
CA LEU A 303 -35.30 32.59 -20.83
C LEU A 303 -36.29 33.56 -20.21
N GLN A 304 -37.57 33.17 -20.04
CA GLN A 304 -38.49 34.08 -19.35
C GLN A 304 -38.09 34.23 -17.88
N ARG A 305 -37.63 33.12 -17.27
CA ARG A 305 -37.20 33.17 -15.87
C ARG A 305 -35.95 34.02 -15.69
N VAL A 306 -34.97 33.88 -16.61
CA VAL A 306 -33.76 34.68 -16.47
C VAL A 306 -34.07 36.14 -16.80
N LYS A 307 -35.08 36.39 -17.64
CA LYS A 307 -35.49 37.77 -17.92
C LYS A 307 -36.08 38.40 -16.68
N LYS A 308 -36.95 37.65 -15.99
CA LYS A 308 -37.59 38.13 -14.77
C LYS A 308 -36.54 38.39 -13.68
N LYS A 309 -35.52 37.55 -13.60
CA LYS A 309 -34.49 37.77 -12.59
C LYS A 309 -33.54 38.90 -12.99
N LEU A 310 -33.32 39.10 -14.30
CA LEU A 310 -32.43 40.16 -14.74
C LEU A 310 -33.07 41.53 -14.56
N LYS A 311 -34.41 41.59 -14.61
CA LYS A 311 -35.07 42.87 -14.40
C LYS A 311 -34.93 43.32 -12.94
N GLU A 312 -34.80 42.36 -12.03
CA GLU A 312 -34.65 42.69 -10.61
C GLU A 312 -33.25 43.24 -10.33
N HIS A 313 -32.24 42.69 -10.99
CA HIS A 313 -30.86 43.13 -10.81
C HIS A 313 -30.62 44.47 -11.51
N ASN A 316 -32.22 47.59 -14.46
CA ASN A 316 -33.44 48.42 -14.36
C ASN A 316 -34.03 48.64 -15.75
N LYS A 317 -33.20 49.07 -16.71
CA LYS A 317 -33.68 49.34 -18.08
C LYS A 317 -34.11 48.03 -18.74
N THR A 318 -34.64 48.10 -19.97
CA THR A 318 -35.05 46.89 -20.67
C THR A 318 -33.83 46.01 -20.98
N ILE A 319 -34.09 44.75 -21.30
CA ILE A 319 -33.06 43.78 -21.62
C ILE A 319 -33.39 43.08 -22.92
N LYS A 320 -32.36 42.56 -23.57
CA LYS A 320 -32.50 41.85 -24.84
C LYS A 320 -31.39 40.82 -24.95
N PHE A 321 -31.63 39.82 -25.80
CA PHE A 321 -30.66 38.76 -26.06
C PHE A 321 -30.20 38.82 -27.51
N ALA A 322 -28.89 38.78 -27.69
CA ALA A 322 -28.18 38.81 -28.96
C ALA A 322 -27.11 37.73 -28.92
N PRO A 323 -26.70 37.18 -30.10
CA PRO A 323 -25.65 36.15 -30.08
C PRO A 323 -24.28 36.70 -29.74
N SER A 324 -23.25 35.86 -29.85
CA SER A 324 -21.89 36.27 -29.53
C SER A 324 -21.42 37.34 -30.51
N SER A 325 -20.48 38.17 -30.04
CA SER A 325 -19.94 39.26 -30.85
C SER A 325 -19.18 38.73 -32.07
N GLY A 326 -18.45 37.63 -31.90
CA GLY A 326 -17.70 37.07 -33.00
C GLY A 326 -16.54 36.21 -32.58
N GLY A 327 -15.37 36.47 -33.15
CA GLY A 327 -14.19 35.70 -32.82
C GLY A 327 -14.08 34.44 -33.66
N ASP A 328 -13.13 33.60 -33.25
CA ASP A 328 -12.87 32.33 -33.94
C ASP A 328 -13.86 31.27 -33.44
N LEU A 329 -13.57 30.01 -33.76
CA LEU A 329 -14.39 28.89 -33.37
C LEU A 329 -14.26 28.62 -31.87
N GLU A 330 -15.12 27.72 -31.36
CA GLU A 330 -15.24 27.25 -29.97
C GLU A 330 -15.41 28.39 -28.94
N ILE A 331 -15.76 29.59 -29.39
CA ILE A 331 -15.99 30.71 -28.49
C ILE A 331 -17.28 31.45 -28.82
N THR A 332 -17.84 31.24 -30.02
CA THR A 332 -19.08 31.86 -30.45
C THR A 332 -20.20 30.84 -30.60
N THR A 333 -19.87 29.55 -30.50
CA THR A 333 -20.83 28.46 -30.62
C THR A 333 -20.70 27.57 -29.39
N HIS A 334 -21.78 26.86 -29.08
CA HIS A 334 -21.77 25.98 -27.92
C HIS A 334 -20.95 24.73 -28.20
N SER A 335 -20.17 24.30 -27.20
CA SER A 335 -19.30 23.13 -27.30
C SER A 335 -19.51 22.22 -26.11
N PHE A 336 -19.51 20.91 -26.36
CA PHE A 336 -19.68 19.93 -25.30
C PHE A 336 -19.09 18.60 -25.78
N ASN A 337 -18.88 17.70 -24.83
CA ASN A 337 -18.32 16.38 -25.10
C ASN A 337 -19.41 15.32 -24.95
N CYS A 338 -19.43 14.37 -25.87
CA CYS A 338 -20.41 13.28 -25.88
C CYS A 338 -19.65 11.96 -26.01
N ARG A 339 -19.24 11.40 -24.87
CA ARG A 339 -18.50 10.14 -24.76
C ARG A 339 -17.22 10.13 -25.60
N GLY A 340 -16.31 11.04 -25.25
CA GLY A 340 -15.04 11.13 -25.94
C GLY A 340 -15.07 11.85 -27.27
N GLU A 341 -16.18 12.50 -27.63
CA GLU A 341 -16.28 13.20 -28.90
C GLU A 341 -16.79 14.61 -28.66
N PHE A 342 -16.10 15.60 -29.19
CA PHE A 342 -16.49 17.00 -29.03
C PHE A 342 -17.51 17.38 -30.10
N PHE A 343 -18.57 18.06 -29.67
CA PHE A 343 -19.64 18.51 -30.56
C PHE A 343 -19.69 20.03 -30.56
N TYR A 344 -19.66 20.61 -31.76
CA TYR A 344 -19.69 22.06 -31.93
C TYR A 344 -21.00 22.40 -32.64
N CYS A 345 -22.02 22.77 -31.87
CA CYS A 345 -23.33 23.11 -32.41
C CYS A 345 -23.51 24.62 -32.50
N ASN A 346 -24.20 25.04 -33.56
CA ASN A 346 -24.48 26.46 -33.80
C ASN A 346 -25.74 26.85 -33.04
N THR A 347 -25.57 27.46 -31.87
CA THR A 347 -26.67 27.90 -31.04
C THR A 347 -26.96 29.39 -31.20
N SER A 348 -26.71 29.95 -32.38
CA SER A 348 -26.94 31.38 -32.62
C SER A 348 -28.43 31.70 -32.64
N LYS A 349 -29.24 30.80 -33.20
CA LYS A 349 -30.67 31.04 -33.26
C LYS A 349 -31.34 30.81 -31.91
N LEU A 350 -30.65 30.14 -30.98
CA LEU A 350 -31.20 29.88 -29.66
C LEU A 350 -31.29 31.15 -28.84
N PHE A 351 -30.30 32.03 -28.97
CA PHE A 351 -30.29 33.31 -28.27
C PHE A 351 -30.84 34.43 -29.13
N ASN A 352 -31.30 34.12 -30.34
CA ASN A 352 -31.85 35.07 -31.28
C ASN A 352 -33.37 35.13 -31.14
N SER A 353 -33.97 36.12 -31.82
CA SER A 353 -35.41 36.38 -31.84
C SER A 353 -36.02 36.53 -30.44
N ILE A 364 -36.45 23.25 -31.51
CA ILE A 364 -35.56 24.12 -32.26
C ILE A 364 -34.37 23.33 -32.79
N THR A 365 -34.28 23.22 -34.11
CA THR A 365 -33.19 22.49 -34.73
C THR A 365 -31.87 23.25 -34.59
N LEU A 366 -30.77 22.50 -34.51
CA LEU A 366 -29.45 23.09 -34.35
C LEU A 366 -28.40 22.41 -35.21
N PRO A 367 -27.83 23.09 -36.20
CA PRO A 367 -26.79 22.46 -37.01
C PRO A 367 -25.49 22.36 -36.21
N CYS A 368 -24.84 21.21 -36.30
CA CYS A 368 -23.60 20.98 -35.58
C CYS A 368 -22.50 20.52 -36.51
N ARG A 369 -21.27 20.87 -36.14
CA ARG A 369 -20.07 20.52 -36.89
C ARG A 369 -19.15 19.72 -35.99
N ILE A 370 -18.49 18.71 -36.56
CA ILE A 370 -17.60 17.83 -35.80
C ILE A 370 -16.17 18.02 -36.31
N LYS A 371 -15.25 18.25 -35.39
CA LYS A 371 -13.83 18.42 -35.69
C LYS A 371 -13.06 17.56 -34.70
N GLN A 372 -11.84 17.18 -35.09
CA GLN A 372 -11.04 16.34 -34.21
C GLN A 372 -9.84 17.05 -33.59
N ILE A 373 -9.11 17.88 -34.33
CA ILE A 373 -7.97 18.57 -33.75
C ILE A 373 -8.47 19.73 -32.89
N ILE A 374 -7.94 19.84 -31.68
CA ILE A 374 -8.35 20.88 -30.75
C ILE A 374 -7.23 21.08 -29.74
N ASN A 375 -7.08 22.31 -29.26
CA ASN A 375 -6.09 22.70 -28.26
C ASN A 375 -6.85 23.18 -27.02
N MET A 376 -7.19 22.22 -26.15
CA MET A 376 -7.93 22.52 -24.94
C MET A 376 -7.08 23.35 -23.99
N TRP A 377 -7.76 24.16 -23.17
CA TRP A 377 -7.21 25.10 -22.20
C TRP A 377 -6.44 26.24 -22.86
N GLN A 378 -6.77 26.54 -24.13
CA GLN A 378 -6.14 27.62 -24.92
C GLN A 378 -4.63 27.43 -24.99
N GLU A 379 -4.21 26.21 -25.30
CA GLU A 379 -2.80 25.83 -25.40
C GLU A 379 -2.23 26.12 -26.78
N VAL A 380 -1.13 26.84 -26.83
CA VAL A 380 -0.45 27.13 -28.09
C VAL A 380 0.79 26.25 -28.13
N GLY A 381 1.00 25.57 -29.27
CA GLY A 381 2.13 24.68 -29.43
C GLY A 381 1.84 23.22 -29.14
N ARG A 382 0.70 22.91 -28.52
CA ARG A 382 0.31 21.55 -28.20
C ARG A 382 -1.17 21.38 -28.46
N ALA A 383 -1.54 20.23 -29.02
CA ALA A 383 -2.93 19.94 -29.33
C ALA A 383 -3.15 18.43 -29.31
N MET A 384 -4.43 18.05 -29.22
CA MET A 384 -4.82 16.64 -29.18
C MET A 384 -5.52 16.27 -30.49
N TYR A 385 -5.14 15.12 -31.04
CA TYR A 385 -5.74 14.66 -32.29
C TYR A 385 -7.20 14.25 -32.11
N ALA A 386 -7.53 13.61 -30.98
CA ALA A 386 -8.86 13.15 -30.58
C ALA A 386 -9.53 12.29 -31.66
N PRO A 387 -9.13 11.02 -31.83
CA PRO A 387 -9.76 10.18 -32.85
C PRO A 387 -11.20 9.89 -32.51
N PRO A 388 -12.06 9.71 -33.50
CA PRO A 388 -13.48 9.41 -33.26
C PRO A 388 -13.69 7.94 -32.93
N ILE A 389 -14.95 7.58 -32.79
CA ILE A 389 -15.35 6.21 -32.48
C ILE A 389 -16.31 5.72 -33.55
N ALA A 390 -16.37 4.40 -33.72
CA ALA A 390 -17.24 3.80 -34.71
C ALA A 390 -18.68 3.76 -34.21
N GLY A 391 -19.62 3.87 -35.14
CA GLY A 391 -21.03 3.86 -34.82
C GLY A 391 -21.53 5.21 -34.35
N ASN A 392 -22.85 5.31 -34.25
CA ASN A 392 -23.48 6.55 -33.82
C ASN A 392 -23.47 6.64 -32.29
N ILE A 393 -23.31 7.85 -31.78
CA ILE A 393 -23.26 8.10 -30.35
C ILE A 393 -24.44 8.98 -29.96
N THR A 394 -25.10 8.63 -28.86
CA THR A 394 -26.26 9.38 -28.37
C THR A 394 -26.18 9.39 -26.84
N CYS A 395 -25.72 10.50 -26.28
CA CYS A 395 -25.59 10.66 -24.84
C CYS A 395 -26.82 11.36 -24.28
N LYS A 396 -26.97 11.28 -22.96
CA LYS A 396 -28.09 11.89 -22.26
C LYS A 396 -27.54 12.86 -21.23
N SER A 397 -27.87 14.15 -21.38
CA SER A 397 -27.38 15.16 -20.45
C SER A 397 -28.50 16.07 -19.97
N ASN A 398 -28.14 17.13 -19.25
CA ASN A 398 -29.11 18.09 -18.71
C ASN A 398 -28.48 19.48 -18.74
N ILE A 399 -29.22 20.47 -18.25
CA ILE A 399 -28.75 21.85 -18.17
C ILE A 399 -28.99 22.35 -16.76
N THR A 400 -27.93 22.81 -16.11
CA THR A 400 -28.03 23.32 -14.75
C THR A 400 -27.64 24.79 -14.63
N GLY A 401 -27.35 25.47 -15.74
CA GLY A 401 -26.98 26.86 -15.68
C GLY A 401 -26.83 27.48 -17.05
N LEU A 402 -26.37 28.72 -17.05
CA LEU A 402 -26.16 29.49 -18.28
C LEU A 402 -25.15 30.59 -18.00
N LEU A 403 -24.27 30.84 -18.97
CA LEU A 403 -23.24 31.87 -18.87
C LEU A 403 -23.67 33.11 -19.64
N LEU A 404 -23.46 34.28 -19.04
CA LEU A 404 -23.83 35.55 -19.66
C LEU A 404 -22.66 36.52 -19.64
N THR A 405 -22.58 37.35 -20.67
CA THR A 405 -21.53 38.36 -20.79
C THR A 405 -22.20 39.69 -21.11
N ARG A 406 -22.03 40.68 -20.23
CA ARG A 406 -22.63 41.98 -20.44
C ARG A 406 -21.92 42.72 -21.57
N ASP A 407 -22.69 43.41 -22.39
CA ASP A 407 -22.17 44.18 -23.52
C ASP A 407 -22.14 45.67 -23.16
N GLY A 408 -21.02 46.31 -23.46
CA GLY A 408 -20.86 47.72 -23.17
C GLY A 408 -21.61 48.60 -24.15
N GLY A 409 -21.65 49.89 -23.81
CA GLY A 409 -22.33 50.88 -24.64
C GLY A 409 -23.81 50.98 -24.35
N GLU A 416 -29.90 45.41 -20.72
CA GLU A 416 -29.06 45.60 -21.90
C GLU A 416 -29.01 44.32 -22.75
N THR A 417 -28.10 44.31 -23.72
CA THR A 417 -27.95 43.17 -24.62
C THR A 417 -27.01 42.15 -23.96
N PHE A 418 -27.59 41.27 -23.15
CA PHE A 418 -26.83 40.24 -22.45
C PHE A 418 -26.59 39.08 -23.41
N ARG A 419 -25.39 39.03 -23.97
CA ARG A 419 -24.97 38.01 -24.92
C ARG A 419 -24.17 36.91 -24.23
N PRO A 420 -24.24 35.67 -24.71
CA PRO A 420 -23.47 34.60 -24.09
C PRO A 420 -22.05 34.54 -24.64
N GLY A 421 -21.18 33.87 -23.88
CA GLY A 421 -19.79 33.75 -24.30
C GLY A 421 -18.82 33.54 -23.16
N GLY A 422 -17.78 34.37 -23.11
CA GLY A 422 -16.77 34.26 -22.08
C GLY A 422 -15.59 33.40 -22.50
N GLY A 423 -15.85 32.12 -22.73
CA GLY A 423 -14.79 31.22 -23.13
C GLY A 423 -13.84 30.79 -22.02
N ASP A 424 -14.15 31.12 -20.78
CA ASP A 424 -13.32 30.77 -19.64
C ASP A 424 -14.00 29.66 -18.86
N MET A 425 -13.25 28.60 -18.56
CA MET A 425 -13.79 27.47 -17.83
C MET A 425 -13.83 27.69 -16.33
N ARG A 426 -13.17 28.74 -15.81
CA ARG A 426 -13.15 29.02 -14.38
C ARG A 426 -14.56 29.17 -13.81
N ASP A 427 -15.45 29.83 -14.56
CA ASP A 427 -16.83 29.95 -14.11
C ASP A 427 -17.54 28.61 -14.12
N ASN A 428 -17.22 27.76 -15.11
CA ASN A 428 -17.82 26.43 -15.19
C ASN A 428 -17.45 25.60 -13.98
N TRP A 429 -16.20 25.68 -13.52
CA TRP A 429 -15.88 24.91 -12.32
C TRP A 429 -16.36 25.61 -11.05
N ARG A 430 -16.47 26.95 -11.08
CA ARG A 430 -16.92 27.72 -9.93
C ARG A 430 -18.42 27.65 -9.71
N SER A 431 -19.18 27.10 -10.67
CA SER A 431 -20.63 27.01 -10.54
C SER A 431 -21.07 26.11 -9.39
N GLU A 432 -20.24 25.16 -8.96
CA GLU A 432 -20.60 24.26 -7.88
C GLU A 432 -19.69 24.37 -6.66
N LEU A 433 -18.61 25.15 -6.73
CA LEU A 433 -17.69 25.32 -5.61
C LEU A 433 -18.00 26.58 -4.80
N TYR A 434 -19.14 27.21 -5.05
CA TYR A 434 -19.51 28.41 -4.32
C TYR A 434 -19.87 28.12 -2.88
N LYS A 435 -20.37 26.91 -2.59
CA LYS A 435 -20.77 26.51 -1.25
C LYS A 435 -19.64 25.86 -0.47
N TYR A 436 -18.39 26.06 -0.87
CA TYR A 436 -17.25 25.48 -0.20
C TYR A 436 -16.17 26.53 0.01
N LYS A 437 -15.41 26.37 1.10
CA LYS A 437 -14.32 27.30 1.41
C LYS A 437 -13.34 26.61 2.35
N VAL A 438 -12.08 26.49 1.93
CA VAL A 438 -11.08 25.88 2.79
C VAL A 438 -10.71 26.85 3.90
N VAL A 439 -10.34 26.29 5.05
CA VAL A 439 -10.00 27.10 6.22
C VAL A 439 -9.04 26.29 7.09
N GLU A 440 -8.21 27.01 7.85
CA GLU A 440 -7.25 26.40 8.76
C GLU A 440 -7.71 26.60 10.19
N ILE A 441 -7.60 25.55 11.00
CA ILE A 441 -8.03 25.59 12.40
C ILE A 441 -6.80 25.62 13.30
N LYS A 442 -6.82 26.52 14.28
CA LYS A 442 -5.74 26.68 15.25
C LYS A 442 -6.40 26.63 16.63
N PRO A 443 -6.49 25.45 17.25
CA PRO A 443 -7.14 25.35 18.56
C PRO A 443 -6.32 25.84 19.75
N LEU A 444 -5.24 26.58 19.50
CA LEU A 444 -4.38 27.09 20.57
C LEU A 444 -4.81 28.51 20.94
N GLY A 445 -6.01 28.60 21.51
CA GLY A 445 -6.54 29.89 21.91
C GLY A 445 -6.00 30.38 23.24
N ILE A 446 -6.16 31.68 23.46
CA ILE A 446 -5.69 32.34 24.69
C ILE A 446 -6.89 33.03 25.33
N ALA A 447 -7.09 32.78 26.63
CA ALA A 447 -8.18 33.38 27.39
C ALA A 447 -7.67 33.79 28.76
N PRO A 448 -8.11 34.92 29.29
CA PRO A 448 -7.65 35.35 30.61
C PRO A 448 -8.51 34.85 31.77
N THR A 449 -7.82 34.51 32.85
CA THR A 449 -8.47 34.01 34.06
C THR A 449 -7.54 34.25 35.23
N LYS A 450 -8.06 34.02 36.44
CA LYS A 450 -7.30 34.20 37.68
C LYS A 450 -6.74 32.84 38.09
N CYS A 451 -5.53 32.55 37.64
CA CYS A 451 -4.85 31.30 37.94
C CYS A 451 -3.41 31.59 38.36
N LYS A 452 -2.86 30.74 39.22
CA LYS A 452 -1.50 30.92 39.70
C LYS A 452 -0.47 30.62 38.61
N LEU B 2 -2.09 3.32 50.63
CA LEU B 2 -2.17 4.61 51.28
C LEU B 2 -2.75 5.67 50.34
N TRP B 3 -2.24 5.70 49.11
CA TRP B 3 -2.68 6.64 48.10
C TRP B 3 -2.82 5.89 46.77
N VAL B 4 -3.78 6.32 45.95
CA VAL B 4 -4.06 5.68 44.66
C VAL B 4 -2.85 5.82 43.72
N THR B 5 -2.65 4.82 42.87
CA THR B 5 -1.57 4.85 41.88
C THR B 5 -2.08 4.28 40.56
N VAL B 6 -1.56 4.80 39.46
CA VAL B 6 -1.92 4.33 38.12
C VAL B 6 -0.64 3.86 37.44
N TYR B 7 -0.78 2.82 36.62
CA TYR B 7 0.37 2.25 35.92
C TYR B 7 0.00 1.96 34.47
N TYR B 8 1.02 1.95 33.62
CA TYR B 8 0.86 1.66 32.21
C TYR B 8 1.63 0.39 31.87
N GLY B 9 1.07 -0.39 30.95
CA GLY B 9 1.71 -1.64 30.56
C GLY B 9 1.36 -2.82 31.44
N VAL B 10 0.27 -2.73 32.19
CA VAL B 10 -0.15 -3.82 33.07
C VAL B 10 -0.70 -4.96 32.22
N PRO B 11 -0.18 -6.17 32.36
CA PRO B 11 -0.67 -7.31 31.54
C PRO B 11 -2.00 -7.88 32.05
N VAL B 12 -3.08 -7.18 31.71
CA VAL B 12 -4.42 -7.59 32.11
C VAL B 12 -5.30 -7.56 30.86
N TRP B 13 -6.35 -8.39 30.88
CA TRP B 13 -7.27 -8.49 29.76
C TRP B 13 -8.71 -8.55 30.26
N LYS B 14 -9.62 -8.07 29.41
CA LYS B 14 -11.06 -8.03 29.70
C LYS B 14 -11.81 -8.43 28.44
N GLU B 15 -12.83 -9.26 28.60
CA GLU B 15 -13.62 -9.74 27.47
C GLU B 15 -14.40 -8.60 26.83
N ALA B 16 -14.40 -8.59 25.49
CA ALA B 16 -15.10 -7.57 24.72
C ALA B 16 -15.46 -8.16 23.36
N LYS B 17 -16.22 -7.41 22.58
CA LYS B 17 -16.65 -7.83 21.26
C LYS B 17 -15.83 -7.11 20.19
N THR B 18 -15.31 -7.87 19.24
CA THR B 18 -14.50 -7.32 18.17
C THR B 18 -14.56 -8.26 16.97
N THR B 19 -14.09 -7.77 15.83
CA THR B 19 -14.07 -8.54 14.60
C THR B 19 -12.63 -8.88 14.22
N LEU B 20 -12.50 -9.90 13.39
CA LEU B 20 -11.20 -10.38 12.91
C LEU B 20 -11.12 -10.23 11.40
N PHE B 21 -10.02 -9.65 10.93
CA PHE B 21 -9.83 -9.47 9.50
C PHE B 21 -9.38 -10.78 8.85
N CYS B 22 -9.37 -10.78 7.53
CA CYS B 22 -8.98 -11.97 6.77
C CYS B 22 -7.49 -12.25 6.90
N ALA B 23 -7.15 -13.54 6.81
CA ALA B 23 -5.78 -13.99 6.89
C ALA B 23 -5.69 -15.34 6.19
N SER B 24 -4.72 -15.49 5.29
CA SER B 24 -4.56 -16.73 4.55
C SER B 24 -3.10 -16.88 4.15
N ASP B 25 -2.75 -18.11 3.74
CA ASP B 25 -1.39 -18.42 3.32
C ASP B 25 -1.17 -17.93 1.88
N ALA B 26 -0.02 -18.27 1.31
CA ALA B 26 0.30 -17.84 -0.04
C ALA B 26 -0.53 -18.63 -1.05
N LYS B 27 -1.19 -17.90 -1.95
CA LYS B 27 -2.02 -18.50 -2.99
C LYS B 27 -1.80 -17.77 -4.30
N ALA B 28 -1.69 -18.56 -5.38
CA ALA B 28 -1.47 -18.09 -6.75
C ALA B 28 -0.25 -17.17 -6.88
N TRP B 37 -14.01 -19.66 0.81
CA TRP B 37 -13.76 -20.72 -0.16
C TRP B 37 -13.34 -20.14 -1.51
N ALA B 38 -14.19 -19.26 -2.06
CA ALA B 38 -13.89 -18.65 -3.34
C ALA B 38 -12.77 -17.64 -3.25
N THR B 39 -12.50 -17.12 -2.06
CA THR B 39 -11.44 -16.13 -1.72
C THR B 39 -11.70 -14.87 -2.56
N HIS B 40 -10.66 -14.29 -3.16
CA HIS B 40 -10.67 -13.08 -4.00
C HIS B 40 -11.18 -11.83 -3.28
N ALA B 41 -11.30 -11.88 -1.94
CA ALA B 41 -11.77 -10.74 -1.16
C ALA B 41 -11.00 -10.58 0.13
N CYS B 42 -10.05 -11.46 0.43
CA CYS B 42 -9.25 -11.40 1.63
C CYS B 42 -7.80 -11.15 1.29
N VAL B 43 -7.01 -10.83 2.32
CA VAL B 43 -5.59 -10.55 2.16
C VAL B 43 -4.76 -11.75 2.61
N PRO B 44 -3.74 -12.15 1.82
CA PRO B 44 -2.92 -13.30 2.23
C PRO B 44 -1.74 -12.89 3.13
N THR B 45 -1.73 -13.38 4.36
CA THR B 45 -0.67 -13.08 5.31
C THR B 45 -0.19 -14.36 5.96
N ASP B 46 1.08 -14.70 5.76
CA ASP B 46 1.68 -15.91 6.31
C ASP B 46 2.95 -15.55 7.07
N PRO B 47 2.83 -15.01 8.29
CA PRO B 47 4.02 -14.63 9.05
C PRO B 47 4.55 -15.78 9.90
N ASN B 48 5.60 -15.50 10.67
CA ASN B 48 6.19 -16.53 11.53
C ASN B 48 5.26 -16.79 12.71
N PRO B 49 5.24 -18.03 13.24
CA PRO B 49 4.36 -18.33 14.38
C PRO B 49 4.86 -17.69 15.68
N GLN B 50 4.16 -16.64 16.12
CA GLN B 50 4.51 -15.94 17.35
C GLN B 50 3.69 -16.52 18.49
N GLU B 51 4.36 -16.96 19.55
CA GLU B 51 3.68 -17.56 20.69
C GLU B 51 4.40 -17.26 22.00
N MET B 52 3.70 -16.62 22.93
CA MET B 52 4.23 -16.29 24.25
C MET B 52 3.52 -17.17 25.26
N VAL B 53 4.28 -17.92 26.05
CA VAL B 53 3.72 -18.81 27.06
C VAL B 53 3.32 -17.97 28.27
N LEU B 54 2.07 -18.08 28.67
CA LEU B 54 1.52 -17.34 29.82
C LEU B 54 1.38 -18.31 30.98
N GLU B 55 2.47 -18.50 31.72
CA GLU B 55 2.46 -19.41 32.86
C GLU B 55 1.72 -18.76 34.04
N ASN B 56 1.23 -19.64 34.94
CA ASN B 56 0.50 -19.26 36.16
C ASN B 56 -0.76 -18.43 35.83
N VAL B 57 -1.43 -18.78 34.74
CA VAL B 57 -2.63 -18.09 34.30
C VAL B 57 -3.79 -19.08 34.29
N THR B 58 -4.85 -18.75 35.01
CA THR B 58 -6.05 -19.58 35.10
C THR B 58 -7.23 -18.76 34.60
N GLU B 59 -7.53 -18.89 33.31
CA GLU B 59 -8.64 -18.16 32.69
C GLU B 59 -9.66 -19.16 32.17
N ASN B 60 -10.92 -18.95 32.53
CA ASN B 60 -12.00 -19.84 32.09
C ASN B 60 -12.32 -19.63 30.61
N PHE B 61 -12.90 -20.66 30.00
CA PHE B 61 -13.28 -20.62 28.59
C PHE B 61 -14.72 -21.07 28.43
N ASN B 62 -15.41 -20.44 27.47
CA ASN B 62 -16.81 -20.75 27.17
C ASN B 62 -16.96 -20.69 25.65
N MET B 63 -16.78 -21.84 25.00
CA MET B 63 -16.89 -21.89 23.55
C MET B 63 -18.34 -21.86 23.07
N TRP B 64 -19.30 -22.17 23.95
CA TRP B 64 -20.70 -22.14 23.56
C TRP B 64 -21.27 -20.73 23.50
N LYS B 65 -20.63 -19.76 24.14
CA LYS B 65 -21.10 -18.37 24.16
C LYS B 65 -20.06 -17.42 23.59
N ASN B 66 -19.37 -17.82 22.52
CA ASN B 66 -18.35 -16.98 21.91
C ASN B 66 -18.90 -16.26 20.69
N ASP B 67 -18.68 -14.95 20.64
CA ASP B 67 -19.12 -14.13 19.52
C ASP B 67 -18.24 -14.29 18.29
N MET B 68 -17.08 -14.93 18.46
CA MET B 68 -16.15 -15.15 17.35
C MET B 68 -16.76 -16.05 16.29
N VAL B 69 -17.46 -17.10 16.72
CA VAL B 69 -18.10 -18.02 15.78
C VAL B 69 -19.22 -17.31 15.03
N ASP B 70 -19.97 -16.45 15.73
CA ASP B 70 -21.07 -15.71 15.11
C ASP B 70 -20.54 -14.71 14.09
N GLN B 71 -19.47 -13.98 14.42
CA GLN B 71 -18.94 -13.01 13.46
C GLN B 71 -18.25 -13.71 12.29
N MET B 72 -17.66 -14.90 12.52
CA MET B 72 -17.02 -15.61 11.42
C MET B 72 -18.09 -16.16 10.48
N HIS B 73 -19.23 -16.61 11.05
CA HIS B 73 -20.33 -17.09 10.23
C HIS B 73 -20.94 -15.96 9.43
N GLU B 74 -21.02 -14.77 10.05
CA GLU B 74 -21.53 -13.59 9.36
C GLU B 74 -20.60 -13.20 8.21
N ASP B 75 -19.29 -13.29 8.45
CA ASP B 75 -18.31 -12.94 7.42
C ASP B 75 -18.35 -13.92 6.25
N ILE B 76 -18.45 -15.22 6.54
CA ILE B 76 -18.49 -16.20 5.45
C ILE B 76 -19.80 -16.10 4.68
N ILE B 77 -20.92 -15.81 5.36
CA ILE B 77 -22.17 -15.68 4.63
C ILE B 77 -22.18 -14.38 3.84
N SER B 78 -21.48 -13.34 4.32
CA SER B 78 -21.41 -12.09 3.57
C SER B 78 -20.55 -12.27 2.33
N LEU B 79 -19.47 -13.04 2.45
CA LEU B 79 -18.61 -13.31 1.30
C LEU B 79 -19.36 -14.15 0.27
N TRP B 80 -20.16 -15.11 0.74
CA TRP B 80 -20.95 -15.94 -0.16
C TRP B 80 -22.01 -15.11 -0.88
N ASP B 81 -22.64 -14.17 -0.15
CA ASP B 81 -23.64 -13.30 -0.76
C ASP B 81 -23.01 -12.37 -1.78
N GLN B 82 -21.81 -11.86 -1.48
CA GLN B 82 -21.11 -10.96 -2.40
C GLN B 82 -20.68 -11.71 -3.66
N SER B 83 -20.26 -12.97 -3.52
CA SER B 83 -19.86 -13.76 -4.66
C SER B 83 -21.05 -14.38 -5.39
N LEU B 84 -22.25 -14.29 -4.82
CA LEU B 84 -23.44 -14.85 -5.43
C LEU B 84 -24.19 -13.84 -6.30
N LYS B 85 -24.08 -12.55 -6.00
CA LYS B 85 -24.78 -11.55 -6.81
C LYS B 85 -24.31 -11.37 -8.27
N PRO B 86 -23.03 -11.57 -8.67
CA PRO B 86 -22.72 -11.38 -10.11
C PRO B 86 -23.26 -12.47 -11.02
N CYS B 87 -23.72 -13.60 -10.48
CA CYS B 87 -24.24 -14.68 -11.29
C CYS B 87 -25.63 -14.34 -11.83
N VAL B 88 -26.08 -15.13 -12.80
CA VAL B 88 -27.37 -14.94 -13.42
C VAL B 88 -28.44 -15.70 -12.64
N LYS B 89 -29.67 -15.19 -12.67
CA LYS B 89 -30.80 -15.78 -11.98
C LYS B 89 -31.52 -16.79 -12.87
N LEU B 90 -32.37 -17.60 -12.26
CA LEU B 90 -33.15 -18.62 -12.95
C LEU B 90 -34.63 -18.50 -12.64
N THR B 91 -35.10 -17.27 -12.45
CA THR B 91 -36.52 -17.06 -12.15
C THR B 91 -37.55 -17.34 -13.27
N PRO B 92 -37.28 -17.18 -14.62
CA PRO B 92 -38.37 -17.48 -15.56
C PRO B 92 -38.38 -18.92 -16.04
N LEU B 93 -37.71 -19.82 -15.32
CA LEU B 93 -37.63 -21.23 -15.71
C LEU B 93 -38.76 -22.09 -15.13
N CYS B 94 -39.94 -21.51 -14.87
CA CYS B 94 -41.06 -22.30 -14.35
C CYS B 94 -41.94 -22.85 -15.48
N VAL B 95 -41.36 -23.15 -16.63
CA VAL B 95 -42.11 -23.70 -17.74
C VAL B 95 -42.47 -25.14 -17.42
N THR B 96 -43.66 -25.57 -17.85
CA THR B 96 -44.13 -26.93 -17.61
C THR B 96 -43.24 -27.96 -18.30
N LEU B 97 -42.49 -28.72 -17.50
CA LEU B 97 -41.58 -29.73 -18.02
C LEU B 97 -42.34 -30.98 -18.44
N ASN B 98 -41.68 -31.78 -19.27
CA ASN B 98 -42.20 -33.06 -19.79
C ASN B 98 -41.11 -34.07 -19.49
N CYS B 99 -41.14 -34.62 -18.27
CA CYS B 99 -40.15 -35.59 -17.84
C CYS B 99 -40.59 -37.02 -18.15
N THR B 100 -39.73 -37.76 -18.84
CA THR B 100 -39.99 -39.14 -19.22
C THR B 100 -38.93 -40.04 -18.58
N ASN B 101 -39.32 -41.27 -18.28
CA ASN B 101 -38.40 -42.22 -17.67
C ASN B 101 -37.34 -42.66 -18.66
N VAL B 102 -36.18 -43.05 -18.13
CA VAL B 102 -35.04 -43.50 -18.93
C VAL B 102 -34.73 -44.95 -18.56
N ASN B 103 -34.02 -45.63 -19.45
CA ASN B 103 -33.64 -47.02 -19.22
C ASN B 103 -32.13 -47.19 -19.19
N ASN B 110 -27.93 -52.55 -11.60
CA ASN B 110 -29.02 -52.08 -12.45
C ASN B 110 -30.25 -51.74 -11.60
N ASN B 111 -30.07 -50.83 -10.67
CA ASN B 111 -31.12 -50.39 -9.77
C ASN B 111 -31.32 -48.88 -9.90
N MET B 112 -32.29 -48.37 -9.12
CA MET B 112 -32.72 -46.96 -9.02
C MET B 112 -32.80 -46.27 -10.39
N LYS B 113 -33.41 -46.97 -11.34
CA LYS B 113 -33.57 -46.47 -12.70
C LYS B 113 -34.70 -45.45 -12.83
N GLU B 114 -35.51 -45.28 -11.78
CA GLU B 114 -36.62 -44.33 -11.80
C GLU B 114 -36.26 -42.99 -11.18
N GLU B 115 -35.02 -42.81 -10.71
CA GLU B 115 -34.60 -41.57 -10.10
C GLU B 115 -34.11 -40.55 -11.13
N MET B 116 -34.01 -40.92 -12.40
CA MET B 116 -33.55 -40.02 -13.44
C MET B 116 -34.65 -39.87 -14.48
N LYS B 117 -34.90 -38.63 -14.89
CA LYS B 117 -35.94 -38.35 -15.88
C LYS B 117 -35.45 -37.35 -16.91
N ASN B 118 -35.93 -37.51 -18.14
CA ASN B 118 -35.57 -36.65 -19.27
C ASN B 118 -36.65 -35.59 -19.43
N CYS B 119 -36.42 -34.40 -18.88
CA CYS B 119 -37.36 -33.31 -18.95
C CYS B 119 -37.03 -32.36 -20.11
N SER B 120 -38.06 -31.72 -20.64
CA SER B 120 -37.93 -30.77 -21.74
C SER B 120 -38.65 -29.49 -21.40
N PHE B 121 -38.08 -28.37 -21.84
CA PHE B 121 -38.65 -27.05 -21.57
C PHE B 121 -38.76 -26.27 -22.87
N ASN B 122 -39.69 -25.29 -22.87
CA ASN B 122 -39.91 -24.47 -24.05
C ASN B 122 -38.80 -23.45 -24.25
N THR B 123 -38.48 -22.68 -23.19
CA THR B 123 -37.48 -21.61 -23.07
C THR B 123 -37.42 -20.63 -24.24
N THR B 124 -38.55 -20.45 -24.92
CA THR B 124 -38.73 -19.56 -26.08
C THR B 124 -37.72 -19.82 -27.20
N LYS B 133 -38.53 -26.81 -26.24
CA LYS B 133 -37.75 -26.89 -27.46
C LYS B 133 -36.47 -27.70 -27.22
N GLU B 134 -35.85 -27.48 -26.06
CA GLU B 134 -34.64 -28.17 -25.67
C GLU B 134 -34.97 -29.18 -24.56
N TYR B 135 -33.95 -29.91 -24.12
CA TYR B 135 -34.15 -30.90 -23.07
C TYR B 135 -32.85 -31.09 -22.30
N ALA B 136 -33.00 -31.64 -21.09
CA ALA B 136 -31.88 -31.92 -20.20
C ALA B 136 -32.33 -33.00 -19.20
N LEU B 137 -31.36 -33.72 -18.65
CA LEU B 137 -31.68 -34.77 -17.70
C LEU B 137 -31.71 -34.20 -16.28
N PHE B 138 -32.84 -34.43 -15.60
CA PHE B 138 -33.05 -33.94 -14.25
C PHE B 138 -33.21 -35.13 -13.31
N TYR B 139 -33.19 -34.82 -12.01
CA TYR B 139 -33.34 -35.82 -10.97
C TYR B 139 -34.81 -35.89 -10.55
N ARG B 140 -35.25 -37.07 -10.12
CA ARG B 140 -36.64 -37.24 -9.71
C ARG B 140 -36.91 -36.49 -8.41
N LEU B 141 -35.99 -36.56 -7.46
CA LEU B 141 -36.16 -35.87 -6.18
C LEU B 141 -35.95 -34.36 -6.31
N ASP B 142 -35.33 -33.89 -7.39
CA ASP B 142 -35.09 -32.48 -7.58
C ASP B 142 -36.30 -31.75 -8.16
N ILE B 143 -37.36 -32.46 -8.52
CA ILE B 143 -38.57 -31.87 -9.08
C ILE B 143 -39.76 -32.32 -8.24
N VAL B 144 -40.78 -31.48 -8.19
CA VAL B 144 -41.99 -31.78 -7.43
C VAL B 144 -42.81 -32.80 -8.21
N PRO B 145 -43.38 -33.81 -7.54
CA PRO B 145 -44.20 -34.80 -8.29
C PRO B 145 -45.61 -34.26 -8.55
N LEU B 146 -45.70 -33.35 -9.51
CA LEU B 146 -46.96 -32.73 -9.89
C LEU B 146 -47.81 -33.73 -10.67
N ASN B 147 -48.73 -34.38 -9.97
CA ASN B 147 -49.61 -35.37 -10.59
C ASN B 147 -50.95 -34.75 -10.96
N SER B 151 -45.44 -37.63 -17.25
CA SER B 151 -46.47 -36.62 -17.24
C SER B 151 -45.87 -35.23 -17.09
N GLU B 152 -46.74 -34.24 -16.86
CA GLU B 152 -46.27 -32.86 -16.70
C GLU B 152 -45.60 -32.69 -15.34
N TYR B 153 -44.54 -31.89 -15.32
CA TYR B 153 -43.80 -31.64 -14.10
C TYR B 153 -43.26 -30.21 -14.11
N ARG B 154 -42.82 -29.75 -12.94
CA ARG B 154 -42.26 -28.42 -12.77
C ARG B 154 -41.03 -28.54 -11.89
N LEU B 155 -40.41 -27.40 -11.60
CA LEU B 155 -39.23 -27.39 -10.75
C LEU B 155 -39.66 -27.55 -9.29
N ILE B 156 -38.68 -27.66 -8.38
CA ILE B 156 -39.02 -27.82 -6.97
C ILE B 156 -39.58 -26.52 -6.39
N ASN B 157 -38.97 -25.37 -6.72
CA ASN B 157 -39.45 -24.08 -6.22
C ASN B 157 -39.08 -23.01 -7.25
N CYS B 158 -40.04 -22.64 -8.09
CA CYS B 158 -39.81 -21.60 -9.10
C CYS B 158 -40.33 -20.26 -8.58
N ASN B 159 -41.61 -20.20 -8.23
CA ASN B 159 -42.18 -18.97 -7.70
C ASN B 159 -42.11 -19.01 -6.18
N THR B 160 -42.04 -17.83 -5.57
CA THR B 160 -41.91 -17.54 -4.14
C THR B 160 -40.57 -18.02 -3.57
N SER B 161 -39.66 -18.52 -4.41
CA SER B 161 -38.35 -18.99 -3.98
C SER B 161 -37.47 -18.96 -5.23
N THR B 162 -36.58 -17.97 -5.30
CA THR B 162 -35.70 -17.83 -6.45
C THR B 162 -34.58 -18.85 -6.42
N ILE B 163 -33.99 -19.07 -7.60
CA ILE B 163 -32.88 -20.00 -7.79
C ILE B 163 -31.74 -19.22 -8.42
N THR B 164 -30.60 -19.18 -7.74
CA THR B 164 -29.42 -18.46 -8.22
C THR B 164 -28.28 -19.46 -8.38
N GLN B 165 -27.88 -19.72 -9.62
CA GLN B 165 -26.79 -20.65 -9.89
C GLN B 165 -25.46 -20.03 -9.46
N ILE B 166 -24.47 -20.89 -9.31
CA ILE B 166 -23.13 -20.46 -8.92
C ILE B 166 -22.30 -20.24 -10.17
N CYS B 167 -21.52 -19.18 -10.17
CA CYS B 167 -20.68 -18.85 -11.33
C CYS B 167 -19.56 -19.88 -11.45
N PRO B 168 -19.34 -20.46 -12.64
CA PRO B 168 -18.28 -21.46 -12.80
C PRO B 168 -16.88 -20.88 -12.92
N LYS B 169 -16.72 -19.56 -12.89
CA LYS B 169 -15.39 -18.96 -12.99
C LYS B 169 -14.58 -19.15 -11.70
N VAL B 170 -15.23 -19.44 -10.58
CA VAL B 170 -14.56 -19.65 -9.31
C VAL B 170 -15.00 -20.98 -8.74
N SER B 171 -14.18 -21.54 -7.85
CA SER B 171 -14.44 -22.82 -7.22
C SER B 171 -14.60 -22.60 -5.71
N PHE B 172 -15.69 -23.14 -5.16
CA PHE B 172 -15.96 -23.02 -3.73
C PHE B 172 -15.40 -24.20 -2.94
N ASP B 173 -14.13 -24.50 -3.21
CA ASP B 173 -13.38 -25.58 -2.59
C ASP B 173 -12.83 -25.11 -1.23
N PRO B 174 -12.67 -26.04 -0.28
CA PRO B 174 -12.12 -25.66 1.03
C PRO B 174 -10.65 -25.26 0.92
N ILE B 175 -10.33 -24.09 1.47
CA ILE B 175 -8.97 -23.56 1.43
C ILE B 175 -8.56 -23.22 2.87
N PRO B 176 -7.38 -23.65 3.32
CA PRO B 176 -6.96 -23.34 4.70
C PRO B 176 -6.64 -21.87 4.86
N ILE B 177 -7.32 -21.22 5.82
CA ILE B 177 -7.14 -19.81 6.10
C ILE B 177 -6.80 -19.64 7.57
N HIS B 178 -6.52 -18.40 7.95
CA HIS B 178 -6.18 -18.04 9.33
C HIS B 178 -7.06 -16.87 9.77
N TYR B 179 -6.86 -16.46 11.02
CA TYR B 179 -7.61 -15.35 11.61
C TYR B 179 -6.70 -14.61 12.57
N CYS B 180 -6.55 -13.31 12.36
CA CYS B 180 -5.70 -12.48 13.21
C CYS B 180 -6.49 -11.31 13.75
N ALA B 181 -6.13 -10.86 14.96
CA ALA B 181 -6.76 -9.75 15.65
C ALA B 181 -5.98 -8.46 15.45
N PRO B 182 -6.66 -7.30 15.44
CA PRO B 182 -5.95 -6.03 15.27
C PRO B 182 -5.25 -5.57 16.55
N ALA B 183 -4.73 -4.35 16.54
CA ALA B 183 -4.05 -3.81 17.70
C ALA B 183 -5.00 -3.66 18.89
N GLY B 184 -4.51 -4.00 20.08
CA GLY B 184 -5.31 -3.94 21.28
C GLY B 184 -6.11 -5.18 21.57
N TYR B 185 -5.99 -6.22 20.74
CA TYR B 185 -6.72 -7.47 20.94
C TYR B 185 -5.76 -8.64 20.76
N ALA B 186 -6.10 -9.75 21.42
CA ALA B 186 -5.28 -10.95 21.36
C ALA B 186 -6.17 -12.16 21.48
N ILE B 187 -5.61 -13.32 21.10
CA ILE B 187 -6.32 -14.60 21.14
C ILE B 187 -5.60 -15.52 22.10
N LEU B 188 -6.34 -16.11 23.04
CA LEU B 188 -5.78 -17.02 24.03
C LEU B 188 -5.95 -18.45 23.51
N LYS B 189 -4.85 -19.20 23.51
CA LYS B 189 -4.84 -20.59 23.04
C LYS B 189 -4.57 -21.53 24.20
N CYS B 190 -5.38 -22.58 24.31
CA CYS B 190 -5.24 -23.57 25.36
C CYS B 190 -4.55 -24.80 24.78
N ASN B 191 -3.40 -25.16 25.34
CA ASN B 191 -2.64 -26.31 24.89
C ASN B 191 -3.00 -27.59 25.63
N ASN B 192 -3.90 -27.52 26.60
CA ASN B 192 -4.31 -28.70 27.36
C ASN B 192 -5.20 -29.56 26.49
N LYS B 193 -4.74 -30.77 26.17
CA LYS B 193 -5.52 -31.68 25.33
C LYS B 193 -6.76 -32.20 26.04
N THR B 194 -6.63 -32.56 27.32
CA THR B 194 -7.77 -33.07 28.09
C THR B 194 -8.50 -31.88 28.69
N PHE B 195 -9.23 -31.17 27.83
CA PHE B 195 -9.98 -29.99 28.23
C PHE B 195 -11.23 -29.89 27.38
N ASN B 196 -12.40 -29.86 28.02
CA ASN B 196 -13.66 -29.77 27.30
C ASN B 196 -13.98 -28.30 27.03
N GLY B 197 -15.22 -28.04 26.59
CA GLY B 197 -15.62 -26.66 26.29
C GLY B 197 -15.68 -25.75 27.50
N THR B 198 -16.27 -26.23 28.59
CA THR B 198 -16.39 -25.45 29.80
C THR B 198 -15.24 -25.74 30.75
N GLY B 199 -15.26 -25.10 31.92
CA GLY B 199 -14.24 -25.28 32.92
C GLY B 199 -13.04 -24.38 32.71
N PRO B 200 -12.18 -24.27 33.72
CA PRO B 200 -11.00 -23.43 33.59
C PRO B 200 -9.92 -24.08 32.74
N CYS B 201 -8.98 -23.24 32.30
CA CYS B 201 -7.85 -23.67 31.48
C CYS B 201 -6.57 -23.38 32.23
N ASN B 202 -5.81 -24.43 32.55
CA ASN B 202 -4.55 -24.25 33.26
C ASN B 202 -3.45 -23.78 32.33
N ASN B 203 -3.12 -24.57 31.31
CA ASN B 203 -2.08 -24.22 30.36
C ASN B 203 -2.73 -23.42 29.24
N VAL B 204 -2.62 -22.10 29.31
CA VAL B 204 -3.16 -21.20 28.30
C VAL B 204 -2.08 -20.20 27.91
N SER B 205 -1.98 -19.92 26.62
CA SER B 205 -0.98 -19.01 26.10
C SER B 205 -1.61 -18.14 25.01
N THR B 206 -1.10 -16.92 24.87
CA THR B 206 -1.62 -16.01 23.87
C THR B 206 -1.03 -16.33 22.49
N VAL B 207 -1.71 -15.83 21.46
CA VAL B 207 -1.29 -16.04 20.08
C VAL B 207 -1.84 -14.88 19.26
N GLN B 208 -1.14 -14.54 18.18
CA GLN B 208 -1.57 -13.44 17.30
C GLN B 208 -2.46 -13.91 16.17
N CYS B 209 -2.19 -15.08 15.60
CA CYS B 209 -2.98 -15.61 14.50
C CYS B 209 -3.27 -17.09 14.73
N THR B 210 -4.39 -17.55 14.19
CA THR B 210 -4.80 -18.93 14.33
C THR B 210 -4.03 -19.81 13.34
N HIS B 211 -4.26 -21.12 13.42
CA HIS B 211 -3.61 -22.07 12.54
C HIS B 211 -4.31 -22.12 11.18
N GLY B 212 -3.83 -22.99 10.31
CA GLY B 212 -4.39 -23.14 8.99
C GLY B 212 -5.66 -23.98 9.00
N ILE B 213 -6.74 -23.40 9.52
CA ILE B 213 -8.01 -24.11 9.59
C ILE B 213 -8.68 -24.16 8.23
N LYS B 214 -9.21 -25.34 7.89
CA LYS B 214 -9.88 -25.55 6.62
C LYS B 214 -11.38 -25.72 6.86
N PRO B 215 -12.21 -24.72 6.53
CA PRO B 215 -13.65 -24.87 6.77
C PRO B 215 -14.29 -25.81 5.76
N VAL B 216 -15.25 -26.59 6.23
CA VAL B 216 -15.94 -27.56 5.40
C VAL B 216 -17.36 -27.74 5.93
N VAL B 217 -18.30 -28.02 5.04
CA VAL B 217 -19.70 -28.21 5.38
C VAL B 217 -19.98 -29.70 5.38
N SER B 218 -20.49 -30.20 6.51
CA SER B 218 -20.80 -31.63 6.63
C SER B 218 -21.96 -31.80 7.59
N THR B 219 -22.72 -32.88 7.38
CA THR B 219 -23.87 -33.23 8.19
C THR B 219 -23.59 -34.59 8.83
N GLN B 220 -23.75 -34.66 10.15
CA GLN B 220 -23.54 -35.81 11.05
C GLN B 220 -22.08 -36.20 11.18
N LEU B 221 -21.17 -35.55 10.46
CA LEU B 221 -19.74 -35.82 10.51
C LEU B 221 -19.01 -34.48 10.48
N LEU B 222 -17.68 -34.52 10.53
CA LEU B 222 -16.89 -33.31 10.52
C LEU B 222 -15.98 -33.17 9.29
N LEU B 223 -15.69 -34.28 8.61
CA LEU B 223 -14.85 -34.36 7.39
C LEU B 223 -13.47 -33.81 7.73
N ASN B 224 -12.91 -32.88 6.96
CA ASN B 224 -11.59 -32.33 7.24
C ASN B 224 -11.63 -31.47 8.50
N GLY B 225 -10.53 -31.49 9.25
CA GLY B 225 -10.46 -30.71 10.47
C GLY B 225 -9.26 -31.10 11.30
N SER B 226 -9.05 -30.32 12.36
CA SER B 226 -7.94 -30.56 13.26
C SER B 226 -8.23 -31.78 14.12
N LEU B 227 -7.18 -32.53 14.43
CA LEU B 227 -7.28 -33.73 15.24
C LEU B 227 -6.88 -33.43 16.69
N ALA B 228 -7.18 -34.38 17.57
CA ALA B 228 -6.88 -34.26 18.99
C ALA B 228 -5.99 -35.40 19.44
N GLU B 229 -5.08 -35.11 20.36
CA GLU B 229 -4.18 -36.12 20.89
C GLU B 229 -4.80 -36.77 22.12
N GLU B 230 -4.02 -37.57 22.83
CA GLU B 230 -4.38 -38.32 24.05
C GLU B 230 -5.55 -39.26 23.73
N GLU B 231 -6.39 -39.53 24.71
CA GLU B 231 -7.54 -40.41 24.53
C GLU B 231 -8.71 -39.63 23.91
N ILE B 232 -9.87 -40.30 23.86
CA ILE B 232 -11.07 -39.68 23.31
C ILE B 232 -11.57 -38.61 24.26
N ILE B 233 -12.16 -37.55 23.71
CA ILE B 233 -12.69 -36.44 24.50
C ILE B 233 -14.10 -36.11 24.02
N ILE B 234 -14.95 -35.72 24.97
CA ILE B 234 -16.34 -35.37 24.70
C ILE B 234 -16.62 -34.02 25.33
N ARG B 235 -17.60 -33.31 24.78
CA ARG B 235 -17.99 -32.01 25.31
C ARG B 235 -19.44 -31.73 24.96
N SER B 236 -20.05 -30.85 25.75
CA SER B 236 -21.44 -30.46 25.58
C SER B 236 -21.67 -29.19 26.39
N GLU B 237 -22.91 -28.70 26.35
CA GLU B 237 -23.24 -27.50 27.10
C GLU B 237 -23.82 -27.83 28.47
N ASN B 238 -24.74 -28.80 28.54
CA ASN B 238 -25.36 -29.16 29.80
C ASN B 238 -25.31 -30.67 30.06
N LEU B 239 -25.32 -31.46 28.99
CA LEU B 239 -25.29 -32.94 28.96
C LEU B 239 -26.56 -33.56 29.55
N THR B 240 -27.55 -32.77 29.94
CA THR B 240 -28.79 -33.27 30.52
C THR B 240 -29.99 -33.08 29.58
N ASP B 241 -30.11 -31.90 28.99
CA ASP B 241 -31.22 -31.63 28.08
C ASP B 241 -31.00 -32.37 26.76
N ASN B 242 -32.07 -33.01 26.27
CA ASN B 242 -31.98 -33.74 25.02
C ASN B 242 -31.90 -32.84 23.79
N ALA B 243 -32.31 -31.57 23.90
CA ALA B 243 -32.26 -30.67 22.76
C ALA B 243 -30.84 -30.21 22.46
N LYS B 244 -29.97 -30.19 23.46
CA LYS B 244 -28.59 -29.76 23.27
C LYS B 244 -27.80 -30.83 22.51
N THR B 245 -26.93 -30.37 21.61
CA THR B 245 -26.12 -31.27 20.81
C THR B 245 -24.82 -31.62 21.53
N ILE B 246 -24.33 -32.83 21.28
CA ILE B 246 -23.11 -33.35 21.86
C ILE B 246 -22.16 -33.68 20.72
N ILE B 247 -20.94 -33.13 20.77
CA ILE B 247 -19.95 -33.37 19.73
C ILE B 247 -18.75 -34.08 20.34
N VAL B 248 -18.22 -35.06 19.62
CA VAL B 248 -17.08 -35.87 20.05
C VAL B 248 -15.96 -35.66 19.03
N HIS B 249 -14.75 -35.38 19.53
CA HIS B 249 -13.59 -35.17 18.68
C HIS B 249 -12.78 -36.46 18.62
N LEU B 250 -12.69 -37.04 17.43
CA LEU B 250 -11.96 -38.28 17.22
C LEU B 250 -10.46 -38.04 17.15
N ASN B 251 -9.69 -39.04 17.57
CA ASN B 251 -8.23 -38.97 17.56
C ASN B 251 -7.64 -39.61 16.32
N GLU B 252 -8.05 -40.84 16.01
CA GLU B 252 -7.55 -41.55 14.84
C GLU B 252 -8.44 -41.26 13.64
N SER B 253 -7.85 -40.70 12.59
CA SER B 253 -8.61 -40.38 11.39
C SER B 253 -9.01 -41.64 10.63
N VAL B 254 -10.22 -41.60 10.06
CA VAL B 254 -10.77 -42.70 9.29
C VAL B 254 -10.66 -42.33 7.82
N GLU B 255 -10.05 -43.21 7.04
CA GLU B 255 -9.85 -42.97 5.61
C GLU B 255 -11.18 -43.06 4.87
N ILE B 256 -11.68 -41.92 4.42
CA ILE B 256 -12.93 -41.85 3.65
C ILE B 256 -12.64 -41.08 2.36
N ASN B 257 -12.97 -41.68 1.24
CA ASN B 257 -12.69 -41.03 -0.03
C ASN B 257 -13.85 -41.03 -1.01
N CYS B 258 -14.63 -42.11 -1.08
CA CYS B 258 -15.80 -42.31 -1.95
C CYS B 258 -15.49 -42.25 -3.45
N THR B 259 -16.44 -42.73 -4.26
CA THR B 259 -16.30 -42.74 -5.71
C THR B 259 -17.60 -42.28 -6.35
N ARG B 260 -17.49 -41.76 -7.57
CA ARG B 260 -18.64 -41.28 -8.35
C ARG B 260 -18.51 -41.88 -9.74
N PRO B 261 -18.98 -43.12 -9.95
CA PRO B 261 -18.86 -43.76 -11.28
C PRO B 261 -19.87 -43.26 -12.31
N ASN B 262 -19.62 -42.06 -12.83
CA ASN B 262 -20.47 -41.46 -13.84
C ASN B 262 -19.62 -40.56 -14.72
N ASN B 263 -20.06 -40.35 -15.96
CA ASN B 263 -19.33 -39.51 -16.90
C ASN B 263 -19.98 -38.15 -17.10
N MET B 264 -21.27 -38.15 -17.48
CA MET B 264 -22.12 -36.98 -17.73
C MET B 264 -21.66 -36.14 -18.92
N THR B 265 -22.56 -35.31 -19.44
CA THR B 265 -22.28 -34.42 -20.56
C THR B 265 -22.45 -32.97 -20.10
N ARG B 266 -22.37 -32.04 -21.06
CA ARG B 266 -22.53 -30.62 -20.74
C ARG B 266 -23.10 -29.92 -21.98
N LYS B 267 -24.40 -29.66 -21.95
CA LYS B 267 -25.10 -28.98 -23.04
C LYS B 267 -25.68 -27.69 -22.50
N SER B 268 -25.35 -26.58 -23.15
CA SER B 268 -25.82 -25.26 -22.75
C SER B 268 -27.02 -24.85 -23.60
N ILE B 269 -28.06 -24.36 -22.95
CA ILE B 269 -29.29 -23.93 -23.60
C ILE B 269 -29.45 -22.45 -23.34
N ARG B 270 -29.52 -21.66 -24.41
CA ARG B 270 -29.66 -20.21 -24.27
C ARG B 270 -31.10 -19.87 -23.88
N ILE B 271 -31.23 -19.07 -22.83
CA ILE B 271 -32.55 -18.66 -22.35
C ILE B 271 -32.99 -17.38 -23.04
N GLN B 275 -28.04 -16.15 -19.00
CA GLN B 275 -29.02 -16.90 -19.78
C GLN B 275 -28.38 -18.10 -20.48
N THR B 276 -27.15 -18.42 -20.08
CA THR B 276 -26.45 -19.54 -20.69
C THR B 276 -26.96 -20.89 -20.20
N PHE B 277 -27.46 -20.94 -18.96
CA PHE B 277 -28.00 -22.16 -18.31
C PHE B 277 -26.97 -23.29 -18.32
N TYR B 278 -25.87 -23.05 -17.62
CA TYR B 278 -24.76 -24.01 -17.52
C TYR B 278 -25.22 -25.21 -16.72
N ALA B 279 -25.51 -26.31 -17.41
CA ALA B 279 -25.96 -27.55 -16.77
C ALA B 279 -25.61 -28.72 -17.69
N LEU B 280 -26.06 -29.91 -17.31
CA LEU B 280 -25.81 -31.12 -18.07
C LEU B 280 -27.00 -31.44 -18.99
N GLY B 281 -26.70 -31.83 -20.22
CA GLY B 281 -27.73 -32.15 -21.19
C GLY B 281 -28.13 -33.60 -21.35
N ASP B 282 -27.16 -34.48 -21.62
CA ASP B 282 -27.41 -35.90 -21.82
C ASP B 282 -26.51 -36.72 -20.89
N ILE B 283 -26.52 -38.03 -21.11
CA ILE B 283 -25.73 -38.98 -20.33
C ILE B 283 -24.99 -39.92 -21.27
N ILE B 284 -23.74 -40.23 -20.94
CA ILE B 284 -22.90 -41.12 -21.73
C ILE B 284 -22.44 -42.26 -20.83
N GLY B 285 -22.75 -43.48 -21.20
CA GLY B 285 -22.37 -44.63 -20.42
C GLY B 285 -23.51 -45.15 -19.57
N ASP B 286 -23.36 -46.38 -19.08
CA ASP B 286 -24.39 -46.99 -18.26
C ASP B 286 -24.38 -46.39 -16.86
N ILE B 287 -25.58 -46.25 -16.27
CA ILE B 287 -25.69 -45.70 -14.93
C ILE B 287 -25.33 -46.76 -13.92
N ARG B 288 -24.37 -46.43 -13.04
CA ARG B 288 -23.92 -47.41 -12.02
C ARG B 288 -24.38 -46.96 -10.64
N GLN B 289 -23.80 -47.52 -9.58
CA GLN B 289 -24.19 -47.16 -8.20
C GLN B 289 -22.99 -46.46 -7.52
N PRO B 290 -23.15 -45.21 -7.03
CA PRO B 290 -22.08 -44.50 -6.33
C PRO B 290 -22.12 -44.77 -4.83
N HIS B 291 -20.98 -45.15 -4.25
CA HIS B 291 -20.90 -45.45 -2.80
C HIS B 291 -19.57 -44.95 -2.25
N CYS B 292 -19.42 -44.95 -0.92
CA CYS B 292 -18.18 -44.43 -0.29
C CYS B 292 -17.48 -45.55 0.49
N ASN B 293 -16.39 -46.09 -0.05
CA ASN B 293 -15.64 -47.17 0.59
C ASN B 293 -15.42 -46.82 2.06
N ILE B 294 -15.87 -47.71 2.95
CA ILE B 294 -15.73 -47.51 4.39
C ILE B 294 -15.15 -48.77 5.00
N SER B 295 -14.04 -48.63 5.74
CA SER B 295 -13.39 -49.76 6.37
C SER B 295 -14.19 -50.19 7.60
N GLU B 296 -14.46 -51.50 7.70
CA GLU B 296 -15.23 -52.03 8.81
C GLU B 296 -14.42 -52.09 10.10
N ALA B 297 -13.14 -52.47 10.00
CA ALA B 297 -12.28 -52.57 11.19
C ALA B 297 -12.05 -51.21 11.83
N LYS B 298 -11.75 -50.19 11.02
CA LYS B 298 -11.52 -48.85 11.56
C LYS B 298 -12.79 -48.28 12.17
N TRP B 299 -13.94 -48.52 11.52
CA TRP B 299 -15.21 -48.03 12.04
C TRP B 299 -15.55 -48.68 13.37
N ASN B 300 -15.33 -50.00 13.48
CA ASN B 300 -15.61 -50.69 14.73
C ASN B 300 -14.64 -50.26 15.82
N LYS B 301 -13.38 -50.01 15.46
CA LYS B 301 -12.40 -49.55 16.44
C LYS B 301 -12.77 -48.18 16.99
N THR B 302 -13.19 -47.26 16.11
CA THR B 302 -13.61 -45.93 16.55
C THR B 302 -14.89 -46.01 17.37
N LEU B 303 -15.81 -46.93 17.00
CA LEU B 303 -17.05 -47.09 17.75
C LEU B 303 -16.76 -47.60 19.16
N GLN B 304 -15.83 -48.55 19.29
CA GLN B 304 -15.48 -49.05 20.63
C GLN B 304 -14.76 -47.97 21.43
N ARG B 305 -13.92 -47.18 20.77
CA ARG B 305 -13.19 -46.11 21.45
C ARG B 305 -14.14 -45.04 21.98
N VAL B 306 -15.19 -44.69 21.23
CA VAL B 306 -16.11 -43.70 21.75
C VAL B 306 -17.07 -44.33 22.77
N LYS B 307 -17.39 -45.63 22.60
CA LYS B 307 -18.28 -46.30 23.55
C LYS B 307 -17.60 -46.51 24.90
N LYS B 308 -16.27 -46.48 24.93
CA LYS B 308 -15.56 -46.65 26.19
C LYS B 308 -15.81 -45.48 27.14
N LYS B 309 -16.06 -44.28 26.61
CA LYS B 309 -16.32 -43.12 27.45
C LYS B 309 -17.79 -42.69 27.47
N LEU B 310 -18.56 -42.96 26.41
CA LEU B 310 -19.98 -42.59 26.43
C LEU B 310 -20.77 -43.38 27.48
N LYS B 311 -20.23 -44.47 28.02
CA LYS B 311 -20.90 -45.22 29.07
C LYS B 311 -20.83 -44.49 30.40
N GLU B 312 -19.92 -43.52 30.53
CA GLU B 312 -19.74 -42.74 31.75
C GLU B 312 -20.72 -41.57 31.76
N HIS B 313 -20.53 -40.67 32.72
CA HIS B 313 -21.34 -39.46 32.94
C HIS B 313 -22.83 -39.74 33.06
N ASN B 316 -23.15 -43.85 32.91
CA ASN B 316 -24.09 -44.46 33.88
C ASN B 316 -24.77 -45.69 33.25
N LYS B 317 -25.96 -45.50 32.68
CA LYS B 317 -26.73 -46.63 32.11
C LYS B 317 -26.06 -47.11 30.81
N THR B 318 -26.62 -48.14 30.18
CA THR B 318 -26.07 -48.61 28.91
C THR B 318 -26.32 -47.58 27.81
N ILE B 319 -25.58 -47.74 26.72
CA ILE B 319 -25.68 -46.84 25.57
C ILE B 319 -25.95 -47.67 24.33
N LYS B 320 -26.80 -47.14 23.45
CA LYS B 320 -27.17 -47.82 22.21
C LYS B 320 -27.08 -46.83 21.06
N PHE B 321 -26.84 -47.35 19.87
CA PHE B 321 -26.72 -46.54 18.66
C PHE B 321 -27.96 -46.77 17.80
N ALA B 322 -28.63 -45.68 17.43
CA ALA B 322 -29.82 -45.72 16.61
C ALA B 322 -29.73 -44.63 15.56
N PRO B 323 -30.40 -44.79 14.40
CA PRO B 323 -30.33 -43.73 13.37
C PRO B 323 -31.10 -42.47 13.75
N SER B 324 -31.18 -41.52 12.83
CA SER B 324 -31.87 -40.27 13.08
C SER B 324 -33.37 -40.49 13.22
N SER B 325 -34.04 -39.52 13.84
CA SER B 325 -35.48 -39.60 14.06
C SER B 325 -36.26 -39.55 12.75
N GLY B 326 -35.85 -38.70 11.82
CA GLY B 326 -36.55 -38.63 10.55
C GLY B 326 -36.49 -37.27 9.88
N GLY B 327 -37.66 -36.73 9.55
CA GLY B 327 -37.72 -35.43 8.89
C GLY B 327 -37.51 -35.54 7.38
N ASP B 328 -37.12 -34.42 6.79
CA ASP B 328 -36.88 -34.35 5.35
C ASP B 328 -35.46 -34.87 5.05
N LEU B 329 -34.98 -34.56 3.85
CA LEU B 329 -33.64 -34.99 3.48
C LEU B 329 -32.62 -34.02 4.07
N GLU B 330 -31.33 -34.33 3.89
CA GLU B 330 -30.13 -33.60 4.35
C GLU B 330 -30.11 -33.35 5.87
N ILE B 331 -30.95 -34.07 6.62
CA ILE B 331 -30.97 -33.96 8.08
C ILE B 331 -30.90 -35.32 8.75
N THR B 332 -31.23 -36.40 8.03
CA THR B 332 -31.18 -37.76 8.54
C THR B 332 -30.09 -38.58 7.87
N THR B 333 -29.50 -38.08 6.79
CA THR B 333 -28.44 -38.77 6.05
C THR B 333 -27.20 -37.89 6.05
N HIS B 334 -26.04 -38.51 5.88
CA HIS B 334 -24.79 -37.77 5.86
C HIS B 334 -24.64 -37.00 4.56
N SER B 335 -24.26 -35.73 4.67
CA SER B 335 -24.07 -34.83 3.55
C SER B 335 -22.66 -34.26 3.59
N PHE B 336 -22.00 -34.21 2.44
CA PHE B 336 -20.66 -33.67 2.34
C PHE B 336 -20.43 -33.19 0.91
N ASN B 337 -19.26 -32.57 0.69
CA ASN B 337 -18.87 -32.05 -0.60
C ASN B 337 -17.61 -32.74 -1.08
N CYS B 338 -17.51 -32.92 -2.41
CA CYS B 338 -16.34 -33.56 -3.03
C CYS B 338 -15.98 -32.73 -4.26
N ARG B 339 -15.11 -31.74 -4.04
CA ARG B 339 -14.62 -30.82 -5.07
C ARG B 339 -15.77 -30.11 -5.78
N GLY B 340 -16.59 -29.43 -4.98
CA GLY B 340 -17.73 -28.70 -5.52
C GLY B 340 -18.94 -29.54 -5.86
N GLU B 341 -19.00 -30.79 -5.43
CA GLU B 341 -20.13 -31.67 -5.72
C GLU B 341 -20.69 -32.21 -4.41
N PHE B 342 -21.99 -31.98 -4.19
CA PHE B 342 -22.66 -32.44 -2.98
C PHE B 342 -23.03 -33.92 -3.08
N PHE B 343 -22.87 -34.64 -1.98
CA PHE B 343 -23.19 -36.06 -1.90
C PHE B 343 -24.09 -36.30 -0.71
N TYR B 344 -25.19 -37.03 -0.94
CA TYR B 344 -26.16 -37.35 0.12
C TYR B 344 -26.14 -38.87 0.27
N CYS B 345 -25.35 -39.37 1.22
CA CYS B 345 -25.21 -40.81 1.46
C CYS B 345 -26.01 -41.27 2.66
N ASN B 346 -26.63 -42.44 2.52
CA ASN B 346 -27.44 -43.07 3.55
C ASN B 346 -26.50 -43.78 4.53
N THR B 347 -26.36 -43.24 5.74
CA THR B 347 -25.50 -43.82 6.75
C THR B 347 -26.30 -44.33 7.95
N SER B 348 -27.54 -44.76 7.73
CA SER B 348 -28.35 -45.28 8.82
C SER B 348 -27.86 -46.64 9.28
N LYS B 349 -27.25 -47.41 8.37
CA LYS B 349 -26.74 -48.73 8.72
C LYS B 349 -25.45 -48.66 9.53
N LEU B 350 -24.77 -47.51 9.53
CA LEU B 350 -23.53 -47.38 10.29
C LEU B 350 -23.81 -47.30 11.79
N PHE B 351 -24.91 -46.66 12.17
CA PHE B 351 -25.30 -46.53 13.57
C PHE B 351 -26.38 -47.52 13.97
N ASN B 352 -26.34 -48.73 13.39
CA ASN B 352 -27.33 -49.76 13.69
C ASN B 352 -26.70 -51.06 14.17
N SER B 353 -25.57 -51.46 13.59
CA SER B 353 -24.90 -52.69 13.97
C SER B 353 -23.40 -52.58 13.76
N ILE B 364 -17.84 -51.41 4.46
CA ILE B 364 -19.27 -51.15 4.56
C ILE B 364 -19.71 -50.19 3.46
N THR B 365 -20.62 -50.66 2.61
CA THR B 365 -21.11 -49.83 1.52
C THR B 365 -22.22 -48.91 2.03
N LEU B 366 -22.31 -47.73 1.41
CA LEU B 366 -23.32 -46.73 1.78
C LEU B 366 -23.95 -46.17 0.53
N PRO B 367 -25.26 -46.38 0.31
CA PRO B 367 -25.90 -45.84 -0.89
C PRO B 367 -25.98 -44.33 -0.83
N CYS B 368 -25.68 -43.69 -1.95
CA CYS B 368 -25.68 -42.23 -2.03
C CYS B 368 -26.56 -41.75 -3.16
N ARG B 369 -27.10 -40.54 -2.99
CA ARG B 369 -27.95 -39.89 -3.97
C ARG B 369 -27.38 -38.51 -4.24
N ILE B 370 -27.53 -38.04 -5.47
CA ILE B 370 -27.01 -36.74 -5.89
C ILE B 370 -28.15 -35.74 -6.00
N LYS B 371 -28.03 -34.62 -5.29
CA LYS B 371 -29.00 -33.54 -5.30
C LYS B 371 -28.26 -32.24 -5.58
N GLN B 372 -28.71 -31.50 -6.59
CA GLN B 372 -28.06 -30.25 -6.95
C GLN B 372 -28.77 -29.01 -6.43
N ILE B 373 -30.11 -29.00 -6.39
CA ILE B 373 -30.86 -27.85 -5.91
C ILE B 373 -31.03 -28.02 -4.40
N ILE B 374 -30.38 -27.16 -3.62
CA ILE B 374 -30.44 -27.22 -2.16
C ILE B 374 -30.65 -25.82 -1.58
N ASN B 375 -31.11 -25.80 -0.33
CA ASN B 375 -31.35 -24.57 0.42
C ASN B 375 -30.24 -24.43 1.47
N MET B 376 -29.12 -23.86 1.03
CA MET B 376 -27.96 -23.69 1.88
C MET B 376 -28.22 -22.65 2.97
N TRP B 377 -27.57 -22.85 4.12
CA TRP B 377 -27.63 -22.01 5.33
C TRP B 377 -29.02 -21.93 5.94
N GLN B 378 -29.87 -22.94 5.68
CA GLN B 378 -31.25 -23.02 6.19
C GLN B 378 -32.05 -21.77 5.83
N GLU B 379 -31.85 -21.28 4.63
CA GLU B 379 -32.51 -20.08 4.14
C GLU B 379 -33.68 -20.43 3.24
N VAL B 380 -34.78 -19.68 3.39
CA VAL B 380 -35.99 -19.88 2.59
C VAL B 380 -36.17 -18.64 1.71
N GLY B 381 -36.56 -18.88 0.46
CA GLY B 381 -36.76 -17.83 -0.52
C GLY B 381 -35.70 -17.78 -1.60
N ARG B 382 -34.54 -18.38 -1.36
CA ARG B 382 -33.45 -18.43 -2.33
C ARG B 382 -32.85 -19.82 -2.32
N ALA B 383 -32.24 -20.21 -3.44
CA ALA B 383 -31.63 -21.52 -3.55
C ALA B 383 -30.54 -21.47 -4.60
N MET B 384 -29.66 -22.47 -4.56
CA MET B 384 -28.54 -22.58 -5.49
C MET B 384 -28.76 -23.75 -6.44
N TYR B 385 -28.52 -23.52 -7.73
CA TYR B 385 -28.69 -24.57 -8.72
C TYR B 385 -27.61 -25.64 -8.58
N ALA B 386 -26.35 -25.22 -8.40
CA ALA B 386 -25.16 -26.06 -8.23
C ALA B 386 -24.99 -27.08 -9.34
N PRO B 387 -24.55 -26.66 -10.54
CA PRO B 387 -24.38 -27.62 -11.63
C PRO B 387 -23.25 -28.58 -11.35
N PRO B 388 -23.33 -29.83 -11.85
CA PRO B 388 -22.25 -30.80 -11.59
C PRO B 388 -21.03 -30.58 -12.46
N ILE B 389 -20.08 -31.50 -12.40
CA ILE B 389 -18.85 -31.41 -13.19
C ILE B 389 -18.78 -32.62 -14.12
N ALA B 390 -18.07 -32.45 -15.23
CA ALA B 390 -17.92 -33.52 -16.20
C ALA B 390 -16.89 -34.54 -15.73
N GLY B 391 -17.16 -35.80 -16.05
CA GLY B 391 -16.28 -36.89 -15.66
C GLY B 391 -16.46 -37.31 -14.22
N ASN B 392 -15.72 -38.35 -13.84
CA ASN B 392 -15.78 -38.86 -12.48
C ASN B 392 -15.00 -37.96 -11.53
N ILE B 393 -15.36 -38.02 -10.26
CA ILE B 393 -14.70 -37.23 -9.22
C ILE B 393 -14.37 -38.14 -8.05
N THR B 394 -13.15 -38.02 -7.51
CA THR B 394 -12.72 -38.84 -6.39
C THR B 394 -11.79 -38.00 -5.53
N CYS B 395 -12.28 -37.56 -4.37
CA CYS B 395 -11.50 -36.74 -3.46
C CYS B 395 -11.01 -37.60 -2.28
N LYS B 396 -10.06 -37.06 -1.54
CA LYS B 396 -9.48 -37.74 -0.39
C LYS B 396 -9.71 -36.90 0.85
N SER B 397 -10.39 -37.47 1.84
CA SER B 397 -10.68 -36.74 3.08
C SER B 397 -10.44 -37.68 4.25
N ASN B 398 -10.86 -37.25 5.44
CA ASN B 398 -10.69 -38.02 6.66
C ASN B 398 -11.86 -37.71 7.59
N ILE B 399 -11.87 -38.38 8.73
CA ILE B 399 -12.91 -38.20 9.75
C ILE B 399 -12.22 -37.74 11.03
N THR B 400 -12.65 -36.59 11.54
CA THR B 400 -12.07 -36.03 12.76
C THR B 400 -13.09 -35.79 13.86
N GLY B 401 -14.36 -36.09 13.63
CA GLY B 401 -15.36 -35.87 14.65
C GLY B 401 -16.66 -36.59 14.35
N LEU B 402 -17.62 -36.43 15.26
CA LEU B 402 -18.93 -37.04 15.13
C LEU B 402 -19.94 -36.23 15.92
N LEU B 403 -21.18 -36.19 15.44
CA LEU B 403 -22.26 -35.46 16.09
C LEU B 403 -23.20 -36.45 16.77
N LEU B 404 -23.54 -36.18 18.03
CA LEU B 404 -24.42 -37.03 18.81
C LEU B 404 -25.52 -36.21 19.45
N THR B 405 -26.74 -36.74 19.42
CA THR B 405 -27.90 -36.07 20.00
C THR B 405 -28.57 -37.04 20.96
N ARG B 406 -28.75 -36.60 22.21
CA ARG B 406 -29.39 -37.46 23.21
C ARG B 406 -30.89 -37.54 22.95
N ASP B 407 -31.44 -38.75 23.10
CA ASP B 407 -32.86 -38.99 22.89
C ASP B 407 -33.58 -38.99 24.23
N GLY B 408 -34.72 -38.28 24.27
CA GLY B 408 -35.50 -38.21 25.49
C GLY B 408 -36.31 -39.46 25.75
N GLY B 409 -36.88 -39.52 26.95
CA GLY B 409 -37.69 -40.66 27.35
C GLY B 409 -36.89 -41.77 27.99
N GLU B 416 -27.94 -44.24 27.09
CA GLU B 416 -29.20 -44.12 26.35
C GLU B 416 -28.98 -44.28 24.86
N THR B 417 -30.06 -44.12 24.09
CA THR B 417 -30.00 -44.24 22.63
C THR B 417 -29.45 -42.95 22.06
N PHE B 418 -28.13 -42.91 21.88
CA PHE B 418 -27.46 -41.73 21.33
C PHE B 418 -27.53 -41.79 19.82
N ARG B 419 -28.37 -40.95 19.21
CA ARG B 419 -28.54 -40.90 17.77
C ARG B 419 -27.87 -39.67 17.18
N PRO B 420 -27.35 -39.75 15.97
CA PRO B 420 -26.70 -38.58 15.36
C PRO B 420 -27.71 -37.65 14.72
N GLY B 421 -27.28 -36.41 14.50
CA GLY B 421 -28.13 -35.41 13.90
C GLY B 421 -27.90 -34.01 14.43
N GLY B 422 -28.97 -33.35 14.86
CA GLY B 422 -28.87 -32.00 15.38
C GLY B 422 -29.05 -30.95 14.31
N GLY B 423 -28.23 -31.01 13.27
CA GLY B 423 -28.30 -30.07 12.17
C GLY B 423 -27.72 -28.70 12.44
N ASP B 424 -27.06 -28.50 13.58
CA ASP B 424 -26.47 -27.21 13.91
C ASP B 424 -25.07 -27.19 13.32
N MET B 425 -24.89 -26.43 12.23
CA MET B 425 -23.60 -26.34 11.56
C MET B 425 -22.62 -25.50 12.38
N ARG B 426 -23.16 -24.69 13.32
CA ARG B 426 -22.33 -23.87 14.19
C ARG B 426 -21.43 -24.75 15.04
N ASP B 427 -21.96 -25.89 15.50
CA ASP B 427 -21.15 -26.83 16.27
C ASP B 427 -20.07 -27.45 15.41
N ASN B 428 -20.37 -27.65 14.11
CA ASN B 428 -19.38 -28.19 13.18
C ASN B 428 -18.22 -27.23 13.04
N TRP B 429 -18.49 -25.92 12.99
CA TRP B 429 -17.33 -25.02 12.93
C TRP B 429 -16.68 -24.90 14.30
N ARG B 430 -17.48 -24.97 15.37
CA ARG B 430 -17.03 -24.85 16.75
C ARG B 430 -16.16 -26.02 17.21
N SER B 431 -16.11 -27.11 16.44
CA SER B 431 -15.29 -28.26 16.83
C SER B 431 -13.80 -27.92 16.85
N GLU B 432 -13.38 -26.93 16.06
CA GLU B 432 -11.97 -26.54 16.02
C GLU B 432 -11.70 -25.16 16.61
N LEU B 433 -12.72 -24.34 16.83
CA LEU B 433 -12.52 -23.00 17.39
C LEU B 433 -12.65 -22.99 18.91
N TYR B 434 -12.61 -24.15 19.55
CA TYR B 434 -12.72 -24.22 21.00
C TYR B 434 -11.46 -23.73 21.72
N LYS B 435 -10.34 -23.61 21.01
CA LYS B 435 -9.10 -23.16 21.62
C LYS B 435 -8.76 -21.72 21.25
N TYR B 436 -9.75 -20.94 20.82
CA TYR B 436 -9.53 -19.54 20.45
C TYR B 436 -10.61 -18.68 21.08
N LYS B 437 -10.22 -17.47 21.50
CA LYS B 437 -11.15 -16.53 22.12
C LYS B 437 -10.57 -15.13 22.02
N VAL B 438 -11.36 -14.19 21.52
CA VAL B 438 -10.93 -12.80 21.40
C VAL B 438 -11.05 -12.13 22.76
N VAL B 439 -10.19 -11.13 23.00
CA VAL B 439 -10.19 -10.42 24.27
C VAL B 439 -9.56 -9.05 24.04
N GLU B 440 -9.87 -8.10 24.92
CA GLU B 440 -9.36 -6.74 24.85
C GLU B 440 -8.49 -6.46 26.07
N ILE B 441 -7.44 -5.65 25.87
CA ILE B 441 -6.52 -5.29 26.94
C ILE B 441 -6.76 -3.86 27.37
N LYS B 442 -6.43 -3.56 28.63
CA LYS B 442 -6.61 -2.23 29.20
C LYS B 442 -5.58 -2.05 30.31
N PRO B 443 -4.36 -1.62 29.97
CA PRO B 443 -3.30 -1.45 30.98
C PRO B 443 -3.47 -0.19 31.83
N LEU B 444 -4.46 -0.22 32.72
CA LEU B 444 -4.78 0.89 33.63
C LEU B 444 -5.01 0.38 35.04
N GLY B 445 -4.06 -0.41 35.56
CA GLY B 445 -4.18 -0.97 36.89
C GLY B 445 -4.12 0.07 37.99
N ILE B 446 -4.74 -0.26 39.13
CA ILE B 446 -4.82 0.61 40.30
C ILE B 446 -4.36 -0.18 41.53
N ALA B 447 -3.51 0.45 42.33
CA ALA B 447 -2.98 -0.17 43.55
C ALA B 447 -2.64 0.96 44.53
N PRO B 448 -2.79 0.71 45.84
CA PRO B 448 -2.45 1.77 46.81
C PRO B 448 -1.07 1.65 47.43
N THR B 449 -0.39 2.80 47.53
CA THR B 449 0.95 2.91 48.13
C THR B 449 1.20 4.39 48.43
N LYS B 450 2.45 4.69 48.81
CA LYS B 450 2.84 6.05 49.17
C LYS B 450 2.89 7.00 47.96
N CYS B 451 2.45 8.24 48.19
CA CYS B 451 2.41 9.33 47.23
C CYS B 451 2.54 10.66 47.97
N LYS B 452 2.77 11.70 47.20
CA LYS B 452 2.92 13.05 47.74
C LYS B 452 1.61 13.83 47.57
N LEU C 2 24.76 21.92 42.01
CA LEU C 2 23.90 21.85 43.19
C LEU C 2 22.66 21.00 42.92
N TRP C 3 22.20 21.03 41.67
CA TRP C 3 21.02 20.27 41.25
C TRP C 3 21.31 19.59 39.92
N VAL C 4 20.60 18.49 39.68
CA VAL C 4 20.74 17.71 38.45
C VAL C 4 19.63 18.14 37.49
N THR C 5 20.03 18.54 36.28
CA THR C 5 19.09 18.97 35.25
C THR C 5 19.40 18.26 33.95
N VAL C 6 18.35 17.93 33.20
CA VAL C 6 18.47 17.24 31.92
C VAL C 6 18.09 18.24 30.82
N TYR C 7 18.82 18.20 29.72
CA TYR C 7 18.60 19.10 28.59
C TYR C 7 18.22 18.27 27.36
N TYR C 8 17.16 18.69 26.69
CA TYR C 8 16.68 18.01 25.49
C TYR C 8 17.29 18.67 24.26
N GLY C 9 17.59 17.85 23.25
CA GLY C 9 18.18 18.37 22.02
C GLY C 9 19.65 18.66 22.10
N VAL C 10 20.37 17.93 22.95
CA VAL C 10 21.82 18.14 23.08
C VAL C 10 22.53 17.61 21.83
N PRO C 11 23.33 18.41 21.14
CA PRO C 11 24.02 17.93 19.92
C PRO C 11 25.27 17.12 20.23
N VAL C 12 25.06 15.87 20.66
CA VAL C 12 26.14 14.96 20.99
C VAL C 12 25.84 13.63 20.31
N TRP C 13 26.90 12.86 20.06
CA TRP C 13 26.78 11.57 19.38
C TRP C 13 27.73 10.55 19.99
N LYS C 14 27.51 9.29 19.61
CA LYS C 14 28.32 8.16 20.06
C LYS C 14 28.25 7.09 18.97
N GLU C 15 29.34 6.33 18.83
CA GLU C 15 29.41 5.30 17.81
C GLU C 15 28.55 4.09 18.17
N ALA C 16 27.73 3.64 17.22
CA ALA C 16 26.85 2.50 17.41
C ALA C 16 26.46 1.95 16.06
N LYS C 17 26.03 0.68 16.05
CA LYS C 17 25.61 0.03 14.82
C LYS C 17 24.18 0.45 14.46
N THR C 18 23.90 0.44 13.17
CA THR C 18 22.57 0.82 12.68
C THR C 18 22.28 0.09 11.39
N THR C 19 21.05 0.27 10.90
CA THR C 19 20.57 -0.33 9.66
C THR C 19 20.14 0.79 8.72
N LEU C 20 20.81 0.89 7.59
CA LEU C 20 20.51 1.93 6.60
C LEU C 20 19.51 1.39 5.58
N PHE C 21 19.27 2.17 4.53
CA PHE C 21 18.33 1.79 3.47
C PHE C 21 18.82 2.39 2.16
N CYS C 22 18.29 1.86 1.06
CA CYS C 22 18.64 2.30 -0.27
C CYS C 22 18.08 3.70 -0.56
N ALA C 23 18.56 4.29 -1.66
CA ALA C 23 18.18 5.59 -2.17
C ALA C 23 18.77 5.73 -3.56
N SER C 24 17.99 6.30 -4.48
CA SER C 24 18.46 6.46 -5.85
C SER C 24 17.77 7.66 -6.49
N ASP C 25 18.27 8.05 -7.65
CA ASP C 25 17.72 9.19 -8.38
C ASP C 25 16.49 8.75 -9.18
N ALA C 26 15.99 9.63 -10.04
CA ALA C 26 14.81 9.31 -10.84
C ALA C 26 15.18 8.33 -11.96
N LYS C 27 14.39 7.26 -12.08
CA LYS C 27 14.62 6.25 -13.10
C LYS C 27 13.29 5.83 -13.70
N ALA C 28 13.27 5.69 -15.02
CA ALA C 28 12.11 5.29 -15.82
C ALA C 28 10.88 6.17 -15.57
N TRP C 37 22.12 -5.37 -9.42
CA TRP C 37 22.11 -3.95 -9.74
C TRP C 37 20.99 -3.59 -10.71
N ALA C 38 19.94 -4.40 -10.71
CA ALA C 38 18.77 -4.18 -11.55
C ALA C 38 17.70 -3.39 -10.83
N THR C 39 17.99 -2.95 -9.60
CA THR C 39 17.11 -2.17 -8.70
C THR C 39 15.86 -3.00 -8.44
N HIS C 40 14.65 -2.44 -8.60
CA HIS C 40 13.35 -3.07 -8.39
C HIS C 40 13.10 -3.51 -6.95
N ALA C 41 14.02 -3.19 -6.03
CA ALA C 41 13.88 -3.56 -4.63
C ALA C 41 14.22 -2.36 -3.75
N CYS C 42 15.14 -1.51 -4.21
CA CYS C 42 15.53 -0.32 -3.46
C CYS C 42 14.66 0.87 -3.84
N VAL C 43 14.42 1.73 -2.85
CA VAL C 43 13.60 2.92 -3.07
C VAL C 43 14.36 3.96 -3.88
N PRO C 44 13.75 4.52 -4.94
CA PRO C 44 14.43 5.56 -5.74
C PRO C 44 14.02 6.97 -5.29
N THR C 45 14.36 7.30 -4.04
CA THR C 45 14.03 8.60 -3.49
C THR C 45 15.22 9.55 -3.60
N ASP C 46 14.96 10.76 -4.11
CA ASP C 46 15.99 11.78 -4.29
C ASP C 46 15.48 13.11 -3.73
N PRO C 47 15.53 13.27 -2.40
CA PRO C 47 15.06 14.53 -1.80
C PRO C 47 16.08 15.65 -1.94
N ASN C 48 15.78 16.79 -1.33
CA ASN C 48 16.68 17.94 -1.38
C ASN C 48 17.91 17.66 -0.54
N PRO C 49 19.13 17.72 -1.12
CA PRO C 49 20.34 17.44 -0.33
C PRO C 49 20.62 18.51 0.72
N GLN C 50 20.49 18.13 1.99
CA GLN C 50 20.73 19.04 3.11
C GLN C 50 22.18 18.88 3.55
N GLU C 51 23.01 19.85 3.20
CA GLU C 51 24.44 19.83 3.55
C GLU C 51 24.67 20.87 4.64
N MET C 52 25.04 20.40 5.83
CA MET C 52 25.31 21.26 6.98
C MET C 52 26.79 21.11 7.32
N VAL C 53 27.50 22.24 7.37
CA VAL C 53 28.93 22.26 7.68
C VAL C 53 29.13 22.54 9.16
N LEU C 54 29.95 21.73 9.80
CA LEU C 54 30.24 21.86 11.23
C LEU C 54 31.60 22.53 11.42
N GLU C 55 31.78 23.16 12.57
CA GLU C 55 33.02 23.84 12.91
C GLU C 55 33.45 23.44 14.32
N ASN C 56 34.77 23.47 14.54
CA ASN C 56 35.41 23.12 15.82
C ASN C 56 35.06 21.71 16.28
N VAL C 57 34.92 20.78 15.35
CA VAL C 57 34.58 19.39 15.65
C VAL C 57 35.70 18.51 15.10
N THR C 58 36.28 17.68 15.97
CA THR C 58 37.36 16.77 15.61
C THR C 58 36.94 15.35 15.95
N GLU C 59 36.53 14.60 14.93
CA GLU C 59 36.09 13.22 15.08
C GLU C 59 36.99 12.32 14.27
N ASN C 60 37.52 11.27 14.91
CA ASN C 60 38.39 10.35 14.22
C ASN C 60 37.60 9.46 13.27
N PHE C 61 38.26 9.04 12.19
CA PHE C 61 37.65 8.18 11.19
C PHE C 61 38.48 6.93 10.99
N ASN C 62 37.80 5.80 10.80
CA ASN C 62 38.47 4.52 10.60
C ASN C 62 37.59 3.69 9.67
N MET C 63 37.89 3.75 8.38
CA MET C 63 37.13 2.99 7.38
C MET C 63 37.47 1.52 7.35
N TRP C 64 38.57 1.10 7.98
CA TRP C 64 38.93 -0.32 7.98
C TRP C 64 38.03 -1.12 8.91
N LYS C 65 37.57 -0.50 10.00
CA LYS C 65 36.70 -1.15 10.97
C LYS C 65 35.25 -0.66 10.82
N ASN C 66 34.90 -0.18 9.63
CA ASN C 66 33.56 0.34 9.37
C ASN C 66 32.53 -0.78 9.33
N ASP C 67 31.29 -0.45 9.68
CA ASP C 67 30.20 -1.43 9.69
C ASP C 67 29.24 -1.29 8.51
N MET C 68 29.10 -0.08 7.93
CA MET C 68 28.21 0.09 6.80
C MET C 68 28.75 -0.62 5.56
N VAL C 69 30.06 -0.88 5.51
CA VAL C 69 30.62 -1.60 4.38
C VAL C 69 30.12 -3.04 4.41
N ASP C 70 30.12 -3.66 5.60
CA ASP C 70 29.61 -5.00 5.75
C ASP C 70 28.10 -5.02 5.55
N GLN C 71 27.42 -3.94 5.97
CA GLN C 71 25.96 -3.86 5.79
C GLN C 71 25.61 -3.80 4.31
N MET C 72 26.32 -2.96 3.54
CA MET C 72 26.07 -2.86 2.11
C MET C 72 26.49 -4.15 1.41
N HIS C 73 27.51 -4.83 1.96
CA HIS C 73 27.97 -6.11 1.43
C HIS C 73 26.87 -7.15 1.54
N GLU C 74 26.25 -7.24 2.72
CA GLU C 74 25.15 -8.17 2.95
C GLU C 74 23.94 -7.79 2.10
N ASP C 75 23.68 -6.50 1.96
CA ASP C 75 22.54 -6.04 1.17
C ASP C 75 22.69 -6.36 -0.31
N ILE C 76 23.89 -6.12 -0.88
CA ILE C 76 24.09 -6.40 -2.30
C ILE C 76 24.10 -7.90 -2.55
N ILE C 77 24.66 -8.69 -1.63
CA ILE C 77 24.65 -10.14 -1.86
C ILE C 77 23.24 -10.70 -1.69
N SER C 78 22.43 -10.10 -0.81
CA SER C 78 21.06 -10.55 -0.62
C SER C 78 20.22 -10.20 -1.85
N LEU C 79 20.43 -9.01 -2.39
CA LEU C 79 19.70 -8.60 -3.60
C LEU C 79 20.12 -9.45 -4.79
N TRP C 80 21.41 -9.80 -4.86
CA TRP C 80 21.91 -10.64 -5.94
C TRP C 80 21.30 -12.05 -5.87
N ASP C 81 21.24 -12.62 -4.66
CA ASP C 81 20.66 -13.95 -4.51
C ASP C 81 19.15 -13.92 -4.71
N GLN C 82 18.50 -12.81 -4.36
CA GLN C 82 17.05 -12.71 -4.57
C GLN C 82 16.72 -12.57 -6.04
N SER C 83 17.53 -11.82 -6.79
CA SER C 83 17.28 -11.66 -8.22
C SER C 83 17.67 -12.90 -9.00
N LEU C 84 18.67 -13.65 -8.51
CA LEU C 84 19.10 -14.87 -9.18
C LEU C 84 18.18 -16.06 -8.91
N LYS C 85 17.35 -15.98 -7.87
CA LYS C 85 16.44 -17.08 -7.52
C LYS C 85 15.37 -17.41 -8.57
N PRO C 86 14.63 -16.46 -9.18
CA PRO C 86 13.62 -16.88 -10.16
C PRO C 86 14.17 -17.41 -11.48
N CYS C 87 15.46 -17.28 -11.74
CA CYS C 87 16.02 -17.78 -12.99
C CYS C 87 16.09 -19.30 -12.98
N VAL C 88 16.11 -19.88 -14.18
CA VAL C 88 16.15 -21.33 -14.32
C VAL C 88 17.57 -21.84 -14.03
N LYS C 89 17.64 -23.12 -13.64
CA LYS C 89 18.90 -23.78 -13.32
C LYS C 89 19.40 -24.59 -14.51
N LEU C 90 20.65 -25.04 -14.41
CA LEU C 90 21.28 -25.83 -15.46
C LEU C 90 21.88 -27.12 -14.89
N THR C 91 21.26 -27.69 -13.87
CA THR C 91 21.75 -28.92 -13.25
C THR C 91 21.66 -30.23 -14.06
N PRO C 92 20.67 -30.49 -14.99
CA PRO C 92 20.71 -31.79 -15.67
C PRO C 92 21.54 -31.77 -16.95
N LEU C 93 22.38 -30.76 -17.12
CA LEU C 93 23.20 -30.60 -18.31
C LEU C 93 24.56 -31.29 -18.20
N CYS C 94 24.67 -32.38 -17.45
CA CYS C 94 25.95 -33.09 -17.34
C CYS C 94 26.07 -34.22 -18.35
N VAL C 95 25.43 -34.08 -19.52
CA VAL C 95 25.54 -35.10 -20.56
C VAL C 95 26.85 -34.86 -21.31
N THR C 96 27.54 -35.95 -21.65
CA THR C 96 28.83 -35.91 -22.34
C THR C 96 28.82 -35.12 -23.66
N LEU C 97 29.64 -34.08 -23.73
CA LEU C 97 29.74 -33.26 -24.92
C LEU C 97 30.63 -33.92 -25.97
N ASN C 98 30.81 -33.22 -27.08
CA ASN C 98 31.64 -33.65 -28.21
C ASN C 98 32.23 -32.35 -28.75
N CYS C 99 33.42 -32.01 -28.28
CA CYS C 99 34.09 -30.78 -28.67
C CYS C 99 35.17 -31.12 -29.70
N THR C 100 35.05 -30.54 -30.90
CA THR C 100 36.06 -30.85 -31.92
C THR C 100 37.17 -29.81 -32.02
N ASN C 101 36.84 -28.60 -32.48
CA ASN C 101 37.80 -27.51 -32.64
C ASN C 101 37.04 -26.23 -32.92
N VAL C 102 37.78 -25.19 -33.31
CA VAL C 102 37.17 -23.90 -33.62
C VAL C 102 36.46 -23.99 -34.97
N ASN C 103 35.27 -23.37 -35.04
CA ASN C 103 34.40 -23.33 -36.23
C ASN C 103 34.04 -24.72 -36.76
N ASN C 110 46.27 -13.93 -37.09
CA ASN C 110 45.49 -15.17 -37.01
C ASN C 110 45.92 -16.03 -35.83
N ASN C 111 46.27 -15.37 -34.73
CA ASN C 111 46.71 -16.04 -33.52
C ASN C 111 45.57 -16.14 -32.51
N MET C 112 45.79 -16.95 -31.47
CA MET C 112 44.84 -17.20 -30.38
C MET C 112 43.49 -17.72 -30.91
N LYS C 113 43.56 -18.62 -31.89
CA LYS C 113 42.38 -19.21 -32.48
C LYS C 113 41.96 -20.52 -31.82
N GLU C 114 42.68 -20.97 -30.80
CA GLU C 114 42.37 -22.22 -30.10
C GLU C 114 41.72 -21.97 -28.74
N GLU C 115 41.16 -20.78 -28.54
CA GLU C 115 40.51 -20.45 -27.28
C GLU C 115 39.03 -20.81 -27.24
N MET C 116 38.47 -21.29 -28.34
CA MET C 116 37.06 -21.65 -28.36
C MET C 116 36.85 -22.85 -29.27
N LYS C 117 35.92 -23.73 -28.86
CA LYS C 117 35.59 -24.93 -29.62
C LYS C 117 34.09 -25.16 -29.47
N ASN C 118 33.36 -25.17 -30.59
CA ASN C 118 31.93 -25.40 -30.49
C ASN C 118 31.67 -26.89 -30.25
N CYS C 119 30.77 -27.17 -29.32
CA CYS C 119 30.45 -28.54 -28.94
C CYS C 119 28.96 -28.82 -29.14
N SER C 120 28.63 -30.12 -29.17
CA SER C 120 27.26 -30.57 -29.37
C SER C 120 26.80 -31.38 -28.16
N PHE C 121 25.55 -31.17 -27.76
CA PHE C 121 24.93 -31.82 -26.62
C PHE C 121 23.66 -32.56 -27.03
N ASN C 122 23.33 -33.59 -26.25
CA ASN C 122 22.18 -34.45 -26.53
C ASN C 122 20.84 -33.78 -26.22
N THR C 123 20.63 -33.39 -24.96
CA THR C 123 19.44 -32.78 -24.34
C THR C 123 18.11 -33.44 -24.69
N THR C 124 18.16 -34.72 -25.07
CA THR C 124 17.00 -35.56 -25.46
C THR C 124 16.16 -34.93 -26.56
N LYS C 133 19.22 -33.20 -31.26
CA LYS C 133 20.63 -32.84 -31.07
C LYS C 133 20.88 -31.40 -31.49
N GLU C 134 21.48 -30.62 -30.60
CA GLU C 134 21.81 -29.23 -30.85
C GLU C 134 23.26 -28.96 -30.44
N TYR C 135 23.84 -27.93 -31.04
CA TYR C 135 25.22 -27.55 -30.75
C TYR C 135 25.30 -26.05 -30.50
N ALA C 136 26.31 -25.67 -29.71
CA ALA C 136 26.53 -24.27 -29.36
C ALA C 136 28.02 -24.02 -29.26
N LEU C 137 28.40 -22.75 -29.35
CA LEU C 137 29.79 -22.33 -29.28
C LEU C 137 30.23 -22.18 -27.82
N PHE C 138 31.33 -22.83 -27.47
CA PHE C 138 31.89 -22.78 -26.12
C PHE C 138 33.37 -22.47 -26.19
N TYR C 139 33.91 -21.94 -25.11
CA TYR C 139 35.32 -21.60 -25.06
C TYR C 139 36.14 -22.77 -24.50
N ARG C 140 37.44 -22.75 -24.83
CA ARG C 140 38.34 -23.81 -24.38
C ARG C 140 38.53 -23.79 -22.86
N LEU C 141 38.68 -22.60 -22.28
CA LEU C 141 38.85 -22.48 -20.83
C LEU C 141 37.56 -22.70 -20.06
N ASP C 142 36.41 -22.72 -20.74
CA ASP C 142 35.13 -22.93 -20.07
C ASP C 142 34.81 -24.41 -19.86
N ILE C 143 35.62 -25.31 -20.41
CA ILE C 143 35.41 -26.75 -20.28
C ILE C 143 36.66 -27.37 -19.66
N VAL C 144 36.46 -28.41 -18.86
CA VAL C 144 37.58 -29.09 -18.22
C VAL C 144 38.26 -29.98 -19.26
N PRO C 145 39.59 -30.06 -19.29
CA PRO C 145 40.23 -30.93 -20.30
C PRO C 145 40.22 -32.39 -19.87
N LEU C 146 39.05 -33.02 -19.98
CA LEU C 146 38.86 -34.42 -19.61
C LEU C 146 39.51 -35.29 -20.67
N ASN C 147 40.75 -35.68 -20.44
CA ASN C 147 41.50 -36.51 -21.36
C ASN C 147 41.36 -37.98 -21.00
N SER C 151 37.93 -35.01 -28.69
CA SER C 151 37.56 -36.07 -27.77
C SER C 151 36.41 -35.63 -26.87
N GLU C 152 36.13 -36.44 -25.85
CA GLU C 152 35.05 -36.12 -24.92
C GLU C 152 35.46 -34.99 -23.99
N TYR C 153 34.51 -34.12 -23.67
CA TYR C 153 34.77 -33.00 -22.79
C TYR C 153 33.56 -32.73 -21.91
N ARG C 154 33.79 -31.99 -20.83
CA ARG C 154 32.77 -31.67 -19.84
C ARG C 154 33.04 -30.26 -19.35
N LEU C 155 32.02 -29.61 -18.77
CA LEU C 155 32.15 -28.26 -18.25
C LEU C 155 33.06 -28.24 -17.01
N ILE C 156 33.27 -27.04 -16.47
CA ILE C 156 34.13 -26.90 -15.30
C ILE C 156 33.53 -27.56 -14.06
N ASN C 157 32.21 -27.43 -13.86
CA ASN C 157 31.56 -28.02 -12.70
C ASN C 157 30.09 -28.29 -13.02
N CYS C 158 29.73 -29.57 -13.16
CA CYS C 158 28.35 -29.96 -13.42
C CYS C 158 27.73 -30.52 -12.15
N ASN C 159 28.37 -31.50 -11.54
CA ASN C 159 27.88 -32.09 -10.30
C ASN C 159 28.64 -31.46 -9.13
N THR C 160 27.98 -31.43 -7.97
CA THR C 160 28.42 -30.87 -6.69
C THR C 160 28.59 -29.35 -6.76
N SER C 161 28.21 -28.71 -7.87
CA SER C 161 28.32 -27.27 -8.02
C SER C 161 27.31 -26.89 -9.10
N THR C 162 26.15 -26.38 -8.66
CA THR C 162 25.09 -26.01 -9.59
C THR C 162 25.43 -24.74 -10.37
N ILE C 163 24.94 -24.68 -11.59
CA ILE C 163 25.13 -23.55 -12.49
C ILE C 163 23.78 -22.85 -12.62
N THR C 164 23.74 -21.56 -12.29
CA THR C 164 22.53 -20.78 -12.36
C THR C 164 22.72 -19.62 -13.34
N GLN C 165 21.95 -19.64 -14.42
CA GLN C 165 22.04 -18.59 -15.42
C GLN C 165 21.33 -17.33 -14.92
N ILE C 166 21.59 -16.23 -15.61
CA ILE C 166 21.00 -14.94 -15.27
C ILE C 166 19.83 -14.66 -16.21
N CYS C 167 18.76 -14.10 -15.67
CA CYS C 167 17.59 -13.80 -16.48
C CYS C 167 17.89 -12.60 -17.38
N PRO C 168 17.66 -12.71 -18.70
CA PRO C 168 17.93 -11.59 -19.60
C PRO C 168 16.90 -10.48 -19.60
N LYS C 169 15.85 -10.59 -18.76
CA LYS C 169 14.84 -9.53 -18.72
C LYS C 169 15.35 -8.28 -18.03
N VAL C 170 16.39 -8.38 -17.21
CA VAL C 170 16.96 -7.24 -16.50
C VAL C 170 18.46 -7.24 -16.74
N SER C 171 19.05 -6.05 -16.64
CA SER C 171 20.48 -5.85 -16.84
C SER C 171 21.11 -5.40 -15.53
N PHE C 172 22.24 -6.02 -15.17
CA PHE C 172 22.95 -5.68 -13.93
C PHE C 172 24.01 -4.61 -14.17
N ASP C 173 23.61 -3.53 -14.85
CA ASP C 173 24.51 -2.43 -15.15
C ASP C 173 24.68 -1.55 -13.91
N PRO C 174 25.82 -0.89 -13.76
CA PRO C 174 26.03 -0.01 -12.60
C PRO C 174 25.13 1.21 -12.67
N ILE C 175 24.20 1.29 -11.72
CA ILE C 175 23.24 2.39 -11.64
C ILE C 175 23.59 3.19 -10.39
N PRO C 176 23.70 4.53 -10.49
CA PRO C 176 24.05 5.33 -9.31
C PRO C 176 22.96 5.28 -8.24
N ILE C 177 23.39 5.16 -6.99
CA ILE C 177 22.50 5.08 -5.84
C ILE C 177 23.04 5.96 -4.72
N HIS C 178 22.26 6.06 -3.65
CA HIS C 178 22.61 6.84 -2.47
C HIS C 178 22.30 6.03 -1.24
N TYR C 179 22.91 6.40 -0.12
CA TYR C 179 22.71 5.72 1.16
C TYR C 179 22.29 6.75 2.20
N CYS C 180 21.15 6.51 2.83
CA CYS C 180 20.62 7.39 3.87
C CYS C 180 20.33 6.59 5.13
N ALA C 181 20.47 7.26 6.28
CA ALA C 181 20.25 6.69 7.60
C ALA C 181 18.86 7.08 8.12
N PRO C 182 18.24 6.22 8.95
CA PRO C 182 16.92 6.57 9.49
C PRO C 182 17.00 7.59 10.61
N ALA C 183 15.87 7.83 11.28
CA ALA C 183 15.83 8.79 12.38
C ALA C 183 16.71 8.33 13.53
N GLY C 184 17.39 9.29 14.17
CA GLY C 184 18.27 8.99 15.26
C GLY C 184 19.68 8.64 14.84
N TYR C 185 19.98 8.71 13.54
CA TYR C 185 21.31 8.41 13.02
C TYR C 185 21.69 9.43 11.96
N ALA C 186 22.99 9.64 11.80
CA ALA C 186 23.50 10.60 10.83
C ALA C 186 24.85 10.10 10.32
N ILE C 187 25.25 10.62 9.15
CA ILE C 187 26.50 10.26 8.52
C ILE C 187 27.39 11.49 8.48
N LEU C 188 28.63 11.35 8.94
CA LEU C 188 29.59 12.44 8.96
C LEU C 188 30.42 12.41 7.69
N LYS C 189 30.49 13.55 7.00
CA LYS C 189 31.24 13.68 5.76
C LYS C 189 32.46 14.57 5.98
N CYS C 190 33.61 14.11 5.50
CA CYS C 190 34.87 14.85 5.61
C CYS C 190 35.19 15.47 4.26
N ASN C 191 35.32 16.80 4.24
CA ASN C 191 35.62 17.53 3.02
C ASN C 191 37.12 17.74 2.82
N ASN C 192 37.96 17.27 3.74
CA ASN C 192 39.40 17.42 3.62
C ASN C 192 39.93 16.49 2.55
N LYS C 193 40.55 17.06 1.51
CA LYS C 193 41.07 16.25 0.42
C LYS C 193 42.31 15.45 0.86
N THR C 194 43.23 16.09 1.59
CA THR C 194 44.44 15.41 2.05
C THR C 194 44.10 14.70 3.36
N PHE C 195 43.39 13.59 3.23
CA PHE C 195 42.98 12.80 4.38
C PHE C 195 42.95 11.33 4.01
N ASN C 196 43.64 10.50 4.77
CA ASN C 196 43.69 9.07 4.51
C ASN C 196 42.56 8.38 5.27
N GLY C 197 42.62 7.05 5.33
CA GLY C 197 41.57 6.31 6.03
C GLY C 197 41.55 6.52 7.53
N THR C 198 42.71 6.51 8.16
CA THR C 198 42.81 6.71 9.60
C THR C 198 43.13 8.16 9.92
N GLY C 199 43.30 8.45 11.20
CA GLY C 199 43.62 9.78 11.67
C GLY C 199 42.38 10.62 11.91
N PRO C 200 42.55 11.75 12.60
CA PRO C 200 41.41 12.63 12.89
C PRO C 200 41.01 13.44 11.67
N CYS C 201 39.80 13.97 11.73
CA CYS C 201 39.23 14.79 10.66
C CYS C 201 38.87 16.16 11.22
N ASN C 202 39.46 17.21 10.66
CA ASN C 202 39.18 18.56 11.13
C ASN C 202 37.89 19.10 10.51
N ASN C 203 37.85 19.22 9.19
CA ASN C 203 36.67 19.71 8.49
C ASN C 203 35.72 18.53 8.31
N VAL C 204 34.68 18.48 9.13
CA VAL C 204 33.69 17.42 9.09
C VAL C 204 32.31 18.06 8.90
N SER C 205 31.45 17.41 8.11
CA SER C 205 30.11 17.89 7.85
C SER C 205 29.12 16.76 8.02
N THR C 206 27.90 17.12 8.43
CA THR C 206 26.83 16.16 8.66
C THR C 206 25.85 16.23 7.49
N VAL C 207 25.63 15.09 6.83
CA VAL C 207 24.71 15.02 5.71
C VAL C 207 23.80 13.81 5.93
N GLN C 208 22.58 13.90 5.40
CA GLN C 208 21.61 12.82 5.56
C GLN C 208 21.77 11.71 4.53
N CYS C 209 22.21 12.05 3.32
CA CYS C 209 22.39 11.05 2.27
C CYS C 209 23.73 11.27 1.57
N THR C 210 24.23 10.18 0.99
CA THR C 210 25.50 10.22 0.27
C THR C 210 25.30 10.80 -1.13
N HIS C 211 26.39 10.93 -1.87
CA HIS C 211 26.35 11.48 -3.22
C HIS C 211 25.95 10.37 -4.21
N GLY C 212 26.02 10.68 -5.49
CA GLY C 212 25.67 9.73 -6.52
C GLY C 212 26.79 8.74 -6.79
N ILE C 213 27.00 7.82 -5.84
CA ILE C 213 28.05 6.82 -5.98
C ILE C 213 27.66 5.80 -7.03
N LYS C 214 28.63 5.39 -7.85
CA LYS C 214 28.43 4.42 -8.92
C LYS C 214 29.47 3.32 -8.74
N PRO C 215 29.21 2.34 -7.87
CA PRO C 215 30.17 1.26 -7.66
C PRO C 215 30.19 0.29 -8.83
N VAL C 216 31.33 -0.36 -9.00
CA VAL C 216 31.52 -1.34 -10.07
C VAL C 216 32.53 -2.38 -9.60
N VAL C 217 32.28 -3.64 -9.95
CA VAL C 217 33.17 -4.72 -9.57
C VAL C 217 34.35 -4.74 -10.54
N SER C 218 35.56 -4.88 -9.99
CA SER C 218 36.77 -4.90 -10.79
C SER C 218 37.90 -5.55 -10.01
N THR C 219 38.95 -5.91 -10.74
CA THR C 219 40.15 -6.52 -10.19
C THR C 219 41.34 -5.72 -10.67
N GLN C 220 42.21 -5.32 -9.74
CA GLN C 220 43.43 -4.53 -9.92
C GLN C 220 43.17 -3.11 -10.41
N LEU C 221 41.90 -2.69 -10.53
CA LEU C 221 41.54 -1.36 -10.99
C LEU C 221 40.23 -0.97 -10.31
N LEU C 222 39.87 0.30 -10.44
CA LEU C 222 38.64 0.81 -9.83
C LEU C 222 37.55 1.17 -10.84
N LEU C 223 37.94 1.55 -12.05
CA LEU C 223 37.04 1.94 -13.17
C LEU C 223 36.19 3.13 -12.73
N ASN C 224 34.86 3.06 -12.84
CA ASN C 224 34.00 4.17 -12.45
C ASN C 224 34.04 4.40 -10.95
N GLY C 225 34.07 5.67 -10.56
CA GLY C 225 34.11 6.02 -9.15
C GLY C 225 34.45 7.48 -8.98
N SER C 226 34.37 7.92 -7.72
CA SER C 226 34.67 9.31 -7.39
C SER C 226 36.17 9.56 -7.46
N LEU C 227 36.52 10.79 -7.84
CA LEU C 227 37.91 11.20 -7.96
C LEU C 227 38.32 12.05 -6.75
N ALA C 228 39.63 12.30 -6.66
CA ALA C 228 40.19 13.10 -5.58
C ALA C 228 41.00 14.26 -6.15
N GLU C 229 40.94 15.38 -5.45
CA GLU C 229 41.67 16.57 -5.86
C GLU C 229 43.06 16.57 -5.23
N GLU C 230 43.76 17.69 -5.36
CA GLU C 230 45.13 17.95 -4.85
C GLU C 230 46.09 16.93 -5.47
N GLU C 231 47.15 16.57 -4.76
CA GLU C 231 48.12 15.62 -5.25
C GLU C 231 47.64 14.18 -5.03
N ILE C 232 48.53 13.22 -5.29
CA ILE C 232 48.19 11.82 -5.11
C ILE C 232 48.08 11.51 -3.62
N ILE C 233 47.23 10.54 -3.28
CA ILE C 233 47.02 10.14 -1.90
C ILE C 233 47.03 8.62 -1.80
N ILE C 234 47.62 8.13 -0.71
CA ILE C 234 47.74 6.70 -0.44
C ILE C 234 47.20 6.43 0.95
N ARG C 235 46.73 5.19 1.14
CA ARG C 235 46.19 4.78 2.44
C ARG C 235 46.31 3.28 2.59
N SER C 236 46.33 2.84 3.84
CA SER C 236 46.44 1.43 4.21
C SER C 236 46.04 1.31 5.68
N GLU C 237 46.06 0.08 6.17
CA GLU C 237 45.71 -0.15 7.56
C GLU C 237 46.94 -0.07 8.48
N ASN C 238 48.05 -0.66 8.06
CA ASN C 238 49.26 -0.65 8.86
C ASN C 238 50.50 -0.22 8.07
N LEU C 239 50.55 -0.49 6.77
CA LEU C 239 51.62 -0.20 5.81
C LEU C 239 52.90 -0.99 6.10
N THR C 240 52.91 -1.86 7.11
CA THR C 240 54.07 -2.67 7.47
C THR C 240 53.89 -4.13 7.07
N ASP C 241 52.73 -4.71 7.36
CA ASP C 241 52.47 -6.10 7.01
C ASP C 241 52.24 -6.23 5.51
N ASN C 242 52.89 -7.22 4.90
CA ASN C 242 52.74 -7.45 3.46
C ASN C 242 51.39 -8.04 3.07
N ALA C 243 50.67 -8.65 4.02
CA ALA C 243 49.38 -9.22 3.69
C ALA C 243 48.30 -8.16 3.51
N LYS C 244 48.46 -7.02 4.17
CA LYS C 244 47.47 -5.95 4.04
C LYS C 244 47.57 -5.27 2.69
N THR C 245 46.41 -5.01 2.09
CA THR C 245 46.36 -4.38 0.78
C THR C 245 46.52 -2.86 0.90
N ILE C 246 47.08 -2.27 -0.15
CA ILE C 246 47.31 -0.82 -0.22
C ILE C 246 46.56 -0.31 -1.45
N ILE C 247 45.69 0.68 -1.24
CA ILE C 247 44.91 1.26 -2.32
C ILE C 247 45.33 2.72 -2.51
N VAL C 248 45.46 3.12 -3.76
CA VAL C 248 45.86 4.47 -4.15
C VAL C 248 44.74 5.10 -4.95
N HIS C 249 44.32 6.29 -4.56
CA HIS C 249 43.25 7.02 -5.24
C HIS C 249 43.87 8.02 -6.22
N LEU C 250 43.62 7.82 -7.51
CA LEU C 250 44.16 8.68 -8.54
C LEU C 250 43.40 10.01 -8.61
N ASN C 251 44.04 10.98 -9.27
CA ASN C 251 43.48 12.32 -9.46
C ASN C 251 42.99 12.56 -10.87
N GLU C 252 43.83 12.27 -11.87
CA GLU C 252 43.48 12.44 -13.26
C GLU C 252 42.98 11.12 -13.81
N SER C 253 41.77 11.15 -14.39
CA SER C 253 41.17 9.95 -14.93
C SER C 253 41.86 9.53 -16.24
N VAL C 254 42.10 8.23 -16.37
CA VAL C 254 42.72 7.67 -17.55
C VAL C 254 41.61 7.10 -18.42
N GLU C 255 41.55 7.57 -19.67
CA GLU C 255 40.51 7.12 -20.61
C GLU C 255 40.71 5.66 -21.00
N ILE C 256 39.86 4.79 -20.46
CA ILE C 256 39.90 3.36 -20.77
C ILE C 256 38.50 2.97 -21.27
N ASN C 257 38.45 2.53 -22.53
CA ASN C 257 37.19 2.14 -23.14
C ASN C 257 37.19 0.72 -23.69
N CYS C 258 38.23 0.35 -24.46
CA CYS C 258 38.46 -0.96 -25.08
C CYS C 258 37.39 -1.33 -26.12
N THR C 259 37.71 -2.33 -26.94
CA THR C 259 36.81 -2.80 -27.99
C THR C 259 36.73 -4.32 -27.95
N ARG C 260 35.63 -4.84 -28.48
CA ARG C 260 35.39 -6.29 -28.54
C ARG C 260 35.12 -6.59 -30.01
N PRO C 261 36.17 -6.90 -30.79
CA PRO C 261 35.99 -7.19 -32.23
C PRO C 261 35.43 -8.58 -32.53
N ASN C 262 34.14 -8.74 -32.30
CA ASN C 262 33.46 -10.00 -32.54
C ASN C 262 32.00 -9.71 -32.83
N ASN C 263 31.35 -10.62 -33.57
CA ASN C 263 29.95 -10.46 -33.95
C ASN C 263 29.02 -11.37 -33.13
N MET C 264 29.27 -12.69 -33.17
CA MET C 264 28.50 -13.75 -32.50
C MET C 264 27.05 -13.84 -32.96
N THR C 265 26.34 -14.87 -32.50
CA THR C 265 24.95 -15.11 -32.86
C THR C 265 24.16 -15.41 -31.58
N ARG C 266 22.88 -15.77 -31.77
CA ARG C 266 21.98 -16.10 -30.68
C ARG C 266 21.32 -17.45 -30.98
N LYS C 267 21.20 -18.29 -29.96
CA LYS C 267 20.59 -19.61 -30.12
C LYS C 267 19.81 -19.97 -28.88
N SER C 268 18.63 -20.57 -29.08
CA SER C 268 17.75 -20.99 -28.00
C SER C 268 17.44 -22.48 -28.20
N ILE C 269 17.75 -23.28 -27.19
CA ILE C 269 17.53 -24.72 -27.23
C ILE C 269 16.61 -25.10 -26.07
N ARG C 270 15.53 -25.81 -26.38
CA ARG C 270 14.58 -26.24 -25.36
C ARG C 270 15.11 -27.48 -24.66
N ILE C 271 15.13 -27.45 -23.33
CA ILE C 271 15.62 -28.57 -22.54
C ILE C 271 14.57 -29.69 -22.51
N GLN C 275 13.66 -22.74 -19.56
CA GLN C 275 14.44 -23.73 -20.28
C GLN C 275 14.75 -23.28 -21.71
N THR C 276 14.86 -21.97 -21.90
CA THR C 276 15.15 -21.44 -23.22
C THR C 276 16.62 -21.65 -23.61
N PHE C 277 17.52 -21.69 -22.63
CA PHE C 277 18.96 -21.88 -22.80
C PHE C 277 19.55 -20.84 -23.77
N TYR C 278 19.45 -19.59 -23.34
CA TYR C 278 19.94 -18.45 -24.12
C TYR C 278 21.46 -18.50 -24.20
N ALA C 279 21.98 -18.69 -25.41
CA ALA C 279 23.43 -18.78 -25.62
C ALA C 279 23.74 -18.43 -27.07
N LEU C 280 25.04 -18.32 -27.36
CA LEU C 280 25.49 -18.02 -28.72
C LEU C 280 25.51 -19.28 -29.58
N GLY C 281 25.09 -19.14 -30.83
CA GLY C 281 25.06 -20.29 -31.72
C GLY C 281 26.35 -20.49 -32.51
N ASP C 282 26.72 -19.48 -33.31
CA ASP C 282 27.92 -19.57 -34.13
C ASP C 282 28.57 -18.22 -34.38
N ILE C 283 29.46 -18.16 -35.37
CA ILE C 283 30.17 -16.96 -35.73
C ILE C 283 29.96 -16.64 -37.22
N ILE C 284 29.65 -15.38 -37.50
CA ILE C 284 29.44 -14.88 -38.85
C ILE C 284 30.62 -13.98 -39.19
N GLY C 285 31.40 -14.38 -40.19
CA GLY C 285 32.56 -13.60 -40.59
C GLY C 285 33.88 -14.26 -40.23
N ASP C 286 34.57 -13.71 -39.24
CA ASP C 286 35.85 -14.26 -38.83
C ASP C 286 35.97 -14.19 -37.31
N ILE C 287 36.85 -15.02 -36.77
CA ILE C 287 37.11 -15.09 -35.34
C ILE C 287 38.34 -14.24 -35.03
N ARG C 288 38.18 -13.26 -34.14
CA ARG C 288 39.30 -12.37 -33.74
C ARG C 288 39.23 -12.11 -32.24
N GLN C 289 40.29 -12.44 -31.50
CA GLN C 289 40.28 -12.30 -30.00
C GLN C 289 40.04 -10.83 -29.62
N PRO C 290 39.36 -10.56 -28.49
CA PRO C 290 39.12 -9.17 -28.04
C PRO C 290 40.40 -8.56 -27.45
N HIS C 291 40.81 -7.40 -27.97
CA HIS C 291 42.06 -6.76 -27.51
C HIS C 291 42.02 -5.26 -27.83
N CYS C 292 42.74 -4.44 -27.06
CA CYS C 292 42.67 -2.97 -27.27
C CYS C 292 43.92 -2.26 -26.74
N ASN C 293 44.00 -0.94 -26.96
CA ASN C 293 45.11 -0.13 -26.51
C ASN C 293 44.64 0.94 -25.54
N ILE C 294 45.55 1.35 -24.65
CA ILE C 294 45.30 2.37 -23.64
C ILE C 294 46.29 3.50 -23.92
N SER C 295 45.97 4.70 -23.44
CA SER C 295 46.83 5.87 -23.62
C SER C 295 48.17 5.67 -22.94
N GLU C 296 49.25 6.01 -23.65
CA GLU C 296 50.60 5.84 -23.12
C GLU C 296 51.03 7.03 -22.28
N ALA C 297 50.74 8.25 -22.74
CA ALA C 297 51.13 9.46 -22.01
C ALA C 297 50.43 9.56 -20.66
N LYS C 298 49.13 9.27 -20.63
CA LYS C 298 48.39 9.32 -19.38
C LYS C 298 48.87 8.26 -18.39
N TRP C 299 49.16 7.05 -18.91
CA TRP C 299 49.66 5.98 -18.05
C TRP C 299 51.03 6.32 -17.49
N ASN C 300 51.92 6.90 -18.31
CA ASN C 300 53.25 7.27 -17.84
C ASN C 300 53.16 8.38 -16.81
N LYS C 301 52.28 9.37 -17.03
CA LYS C 301 52.13 10.47 -16.08
C LYS C 301 51.58 9.97 -14.75
N THR C 302 50.58 9.09 -14.79
CA THR C 302 50.02 8.56 -13.55
C THR C 302 51.02 7.67 -12.82
N LEU C 303 51.83 6.91 -13.57
CA LEU C 303 52.84 6.06 -12.97
C LEU C 303 53.92 6.90 -12.28
N GLN C 304 54.33 7.99 -12.91
CA GLN C 304 55.33 8.86 -12.29
C GLN C 304 54.75 9.57 -11.07
N ARG C 305 53.47 9.96 -11.15
CA ARG C 305 52.81 10.63 -10.03
C ARG C 305 52.69 9.71 -8.82
N VAL C 306 52.36 8.44 -9.04
CA VAL C 306 52.27 7.55 -7.89
C VAL C 306 53.67 7.16 -7.40
N LYS C 307 54.65 7.03 -8.31
CA LYS C 307 56.01 6.69 -7.92
C LYS C 307 56.67 7.80 -7.13
N LYS C 308 56.19 9.04 -7.28
CA LYS C 308 56.76 10.15 -6.52
C LYS C 308 56.49 10.00 -5.03
N LYS C 309 55.38 9.37 -4.65
CA LYS C 309 55.06 9.18 -3.23
C LYS C 309 55.31 7.75 -2.75
N LEU C 310 55.42 6.76 -3.65
CA LEU C 310 55.70 5.39 -3.19
C LEU C 310 57.08 5.27 -2.51
N LYS C 311 58.00 6.20 -2.78
CA LYS C 311 59.31 6.18 -2.14
C LYS C 311 59.24 6.70 -0.71
N GLU C 312 58.16 7.37 -0.34
CA GLU C 312 57.99 7.92 0.99
C GLU C 312 57.47 6.84 1.94
N HIS C 313 57.21 7.26 3.19
CA HIS C 313 56.71 6.42 4.29
C HIS C 313 57.57 5.19 4.55
N ASN C 316 61.59 5.20 1.72
CA ASN C 316 63.02 5.57 1.53
C ASN C 316 63.68 4.60 0.55
N LYS C 317 63.49 3.30 0.76
CA LYS C 317 64.08 2.26 -0.13
C LYS C 317 63.56 2.46 -1.57
N THR C 318 64.34 2.07 -2.58
CA THR C 318 63.89 2.17 -3.95
C THR C 318 62.57 1.43 -4.13
N ILE C 319 61.91 1.72 -5.25
CA ILE C 319 60.62 1.10 -5.58
C ILE C 319 60.71 0.52 -6.98
N LYS C 320 59.90 -0.51 -7.22
CA LYS C 320 59.85 -1.16 -8.51
C LYS C 320 58.46 -1.72 -8.74
N PHE C 321 58.12 -1.92 -10.01
CA PHE C 321 56.82 -2.46 -10.40
C PHE C 321 57.02 -3.84 -11.01
N ALA C 322 56.29 -4.81 -10.48
CA ALA C 322 56.36 -6.19 -10.93
C ALA C 322 54.94 -6.73 -11.03
N PRO C 323 54.70 -7.73 -11.90
CA PRO C 323 53.34 -8.29 -12.03
C PRO C 323 52.94 -9.12 -10.82
N SER C 324 51.75 -9.74 -10.88
CA SER C 324 51.25 -10.55 -9.79
C SER C 324 52.09 -11.81 -9.60
N SER C 325 52.00 -12.37 -8.39
CA SER C 325 52.76 -13.57 -8.05
C SER C 325 52.31 -14.77 -8.88
N GLY C 326 51.00 -14.92 -9.08
CA GLY C 326 50.51 -16.04 -9.86
C GLY C 326 49.12 -16.48 -9.48
N GLY C 327 48.97 -17.78 -9.21
CA GLY C 327 47.67 -18.31 -8.85
C GLY C 327 46.83 -18.66 -10.07
N ASP C 328 45.53 -18.78 -9.84
CA ASP C 328 44.60 -19.10 -10.90
C ASP C 328 44.21 -17.83 -11.65
N LEU C 329 43.15 -17.91 -12.46
CA LEU C 329 42.67 -16.79 -13.25
C LEU C 329 41.96 -15.79 -12.33
N GLU C 330 41.53 -14.67 -12.93
CA GLU C 330 40.82 -13.52 -12.36
C GLU C 330 41.47 -12.90 -11.12
N ILE C 331 42.74 -13.22 -10.86
CA ILE C 331 43.46 -12.63 -9.73
C ILE C 331 44.83 -12.11 -10.15
N THR C 332 45.38 -12.55 -11.28
CA THR C 332 46.65 -12.09 -11.79
C THR C 332 46.49 -11.19 -13.01
N THR C 333 45.28 -11.14 -13.57
CA THR C 333 44.95 -10.33 -14.72
C THR C 333 43.81 -9.41 -14.35
N HIS C 334 43.65 -8.32 -15.11
CA HIS C 334 42.58 -7.38 -14.82
C HIS C 334 41.24 -7.96 -15.25
N SER C 335 40.25 -7.87 -14.37
CA SER C 335 38.91 -8.37 -14.61
C SER C 335 37.90 -7.24 -14.44
N PHE C 336 37.02 -7.08 -15.42
CA PHE C 336 36.00 -6.04 -15.37
C PHE C 336 34.84 -6.42 -16.26
N ASN C 337 33.70 -5.78 -16.02
CA ASN C 337 32.48 -6.01 -16.77
C ASN C 337 32.24 -4.87 -17.74
N CYS C 338 31.57 -5.18 -18.87
CA CYS C 338 31.26 -4.19 -19.89
C CYS C 338 29.87 -4.48 -20.43
N ARG C 339 28.86 -3.84 -19.81
CA ARG C 339 27.45 -3.97 -20.16
C ARG C 339 26.98 -5.43 -20.14
N GLY C 340 27.13 -6.05 -18.97
CA GLY C 340 26.72 -7.43 -18.79
C GLY C 340 27.66 -8.46 -19.37
N GLU C 341 28.87 -8.07 -19.78
CA GLU C 341 29.84 -9.00 -20.35
C GLU C 341 31.15 -8.87 -19.60
N PHE C 342 31.64 -10.00 -19.08
CA PHE C 342 32.89 -10.01 -18.34
C PHE C 342 34.09 -10.03 -19.28
N PHE C 343 35.11 -9.25 -18.94
CA PHE C 343 36.33 -9.15 -19.74
C PHE C 343 37.54 -9.42 -18.85
N TYR C 344 38.43 -10.30 -19.31
CA TYR C 344 39.65 -10.66 -18.60
C TYR C 344 40.81 -10.21 -19.48
N CYS C 345 41.47 -9.11 -19.12
CA CYS C 345 42.58 -8.57 -19.90
C CYS C 345 43.91 -8.78 -19.17
N ASN C 346 44.93 -9.13 -19.93
CA ASN C 346 46.28 -9.37 -19.41
C ASN C 346 46.96 -8.02 -19.23
N THR C 347 47.06 -7.56 -17.98
CA THR C 347 47.69 -6.28 -17.67
C THR C 347 49.04 -6.46 -16.97
N SER C 348 49.74 -7.56 -17.27
CA SER C 348 51.03 -7.81 -16.65
C SER C 348 52.12 -6.93 -17.24
N LYS C 349 52.02 -6.57 -18.52
CA LYS C 349 53.01 -5.73 -19.16
C LYS C 349 52.92 -4.27 -18.73
N LEU C 350 51.80 -3.85 -18.15
CA LEU C 350 51.66 -2.48 -17.70
C LEU C 350 52.49 -2.21 -16.46
N PHE C 351 52.66 -3.21 -15.61
CA PHE C 351 53.44 -3.10 -14.37
C PHE C 351 54.83 -3.70 -14.54
N ASN C 352 55.42 -3.56 -15.72
CA ASN C 352 56.75 -4.07 -16.01
C ASN C 352 57.61 -2.95 -16.58
N SER C 353 58.82 -3.32 -17.00
CA SER C 353 59.83 -2.43 -17.60
C SER C 353 60.16 -1.23 -16.71
N ILE C 364 49.58 1.27 -25.58
CA ILE C 364 49.98 -0.01 -25.01
C ILE C 364 48.88 -1.04 -25.24
N THR C 365 49.14 -2.01 -26.11
CA THR C 365 48.17 -3.04 -26.40
C THR C 365 48.07 -4.03 -25.25
N LEU C 366 46.87 -4.57 -25.04
CA LEU C 366 46.63 -5.53 -23.97
C LEU C 366 45.76 -6.68 -24.47
N PRO C 367 46.29 -7.90 -24.50
CA PRO C 367 45.47 -9.03 -24.95
C PRO C 367 44.42 -9.37 -23.90
N CYS C 368 43.19 -9.62 -24.36
CA CYS C 368 42.10 -9.94 -23.47
C CYS C 368 41.44 -11.25 -23.86
N ARG C 369 40.99 -11.98 -22.85
CA ARG C 369 40.32 -13.26 -23.01
C ARG C 369 38.90 -13.13 -22.46
N ILE C 370 37.93 -13.71 -23.17
CA ILE C 370 36.54 -13.67 -22.78
C ILE C 370 36.07 -15.06 -22.40
N LYS C 371 35.24 -15.15 -21.37
CA LYS C 371 34.69 -16.40 -20.88
C LYS C 371 33.30 -16.13 -20.30
N GLN C 372 32.44 -17.13 -20.36
CA GLN C 372 31.09 -16.94 -19.84
C GLN C 372 30.92 -17.47 -18.41
N ILE C 373 31.45 -18.66 -18.11
CA ILE C 373 31.31 -19.20 -16.77
C ILE C 373 32.17 -18.39 -15.80
N ILE C 374 31.63 -18.12 -14.61
CA ILE C 374 32.34 -17.32 -13.61
C ILE C 374 31.81 -17.74 -12.25
N ASN C 375 32.60 -17.45 -11.21
CA ASN C 375 32.27 -17.75 -9.82
C ASN C 375 32.28 -16.46 -8.98
N MET C 376 31.16 -15.74 -9.08
CA MET C 376 30.98 -14.49 -8.38
C MET C 376 30.88 -14.71 -6.87
N TRP C 377 31.44 -13.76 -6.12
CA TRP C 377 31.52 -13.71 -4.65
C TRP C 377 32.37 -14.81 -4.06
N GLN C 378 33.23 -15.44 -4.89
CA GLN C 378 34.12 -16.55 -4.51
C GLN C 378 33.33 -17.70 -3.91
N GLU C 379 32.13 -17.93 -4.45
CA GLU C 379 31.25 -18.98 -3.97
C GLU C 379 31.68 -20.35 -4.50
N VAL C 380 31.49 -21.37 -3.66
CA VAL C 380 31.78 -22.75 -4.01
C VAL C 380 30.44 -23.48 -4.02
N GLY C 381 30.20 -24.25 -5.08
CA GLY C 381 28.95 -24.96 -5.23
C GLY C 381 27.91 -24.22 -6.04
N ARG C 382 28.18 -22.97 -6.40
CA ARG C 382 27.27 -22.15 -7.19
C ARG C 382 28.06 -21.49 -8.31
N ALA C 383 27.45 -21.38 -9.49
CA ALA C 383 28.10 -20.79 -10.64
C ALA C 383 27.11 -19.97 -11.45
N MET C 384 27.64 -19.03 -12.23
CA MET C 384 26.86 -18.16 -13.09
C MET C 384 27.18 -18.47 -14.54
N TYR C 385 26.15 -18.68 -15.35
CA TYR C 385 26.38 -19.00 -16.75
C TYR C 385 26.84 -17.77 -17.54
N ALA C 386 26.20 -16.61 -17.32
CA ALA C 386 26.46 -15.32 -17.94
C ALA C 386 26.53 -15.40 -19.47
N PRO C 387 25.38 -15.52 -20.16
CA PRO C 387 25.42 -15.61 -21.61
C PRO C 387 25.86 -14.31 -22.25
N PRO C 388 26.47 -14.36 -23.44
CA PRO C 388 26.93 -13.13 -24.09
C PRO C 388 25.80 -12.37 -24.79
N ILE C 389 26.16 -11.30 -25.50
CA ILE C 389 25.20 -10.48 -26.23
C ILE C 389 25.56 -10.46 -27.70
N ALA C 390 24.58 -10.19 -28.54
CA ALA C 390 24.78 -10.14 -29.97
C ALA C 390 25.43 -8.84 -30.40
N GLY C 391 26.35 -8.93 -31.36
CA GLY C 391 27.05 -7.78 -31.87
C GLY C 391 28.21 -7.35 -31.00
N ASN C 392 28.99 -6.42 -31.53
CA ASN C 392 30.14 -5.90 -30.80
C ASN C 392 29.70 -4.97 -29.68
N ILE C 393 30.51 -4.92 -28.62
CA ILE C 393 30.22 -4.08 -27.47
C ILE C 393 31.43 -3.16 -27.24
N THR C 394 31.16 -1.92 -26.84
CA THR C 394 32.20 -0.94 -26.57
C THR C 394 31.67 0.04 -25.54
N CYS C 395 32.14 -0.08 -24.31
CA CYS C 395 31.73 0.80 -23.22
C CYS C 395 32.80 1.85 -22.98
N LYS C 396 32.41 2.90 -22.25
CA LYS C 396 33.31 4.00 -21.93
C LYS C 396 33.44 4.11 -20.41
N SER C 397 34.68 4.10 -19.94
CA SER C 397 34.94 4.19 -18.51
C SER C 397 36.19 5.05 -18.29
N ASN C 398 36.62 5.14 -17.03
CA ASN C 398 37.80 5.91 -16.66
C ASN C 398 38.57 5.12 -15.61
N ILE C 399 39.53 5.78 -14.97
CA ILE C 399 40.35 5.17 -13.92
C ILE C 399 40.41 6.14 -12.75
N THR C 400 39.98 5.68 -11.57
CA THR C 400 39.97 6.50 -10.38
C THR C 400 40.73 5.88 -9.21
N GLY C 401 41.34 4.72 -9.40
CA GLY C 401 42.07 4.09 -8.31
C GLY C 401 42.97 2.98 -8.80
N LEU C 402 43.76 2.45 -7.87
CA LEU C 402 44.69 1.36 -8.15
C LEU C 402 44.81 0.47 -6.93
N LEU C 403 45.13 -0.80 -7.16
CA LEU C 403 45.30 -1.78 -6.10
C LEU C 403 46.75 -2.25 -6.08
N LEU C 404 47.39 -2.13 -4.93
CA LEU C 404 48.78 -2.52 -4.75
C LEU C 404 48.93 -3.43 -3.55
N THR C 405 49.81 -4.42 -3.68
CA THR C 405 50.10 -5.37 -2.62
C THR C 405 51.60 -5.39 -2.38
N ARG C 406 52.01 -5.13 -1.14
CA ARG C 406 53.42 -5.12 -0.82
C ARG C 406 53.99 -6.53 -0.79
N ASP C 407 55.16 -6.69 -1.38
CA ASP C 407 55.83 -7.99 -1.43
C ASP C 407 56.85 -8.10 -0.31
N GLY C 408 56.80 -9.21 0.43
CA GLY C 408 57.72 -9.42 1.52
C GLY C 408 59.11 -9.83 1.06
N GLY C 409 60.01 -9.89 2.03
CA GLY C 409 61.39 -10.27 1.76
C GLY C 409 62.21 -9.16 1.13
N GLU C 416 60.17 -1.22 -2.56
CA GLU C 416 60.15 -2.65 -2.86
C GLU C 416 59.38 -2.92 -4.15
N THR C 417 59.20 -4.20 -4.46
CA THR C 417 58.48 -4.62 -5.66
C THR C 417 56.98 -4.62 -5.36
N PHE C 418 56.35 -3.46 -5.55
CA PHE C 418 54.92 -3.31 -5.30
C PHE C 418 54.16 -3.92 -6.48
N ARG C 419 53.55 -5.07 -6.24
CA ARG C 419 52.79 -5.82 -7.24
C ARG C 419 51.29 -5.66 -7.02
N PRO C 420 50.49 -5.64 -8.07
CA PRO C 420 49.03 -5.51 -7.91
C PRO C 420 48.39 -6.86 -7.65
N GLY C 421 47.10 -6.80 -7.31
CA GLY C 421 46.35 -8.01 -7.04
C GLY C 421 45.30 -7.83 -5.95
N GLY C 422 45.36 -8.69 -4.94
CA GLY C 422 44.42 -8.63 -3.84
C GLY C 422 43.17 -9.45 -4.09
N GLY C 423 42.39 -9.06 -5.09
CA GLY C 423 41.17 -9.78 -5.43
C GLY C 423 40.02 -9.55 -4.49
N ASP C 424 40.10 -8.58 -3.59
CA ASP C 424 39.05 -8.28 -2.63
C ASP C 424 38.29 -7.04 -3.10
N MET C 425 36.98 -7.17 -3.23
CA MET C 425 36.14 -6.05 -3.65
C MET C 425 35.81 -5.10 -2.50
N ARG C 426 36.13 -5.49 -1.26
CA ARG C 426 35.86 -4.64 -0.11
C ARG C 426 36.67 -3.36 -0.17
N ASP C 427 37.93 -3.44 -0.60
CA ASP C 427 38.75 -2.23 -0.72
C ASP C 427 38.24 -1.35 -1.86
N ASN C 428 37.73 -1.98 -2.93
CA ASN C 428 37.18 -1.23 -4.05
C ASN C 428 35.95 -0.45 -3.62
N TRP C 429 35.10 -1.06 -2.80
CA TRP C 429 33.92 -0.35 -2.32
C TRP C 429 34.29 0.64 -1.23
N ARG C 430 35.37 0.39 -0.50
CA ARG C 430 35.82 1.30 0.56
C ARG C 430 36.61 2.48 0.00
N SER C 431 36.96 2.45 -1.28
CA SER C 431 37.70 3.56 -1.89
C SER C 431 36.88 4.84 -1.92
N GLU C 432 35.55 4.73 -1.95
CA GLU C 432 34.66 5.89 -1.97
C GLU C 432 33.89 6.07 -0.68
N LEU C 433 33.89 5.08 0.22
CA LEU C 433 33.18 5.16 1.50
C LEU C 433 34.08 5.67 2.62
N TYR C 434 35.28 6.16 2.28
CA TYR C 434 36.19 6.67 3.30
C TYR C 434 35.71 7.98 3.92
N LYS C 435 34.86 8.73 3.22
CA LYS C 435 34.34 9.99 3.72
C LYS C 435 32.94 9.85 4.31
N TYR C 436 32.54 8.63 4.66
CA TYR C 436 31.22 8.39 5.24
C TYR C 436 31.34 7.50 6.46
N LYS C 437 30.64 7.88 7.53
CA LYS C 437 30.64 7.09 8.76
C LYS C 437 29.35 7.36 9.50
N VAL C 438 28.57 6.31 9.75
CA VAL C 438 27.30 6.46 10.45
C VAL C 438 27.58 6.61 11.95
N VAL C 439 26.62 7.22 12.65
CA VAL C 439 26.76 7.46 14.08
C VAL C 439 25.36 7.59 14.68
N GLU C 440 25.26 7.31 15.98
CA GLU C 440 24.00 7.38 16.72
C GLU C 440 24.03 8.60 17.63
N ILE C 441 22.94 9.36 17.63
CA ILE C 441 22.82 10.57 18.44
C ILE C 441 21.93 10.29 19.64
N LYS C 442 22.37 10.76 20.81
CA LYS C 442 21.65 10.61 22.07
C LYS C 442 21.56 11.99 22.69
N PRO C 443 20.49 12.74 22.39
CA PRO C 443 20.38 14.11 22.91
C PRO C 443 19.97 14.24 24.38
N LEU C 444 20.07 13.16 25.15
CA LEU C 444 19.70 13.21 26.57
C LEU C 444 20.91 13.62 27.42
N GLY C 445 21.33 14.87 27.23
CA GLY C 445 22.46 15.38 27.98
C GLY C 445 22.08 15.82 29.39
N ILE C 446 23.08 15.78 30.28
CA ILE C 446 22.90 16.17 31.67
C ILE C 446 23.94 17.24 31.99
N ALA C 447 23.46 18.38 32.49
CA ALA C 447 24.34 19.49 32.85
C ALA C 447 24.04 19.95 34.26
N PRO C 448 25.06 20.34 35.03
CA PRO C 448 24.82 20.80 36.41
C PRO C 448 24.60 22.30 36.50
N THR C 449 23.60 22.67 37.32
CA THR C 449 23.26 24.06 37.54
C THR C 449 22.54 24.17 38.88
N LYS C 450 22.44 25.39 39.38
CA LYS C 450 21.79 25.68 40.65
C LYS C 450 20.34 26.08 40.36
N CYS C 451 19.43 25.14 40.53
CA CYS C 451 18.00 25.38 40.31
C CYS C 451 17.33 25.59 41.66
N LYS C 452 17.41 26.83 42.13
CA LYS C 452 16.86 27.30 43.41
C LYS C 452 17.32 26.47 44.61
N GLN D 1 -1.52 46.02 -8.33
CA GLN D 1 -0.90 46.27 -9.62
C GLN D 1 0.34 45.40 -9.76
N VAL D 2 0.35 44.54 -10.79
CA VAL D 2 1.48 43.65 -11.01
C VAL D 2 2.67 44.43 -11.59
N GLN D 3 3.87 44.10 -11.10
CA GLN D 3 5.09 44.73 -11.55
C GLN D 3 6.07 43.66 -12.02
N LEU D 4 6.88 44.00 -13.01
CA LEU D 4 7.86 43.10 -13.58
C LEU D 4 9.27 43.62 -13.32
N GLN D 5 10.12 42.76 -12.76
CA GLN D 5 11.49 43.11 -12.43
C GLN D 5 12.43 42.02 -12.95
N GLU D 6 13.53 42.41 -13.55
CA GLU D 6 14.51 41.48 -14.09
C GLU D 6 15.91 41.82 -13.61
N SER D 7 16.73 40.79 -13.47
CA SER D 7 18.10 40.93 -13.02
C SER D 7 19.01 40.03 -13.85
N GLY D 8 20.24 40.47 -14.04
CA GLY D 8 21.20 39.71 -14.81
C GLY D 8 22.48 40.48 -15.08
N PRO D 9 23.45 39.83 -15.71
CA PRO D 9 24.72 40.50 -16.01
C PRO D 9 24.57 41.56 -17.10
N GLY D 10 25.44 42.56 -17.04
CA GLY D 10 25.42 43.63 -18.02
C GLY D 10 26.26 43.32 -19.23
N VAL D 11 27.52 42.98 -19.03
CA VAL D 11 28.45 42.64 -20.10
C VAL D 11 28.54 41.12 -20.16
N VAL D 12 28.16 40.54 -21.29
CA VAL D 12 28.17 39.10 -21.48
C VAL D 12 28.95 38.77 -22.74
N LYS D 13 29.98 37.92 -22.59
CA LYS D 13 30.80 37.50 -23.71
C LYS D 13 30.05 36.45 -24.54
N PRO D 14 30.33 36.34 -25.83
CA PRO D 14 29.63 35.36 -26.66
C PRO D 14 30.20 33.95 -26.44
N SER D 15 29.56 32.99 -27.12
CA SER D 15 29.91 31.57 -27.09
C SER D 15 29.87 30.98 -25.68
N GLU D 16 28.71 31.12 -25.03
CA GLU D 16 28.51 30.60 -23.68
C GLU D 16 27.01 30.44 -23.47
N THR D 17 26.63 29.90 -22.30
CA THR D 17 25.23 29.67 -21.96
C THR D 17 24.71 30.87 -21.18
N LEU D 18 24.01 31.76 -21.88
CA LEU D 18 23.45 32.95 -21.27
C LEU D 18 22.23 32.62 -20.42
N SER D 19 22.11 33.26 -19.27
CA SER D 19 21.00 33.04 -18.35
C SER D 19 20.45 34.38 -17.88
N LEU D 20 19.12 34.50 -17.87
CA LEU D 20 18.42 35.70 -17.43
C LEU D 20 17.42 35.34 -16.35
N THR D 21 17.25 36.25 -15.39
CA THR D 21 16.32 36.07 -14.27
C THR D 21 15.31 37.20 -14.27
N CYS D 22 14.04 36.84 -14.03
CA CYS D 22 12.95 37.81 -13.97
C CYS D 22 12.05 37.47 -12.80
N ALA D 23 11.88 38.42 -11.89
CA ALA D 23 11.05 38.23 -10.70
C ALA D 23 9.73 38.96 -10.89
N VAL D 24 8.65 38.34 -10.39
CA VAL D 24 7.30 38.90 -10.50
C VAL D 24 6.83 39.28 -9.11
N SER D 25 6.04 40.35 -9.03
CA SER D 25 5.50 40.85 -7.77
C SER D 25 4.01 41.15 -7.95
N GLY D 26 3.25 40.95 -6.88
CA GLY D 26 1.82 41.21 -6.93
C GLY D 26 1.04 40.00 -7.37
N ASP D 27 1.16 39.63 -8.64
CA ASP D 27 0.47 38.48 -9.20
C ASP D 27 1.41 37.27 -9.20
N SER D 28 0.85 36.11 -8.86
CA SER D 28 1.65 34.89 -8.81
C SER D 28 1.88 34.33 -10.21
N ILE D 29 2.85 33.43 -10.31
CA ILE D 29 3.18 32.79 -11.57
C ILE D 29 2.05 31.86 -12.01
N LYS D 30 1.41 31.20 -11.05
CA LYS D 30 0.32 30.24 -11.27
C LYS D 30 -0.82 30.85 -12.07
N SER D 31 -1.51 31.83 -11.50
CA SER D 31 -2.63 32.59 -12.07
C SER D 31 -3.69 31.66 -12.67
N ALA D 32 -4.32 32.09 -13.76
CA ALA D 32 -5.33 31.30 -14.45
C ALA D 32 -4.91 30.94 -15.86
N TYR D 33 -4.64 31.93 -16.71
CA TYR D 33 -4.22 31.71 -18.10
C TYR D 33 -3.28 32.87 -18.46
N GLN D 34 -1.98 32.66 -18.27
CA GLN D 34 -0.98 33.67 -18.56
C GLN D 34 0.27 33.02 -19.12
N TYR D 35 1.07 33.83 -19.81
CA TYR D 35 2.31 33.39 -20.43
C TYR D 35 3.45 34.31 -20.02
N TRP D 36 4.51 33.73 -19.47
CA TRP D 36 5.69 34.50 -19.05
C TRP D 36 6.75 34.39 -20.15
N ASN D 37 6.40 34.93 -21.31
CA ASN D 37 7.28 34.89 -22.47
C ASN D 37 8.50 35.80 -22.32
N TRP D 38 9.53 35.47 -23.10
CA TRP D 38 10.79 36.22 -23.12
C TRP D 38 10.99 36.79 -24.52
N ILE D 39 11.05 38.11 -24.61
CA ILE D 39 11.23 38.79 -25.89
C ILE D 39 12.41 39.77 -25.78
N ARG D 40 12.91 40.15 -26.95
CA ARG D 40 14.03 41.09 -27.07
C ARG D 40 13.58 42.28 -27.90
N GLN D 41 14.46 43.26 -28.03
CA GLN D 41 14.17 44.47 -28.80
C GLN D 41 15.48 45.04 -29.33
N PRO D 42 15.90 44.63 -30.52
CA PRO D 42 17.16 45.15 -31.08
C PRO D 42 16.99 46.56 -31.61
N ARG D 43 18.10 47.31 -31.59
CA ARG D 43 18.11 48.67 -32.10
C ARG D 43 17.95 48.69 -33.61
N GLY D 44 17.20 49.69 -34.10
CA GLY D 44 16.96 49.84 -35.52
C GLY D 44 15.75 49.11 -36.07
N LYS D 45 15.10 48.28 -35.26
CA LYS D 45 13.92 47.54 -35.72
C LYS D 45 13.02 47.26 -34.53
N GLY D 46 11.94 46.52 -34.79
CA GLY D 46 10.98 46.19 -33.76
C GLY D 46 11.43 45.02 -32.91
N PRO D 47 10.57 44.64 -31.97
CA PRO D 47 10.89 43.53 -31.06
C PRO D 47 10.79 42.18 -31.77
N GLU D 48 11.31 41.15 -31.09
CA GLU D 48 11.31 39.79 -31.60
C GLU D 48 10.95 38.85 -30.45
N TRP D 49 10.11 37.86 -30.75
CA TRP D 49 9.65 36.89 -29.76
C TRP D 49 10.50 35.62 -29.82
N ILE D 50 11.19 35.32 -28.72
CA ILE D 50 12.03 34.14 -28.62
C ILE D 50 11.21 32.91 -28.20
N GLY D 51 10.48 33.01 -27.10
CA GLY D 51 9.69 31.88 -26.66
C GLY D 51 8.83 32.24 -25.48
N GLY D 52 7.95 31.29 -25.12
CA GLY D 52 7.06 31.46 -24.00
C GLY D 52 6.99 30.18 -23.19
N VAL D 53 6.42 30.31 -21.98
CA VAL D 53 6.28 29.19 -21.08
C VAL D 53 4.89 29.24 -20.44
N TYR D 54 4.27 28.07 -20.28
CA TYR D 54 2.97 27.97 -19.67
C TYR D 54 3.09 27.92 -18.14
N SER D 55 2.04 28.36 -17.46
CA SER D 55 2.01 28.39 -16.01
C SER D 55 1.45 27.11 -15.38
N SER D 56 0.41 26.54 -15.99
CA SER D 56 -0.23 25.34 -15.46
C SER D 56 0.36 24.06 -16.05
N SER D 57 0.29 23.90 -17.37
CA SER D 57 0.81 22.71 -18.04
C SER D 57 2.33 22.69 -18.10
N ASP D 58 3.00 23.82 -17.83
CA ASP D 58 4.46 23.96 -17.87
C ASP D 58 5.04 23.60 -19.23
N SER D 59 4.27 23.83 -20.29
CA SER D 59 4.73 23.55 -21.64
C SER D 59 5.55 24.73 -22.16
N THR D 60 6.31 24.47 -23.22
CA THR D 60 7.16 25.50 -23.81
C THR D 60 6.94 25.60 -25.31
N ALA D 61 6.95 26.83 -25.81
CA ALA D 61 6.82 27.15 -27.21
C ALA D 61 8.00 28.03 -27.58
N TYR D 62 8.59 27.78 -28.75
CA TYR D 62 9.75 28.54 -29.17
C TYR D 62 9.60 29.06 -30.60
N ASN D 63 10.48 29.99 -30.94
CA ASN D 63 10.51 30.60 -32.25
C ASN D 63 11.00 29.57 -33.28
N PRO D 64 10.51 29.63 -34.52
CA PRO D 64 10.96 28.67 -35.54
C PRO D 64 12.43 28.76 -35.90
N SER D 65 13.12 29.86 -35.58
CA SER D 65 14.54 30.02 -35.89
C SER D 65 15.40 29.96 -34.63
N LEU D 66 14.85 29.54 -33.49
CA LEU D 66 15.59 29.45 -32.24
C LEU D 66 15.54 28.03 -31.68
N GLU D 67 15.57 27.03 -32.54
CA GLU D 67 15.53 25.64 -32.08
C GLU D 67 16.87 25.21 -31.49
N SER D 68 16.78 24.42 -30.41
CA SER D 68 17.92 23.85 -29.67
C SER D 68 18.87 24.91 -29.12
N ARG D 69 18.39 26.14 -28.91
CA ARG D 69 19.23 27.22 -28.39
C ARG D 69 18.60 27.93 -27.20
N VAL D 70 17.33 27.72 -26.91
CA VAL D 70 16.66 28.38 -25.80
C VAL D 70 15.82 27.34 -25.03
N SER D 71 15.89 27.39 -23.71
CA SER D 71 15.15 26.48 -22.84
C SER D 71 14.65 27.28 -21.66
N ILE D 72 13.35 27.56 -21.62
CA ILE D 72 12.74 28.34 -20.55
C ILE D 72 12.36 27.41 -19.41
N SER D 73 12.76 27.77 -18.20
CA SER D 73 12.47 27.00 -16.99
C SER D 73 11.91 27.95 -15.94
N ARG D 74 11.00 27.41 -15.12
CA ARG D 74 10.38 28.20 -14.07
C ARG D 74 10.17 27.33 -12.83
N ASP D 75 10.11 27.98 -11.68
CA ASP D 75 9.91 27.32 -10.40
C ASP D 75 8.90 28.11 -9.58
N THR D 76 8.13 27.39 -8.76
CA THR D 76 7.13 28.05 -7.92
C THR D 76 7.75 28.82 -6.77
N SER D 77 8.89 28.35 -6.25
CA SER D 77 9.54 29.02 -5.14
C SER D 77 10.23 30.30 -5.61
N ASN D 78 10.31 31.27 -4.69
CA ASN D 78 10.93 32.61 -4.76
C ASN D 78 10.08 33.53 -5.68
N ASN D 79 9.05 32.99 -6.34
CA ASN D 79 8.14 33.71 -7.24
C ASN D 79 8.90 34.40 -8.37
N ARG D 80 9.58 33.58 -9.19
CA ARG D 80 10.34 34.08 -10.31
C ARG D 80 10.49 32.98 -11.36
N PHE D 81 10.86 33.39 -12.57
CA PHE D 81 11.07 32.49 -13.69
C PHE D 81 12.35 32.89 -14.39
N SER D 82 13.13 31.90 -14.82
CA SER D 82 14.41 32.13 -15.48
C SER D 82 14.32 31.81 -16.97
N LEU D 83 15.44 32.06 -17.65
CA LEU D 83 15.58 31.83 -19.09
C LEU D 83 17.01 31.38 -19.37
N ASN D 84 17.16 30.43 -20.29
CA ASN D 84 18.48 29.92 -20.67
C ASN D 84 18.65 30.09 -22.17
N LEU D 85 19.79 30.65 -22.57
CA LEU D 85 20.10 30.90 -23.97
C LEU D 85 21.48 30.38 -24.31
N ARG D 86 21.59 29.69 -25.45
CA ARG D 86 22.85 29.12 -25.91
C ARG D 86 23.19 29.73 -27.26
N SER D 87 24.51 29.82 -27.53
CA SER D 87 25.08 30.37 -28.77
C SER D 87 24.61 31.82 -28.99
N VAL D 88 25.07 32.68 -28.07
CA VAL D 88 24.71 34.09 -28.11
C VAL D 88 25.23 34.75 -29.38
N THR D 89 26.52 34.58 -29.66
CA THR D 89 27.26 35.11 -30.82
C THR D 89 27.11 36.63 -30.86
N ALA D 90 27.10 37.21 -32.06
CA ALA D 90 26.96 38.65 -32.23
C ALA D 90 25.54 39.05 -32.61
N THR D 91 24.60 38.10 -32.65
CA THR D 91 23.22 38.40 -33.01
C THR D 91 22.36 38.73 -31.79
N ASP D 92 22.43 37.91 -30.75
CA ASP D 92 21.66 38.15 -29.53
C ASP D 92 22.27 39.28 -28.73
N THR D 93 21.83 40.52 -29.01
CA THR D 93 22.33 41.70 -28.34
C THR D 93 21.17 42.60 -27.90
N ALA D 94 21.50 43.85 -27.57
CA ALA D 94 20.57 44.90 -27.14
C ALA D 94 19.78 44.55 -25.89
N THR D 95 18.72 45.32 -25.63
CA THR D 95 17.89 45.12 -24.45
C THR D 95 17.03 43.86 -24.55
N TYR D 96 16.64 43.36 -23.39
CA TYR D 96 15.81 42.17 -23.25
C TYR D 96 14.63 42.51 -22.33
N PHE D 97 13.51 41.83 -22.56
CA PHE D 97 12.30 42.08 -21.77
C PHE D 97 11.65 40.77 -21.36
N CYS D 98 10.95 40.81 -20.22
CA CYS D 98 10.22 39.68 -19.67
C CYS D 98 8.81 40.19 -19.35
N ALA D 99 7.96 40.21 -20.38
CA ALA D 99 6.59 40.69 -20.27
C ALA D 99 5.61 39.56 -19.98
N ARG D 100 4.36 39.96 -19.78
CA ARG D 100 3.27 39.04 -19.48
C ARG D 100 2.12 39.27 -20.45
N SER D 101 1.54 38.18 -20.95
CA SER D 101 0.43 38.23 -21.87
C SER D 101 -0.78 37.55 -21.25
N VAL D 102 -1.96 38.12 -21.49
CA VAL D 102 -3.21 37.59 -20.96
C VAL D 102 -4.11 37.15 -22.11
N ARG D 103 -5.06 36.29 -21.79
CA ARG D 103 -5.99 35.78 -22.79
C ARG D 103 -7.02 36.85 -23.14
N ASP D 104 -7.62 36.68 -24.32
CA ASP D 104 -8.63 37.59 -24.82
C ASP D 104 -9.98 36.88 -24.85
N SER D 105 -11.03 37.59 -24.44
CA SER D 105 -12.37 37.02 -24.42
C SER D 105 -13.04 37.03 -25.79
N ARG D 106 -12.52 37.81 -26.75
CA ARG D 106 -13.12 37.86 -28.08
C ARG D 106 -12.86 36.58 -28.86
N GLY D 107 -11.63 36.08 -28.84
CA GLY D 107 -11.28 34.89 -29.57
C GLY D 107 -10.51 33.90 -28.71
N TRP D 108 -10.63 32.63 -29.09
CA TRP D 108 -9.96 31.54 -28.39
C TRP D 108 -8.50 31.48 -28.83
N GLY D 109 -7.60 31.45 -27.85
CA GLY D 109 -6.18 31.39 -28.13
C GLY D 109 -5.52 32.73 -28.40
N ARG D 110 -6.27 33.82 -28.40
CA ARG D 110 -5.69 35.14 -28.64
C ARG D 110 -4.95 35.62 -27.41
N TYR D 111 -3.72 36.11 -27.61
CA TYR D 111 -2.89 36.59 -26.52
C TYR D 111 -2.26 37.93 -26.90
N PHE D 112 -2.18 38.83 -25.92
CA PHE D 112 -1.60 40.15 -26.14
C PHE D 112 -0.92 40.60 -24.85
N LEU D 113 0.20 41.29 -25.00
CA LEU D 113 0.95 41.78 -23.85
C LEU D 113 0.31 43.04 -23.31
N ASP D 114 0.24 43.14 -21.98
CA ASP D 114 -0.34 44.30 -21.34
C ASP D 114 0.61 44.92 -20.32
N THR D 115 1.42 44.09 -19.67
CA THR D 115 2.38 44.53 -18.67
C THR D 115 3.78 44.18 -19.13
N TRP D 116 4.68 45.15 -19.06
CA TRP D 116 6.08 45.00 -19.46
C TRP D 116 6.98 45.25 -18.27
N GLY D 117 8.28 45.14 -18.50
CA GLY D 117 9.29 45.35 -17.48
C GLY D 117 9.92 46.72 -17.57
N GLN D 118 11.25 46.76 -17.54
CA GLN D 118 11.99 48.01 -17.64
C GLN D 118 13.15 47.98 -18.61
N GLY D 119 13.58 46.79 -19.06
CA GLY D 119 14.68 46.70 -20.01
C GLY D 119 16.04 46.53 -19.36
N LEU D 120 16.72 45.44 -19.68
CA LEU D 120 18.05 45.16 -19.15
C LEU D 120 19.03 45.20 -20.31
N LEU D 121 20.06 46.03 -20.18
CA LEU D 121 21.07 46.18 -21.22
C LEU D 121 21.97 44.96 -21.27
N VAL D 122 21.97 44.26 -22.40
CA VAL D 122 22.78 43.08 -22.62
C VAL D 122 23.78 43.43 -23.71
N THR D 123 25.03 43.69 -23.32
CA THR D 123 26.08 44.04 -24.26
C THR D 123 26.98 42.85 -24.53
N VAL D 124 27.35 42.66 -25.79
CA VAL D 124 28.21 41.57 -26.22
C VAL D 124 29.50 42.18 -26.77
N SER D 125 30.63 41.81 -26.16
CA SER D 125 31.93 42.31 -26.58
C SER D 125 32.97 41.24 -26.29
N SER D 126 34.22 41.55 -26.63
CA SER D 126 35.33 40.63 -26.42
C SER D 126 35.74 40.60 -24.96
N GLN E 1 -34.78 -13.19 29.18
CA GLN E 1 -35.94 -13.54 28.37
C GLN E 1 -36.10 -12.49 27.27
N VAL E 2 -36.23 -12.95 26.03
CA VAL E 2 -36.36 -12.02 24.91
C VAL E 2 -37.79 -11.46 24.87
N GLN E 3 -37.89 -10.15 24.64
CA GLN E 3 -39.17 -9.46 24.58
C GLN E 3 -39.23 -8.65 23.30
N LEU E 4 -40.40 -8.63 22.67
CA LEU E 4 -40.62 -7.89 21.43
C LEU E 4 -41.55 -6.72 21.69
N GLN E 5 -41.13 -5.53 21.27
CA GLN E 5 -41.91 -4.31 21.43
C GLN E 5 -41.99 -3.59 20.09
N GLU E 6 -43.18 -3.10 19.76
CA GLU E 6 -43.40 -2.40 18.50
C GLU E 6 -44.01 -1.02 18.77
N SER E 7 -43.73 -0.09 17.87
CA SER E 7 -44.24 1.27 17.97
C SER E 7 -44.60 1.79 16.58
N GLY E 8 -45.53 2.72 16.54
CA GLY E 8 -45.97 3.29 15.29
C GLY E 8 -47.22 4.13 15.43
N PRO E 9 -47.72 4.66 14.32
CA PRO E 9 -48.93 5.49 14.36
C PRO E 9 -50.18 4.66 14.63
N GLY E 10 -51.18 5.31 15.22
CA GLY E 10 -52.43 4.65 15.53
C GLY E 10 -53.42 4.73 14.39
N VAL E 11 -53.67 5.94 13.90
CA VAL E 11 -54.59 6.19 12.80
C VAL E 11 -53.73 6.38 11.55
N VAL E 12 -53.93 5.53 10.55
CA VAL E 12 -53.17 5.59 9.30
C VAL E 12 -54.13 5.72 8.13
N LYS E 13 -53.95 6.78 7.33
CA LYS E 13 -54.77 7.02 6.16
C LYS E 13 -54.25 6.17 4.99
N PRO E 14 -55.11 5.80 4.04
CA PRO E 14 -54.66 5.00 2.91
C PRO E 14 -53.94 5.84 1.86
N SER E 15 -53.57 5.18 0.76
CA SER E 15 -52.88 5.76 -0.40
C SER E 15 -51.54 6.41 -0.03
N GLU E 16 -50.82 5.78 0.90
CA GLU E 16 -49.52 6.27 1.34
C GLU E 16 -48.75 5.07 1.89
N THR E 17 -47.43 5.23 2.06
CA THR E 17 -46.57 4.15 2.53
C THR E 17 -46.62 3.96 4.05
N LEU E 18 -46.87 2.73 4.47
CA LEU E 18 -46.96 2.39 5.88
C LEU E 18 -45.62 1.86 6.39
N SER E 19 -45.24 2.28 7.59
CA SER E 19 -43.98 1.84 8.18
C SER E 19 -44.15 1.66 9.68
N LEU E 20 -43.81 0.47 10.17
CA LEU E 20 -43.90 0.13 11.59
C LEU E 20 -42.51 -0.26 12.08
N THR E 21 -42.15 0.20 13.28
CA THR E 21 -40.85 -0.08 13.87
C THR E 21 -41.04 -1.01 15.06
N CYS E 22 -40.37 -2.15 15.04
CA CYS E 22 -40.42 -3.14 16.11
C CYS E 22 -39.04 -3.23 16.74
N ALA E 23 -38.97 -3.04 18.05
CA ALA E 23 -37.72 -3.09 18.80
C ALA E 23 -37.51 -4.47 19.37
N VAL E 24 -36.25 -4.90 19.43
CA VAL E 24 -35.87 -6.20 19.97
C VAL E 24 -35.04 -5.98 21.22
N SER E 25 -35.49 -6.59 22.32
CA SER E 25 -34.80 -6.47 23.60
C SER E 25 -34.38 -7.86 24.08
N GLY E 26 -33.24 -7.92 24.75
CA GLY E 26 -32.72 -9.17 25.26
C GLY E 26 -31.79 -9.86 24.28
N ASP E 27 -32.35 -10.36 23.18
CA ASP E 27 -31.56 -11.05 22.16
C ASP E 27 -31.03 -10.05 21.14
N SER E 28 -29.91 -10.39 20.52
CA SER E 28 -29.30 -9.53 19.54
C SER E 28 -29.93 -9.75 18.16
N ILE E 29 -29.76 -8.75 17.29
CA ILE E 29 -30.30 -8.84 15.94
C ILE E 29 -29.45 -9.76 15.06
N LYS E 30 -28.20 -10.01 15.45
CA LYS E 30 -27.31 -10.88 14.66
C LYS E 30 -27.80 -12.33 14.72
N SER E 31 -27.87 -12.89 15.94
CA SER E 31 -28.31 -14.25 16.22
C SER E 31 -27.59 -15.33 15.43
N ALA E 32 -28.20 -16.51 15.34
CA ALA E 32 -27.63 -17.63 14.61
C ALA E 32 -28.50 -18.05 13.42
N TYR E 33 -29.75 -18.42 13.66
CA TYR E 33 -30.68 -18.83 12.62
C TYR E 33 -32.07 -18.39 13.08
N GLN E 34 -32.46 -17.17 12.70
CA GLN E 34 -33.74 -16.63 13.09
C GLN E 34 -34.32 -15.76 11.96
N TYR E 35 -35.64 -15.64 11.97
CA TYR E 35 -36.36 -14.84 11.00
C TYR E 35 -37.29 -13.89 11.74
N TRP E 36 -37.16 -12.59 11.47
CA TRP E 36 -38.00 -11.58 12.10
C TRP E 36 -39.22 -11.34 11.22
N ASN E 37 -40.07 -12.36 11.19
CA ASN E 37 -41.28 -12.34 10.37
C ASN E 37 -42.31 -11.35 10.89
N TRP E 38 -43.11 -10.84 9.97
CA TRP E 38 -44.19 -9.89 10.26
C TRP E 38 -45.50 -10.62 9.98
N ILE E 39 -46.36 -10.71 10.99
CA ILE E 39 -47.64 -11.42 10.85
C ILE E 39 -48.77 -10.49 11.28
N ARG E 40 -49.74 -10.30 10.40
CA ARG E 40 -50.91 -9.48 10.67
C ARG E 40 -52.05 -10.40 11.09
N GLN E 41 -53.10 -9.82 11.66
CA GLN E 41 -54.25 -10.60 12.10
C GLN E 41 -55.52 -9.76 11.94
N PRO E 42 -56.28 -9.99 10.88
CA PRO E 42 -57.53 -9.24 10.69
C PRO E 42 -58.58 -9.73 11.67
N ARG E 43 -59.50 -8.83 12.02
CA ARG E 43 -60.55 -9.17 12.97
C ARG E 43 -61.58 -10.09 12.31
N GLY E 44 -61.91 -11.18 12.99
CA GLY E 44 -62.87 -12.14 12.51
C GLY E 44 -62.29 -13.34 11.80
N LYS E 45 -60.99 -13.34 11.50
CA LYS E 45 -60.35 -14.46 10.81
C LYS E 45 -59.00 -14.71 11.44
N GLY E 46 -58.29 -15.72 10.91
CA GLY E 46 -56.99 -16.09 11.40
C GLY E 46 -55.89 -15.17 10.92
N PRO E 47 -54.68 -15.39 11.43
CA PRO E 47 -53.54 -14.54 11.04
C PRO E 47 -53.07 -14.84 9.63
N GLU E 48 -52.33 -13.88 9.07
CA GLU E 48 -51.78 -13.98 7.73
C GLU E 48 -50.31 -13.57 7.74
N TRP E 49 -49.52 -14.21 6.89
CA TRP E 49 -48.09 -13.92 6.80
C TRP E 49 -47.85 -12.78 5.81
N ILE E 50 -46.96 -11.87 6.16
CA ILE E 50 -46.64 -10.73 5.31
C ILE E 50 -45.26 -10.95 4.68
N GLY E 51 -44.23 -11.07 5.51
CA GLY E 51 -42.89 -11.27 5.01
C GLY E 51 -41.92 -11.43 6.15
N GLY E 52 -40.66 -11.68 5.79
CA GLY E 52 -39.61 -11.86 6.77
C GLY E 52 -38.25 -11.54 6.18
N VAL E 53 -37.30 -11.30 7.07
CA VAL E 53 -35.92 -10.99 6.70
C VAL E 53 -34.99 -11.91 7.48
N TYR E 54 -33.94 -12.38 6.82
CA TYR E 54 -32.99 -13.26 7.48
C TYR E 54 -32.04 -12.36 8.27
N SER E 55 -31.58 -12.84 9.42
CA SER E 55 -30.75 -12.01 10.29
C SER E 55 -29.34 -11.76 9.76
N SER E 56 -28.67 -12.77 9.24
CA SER E 56 -27.29 -12.63 8.77
C SER E 56 -27.16 -12.29 7.29
N SER E 57 -27.69 -13.15 6.41
CA SER E 57 -27.59 -12.95 4.96
C SER E 57 -28.45 -11.80 4.44
N ASP E 58 -29.35 -11.25 5.26
CA ASP E 58 -30.26 -10.16 4.91
C ASP E 58 -31.14 -10.55 3.72
N SER E 59 -31.54 -11.82 3.64
CA SER E 59 -32.39 -12.29 2.57
C SER E 59 -33.85 -12.03 2.92
N THR E 60 -34.64 -11.68 1.92
CA THR E 60 -36.05 -11.37 2.14
C THR E 60 -36.96 -12.33 1.39
N ALA E 61 -38.06 -12.69 2.02
CA ALA E 61 -39.08 -13.57 1.49
C ALA E 61 -40.42 -12.90 1.73
N TYR E 62 -41.30 -12.95 0.73
CA TYR E 62 -42.60 -12.30 0.86
C TYR E 62 -43.73 -13.22 0.42
N ASN E 63 -44.93 -12.81 0.80
CA ASN E 63 -46.15 -13.53 0.48
C ASN E 63 -46.42 -13.44 -1.02
N PRO E 64 -46.97 -14.48 -1.65
CA PRO E 64 -47.25 -14.41 -3.10
C PRO E 64 -48.38 -13.47 -3.48
N SER E 65 -49.01 -12.79 -2.53
CA SER E 65 -50.08 -11.83 -2.81
C SER E 65 -49.70 -10.42 -2.38
N LEU E 66 -48.47 -10.21 -1.92
CA LEU E 66 -48.00 -8.90 -1.45
C LEU E 66 -46.71 -8.47 -2.13
N GLU E 67 -46.48 -8.88 -3.38
CA GLU E 67 -45.25 -8.48 -4.05
C GLU E 67 -45.31 -7.03 -4.49
N SER E 68 -44.12 -6.44 -4.63
CA SER E 68 -43.86 -5.05 -5.04
C SER E 68 -44.47 -4.01 -4.10
N ARG E 69 -44.93 -4.42 -2.92
CA ARG E 69 -45.52 -3.51 -1.95
C ARG E 69 -44.93 -3.63 -0.56
N VAL E 70 -44.20 -4.70 -0.25
CA VAL E 70 -43.60 -4.91 1.06
C VAL E 70 -42.09 -4.98 0.88
N SER E 71 -41.37 -4.15 1.65
CA SER E 71 -39.91 -4.11 1.61
C SER E 71 -39.43 -3.98 3.05
N ILE E 72 -38.93 -5.06 3.61
CA ILE E 72 -38.44 -5.09 4.98
C ILE E 72 -36.95 -4.77 5.01
N SER E 73 -36.58 -3.76 5.79
CA SER E 73 -35.20 -3.34 5.94
C SER E 73 -34.83 -3.38 7.41
N ARG E 74 -33.66 -3.95 7.71
CA ARG E 74 -33.18 -4.06 9.08
C ARG E 74 -31.82 -3.39 9.20
N ASP E 75 -31.49 -3.00 10.44
CA ASP E 75 -30.23 -2.36 10.76
C ASP E 75 -29.61 -3.05 11.96
N THR E 76 -28.29 -3.19 11.94
CA THR E 76 -27.59 -3.85 13.04
C THR E 76 -27.62 -3.01 14.31
N SER E 77 -27.56 -1.69 14.18
CA SER E 77 -27.59 -0.81 15.33
C SER E 77 -28.99 -0.71 15.91
N ASN E 78 -29.04 -0.41 17.21
CA ASN E 78 -30.22 -0.22 18.06
C ASN E 78 -31.05 -1.48 18.28
N ASN E 79 -30.69 -2.61 17.67
CA ASN E 79 -31.40 -3.91 17.80
C ASN E 79 -32.88 -3.79 17.45
N ARG E 80 -33.14 -3.43 16.19
CA ARG E 80 -34.51 -3.27 15.72
C ARG E 80 -34.60 -3.59 14.24
N PHE E 81 -35.83 -3.66 13.74
CA PHE E 81 -36.12 -3.94 12.34
C PHE E 81 -37.47 -3.32 12.00
N SER E 82 -37.59 -2.82 10.77
CA SER E 82 -38.81 -2.18 10.32
C SER E 82 -39.19 -2.69 8.94
N LEU E 83 -40.38 -2.30 8.48
CA LEU E 83 -40.88 -2.71 7.18
C LEU E 83 -41.51 -1.50 6.51
N ASN E 84 -41.70 -1.59 5.19
CA ASN E 84 -42.31 -0.53 4.41
C ASN E 84 -43.43 -1.16 3.58
N LEU E 85 -44.68 -0.80 3.89
CA LEU E 85 -45.84 -1.31 3.19
C LEU E 85 -46.46 -0.21 2.35
N ARG E 86 -46.61 -0.46 1.06
CA ARG E 86 -47.18 0.49 0.12
C ARG E 86 -48.59 0.04 -0.28
N SER E 87 -49.44 1.02 -0.59
CA SER E 87 -50.84 0.83 -1.00
C SER E 87 -51.61 0.07 0.08
N VAL E 88 -51.76 0.74 1.23
CA VAL E 88 -52.45 0.17 2.39
C VAL E 88 -53.91 -0.12 2.05
N THR E 89 -54.61 0.87 1.50
CA THR E 89 -56.03 0.84 1.10
C THR E 89 -56.87 0.48 2.33
N ALA E 90 -57.98 -0.23 2.12
CA ALA E 90 -58.86 -0.64 3.21
C ALA E 90 -58.68 -2.10 3.57
N THR E 91 -57.66 -2.77 3.02
CA THR E 91 -57.42 -4.18 3.31
C THR E 91 -56.42 -4.37 4.46
N ASP E 92 -55.29 -3.69 4.40
CA ASP E 92 -54.25 -3.80 5.43
C ASP E 92 -54.72 -3.03 6.66
N THR E 93 -55.54 -3.70 7.47
CA THR E 93 -56.10 -3.12 8.69
C THR E 93 -55.83 -4.01 9.89
N ALA E 94 -56.51 -3.71 11.00
CA ALA E 94 -56.46 -4.41 12.28
C ALA E 94 -55.07 -4.45 12.91
N THR E 95 -54.88 -5.36 13.87
CA THR E 95 -53.62 -5.48 14.58
C THR E 95 -52.51 -6.06 13.72
N TYR E 96 -51.27 -5.73 14.10
CA TYR E 96 -50.06 -6.18 13.45
C TYR E 96 -49.12 -6.74 14.51
N PHE E 97 -48.36 -7.77 14.16
CA PHE E 97 -47.43 -8.39 15.10
C PHE E 97 -46.07 -8.59 14.46
N CYS E 98 -45.03 -8.52 15.29
CA CYS E 98 -43.64 -8.72 14.88
C CYS E 98 -43.10 -9.87 15.72
N ALA E 99 -43.34 -11.10 15.25
CA ALA E 99 -42.91 -12.28 15.96
C ALA E 99 -41.53 -12.74 15.46
N ARG E 100 -40.95 -13.68 16.22
CA ARG E 100 -39.65 -14.25 15.92
C ARG E 100 -39.80 -15.76 15.75
N SER E 101 -39.09 -16.32 14.77
CA SER E 101 -39.13 -17.75 14.50
C SER E 101 -37.74 -18.34 14.62
N VAL E 102 -37.65 -19.52 15.21
CA VAL E 102 -36.40 -20.23 15.41
C VAL E 102 -36.48 -21.52 14.62
N ARG E 103 -35.32 -22.01 14.16
CA ARG E 103 -35.28 -23.24 13.39
C ARG E 103 -35.50 -24.45 14.30
N ASP E 104 -35.93 -25.53 13.68
CA ASP E 104 -36.20 -26.79 14.37
C ASP E 104 -35.16 -27.83 13.98
N SER E 105 -34.73 -28.64 14.95
CA SER E 105 -33.73 -29.66 14.70
C SER E 105 -34.32 -30.92 14.07
N ARG E 106 -35.66 -31.00 13.94
CA ARG E 106 -36.28 -32.18 13.35
C ARG E 106 -36.12 -32.23 11.84
N GLY E 107 -35.80 -31.13 11.19
CA GLY E 107 -35.63 -31.13 9.75
C GLY E 107 -35.00 -29.85 9.24
N TRP E 108 -34.51 -29.91 8.01
CA TRP E 108 -33.87 -28.77 7.37
C TRP E 108 -34.95 -27.84 6.81
N GLY E 109 -34.77 -26.54 7.03
CA GLY E 109 -35.73 -25.56 6.55
C GLY E 109 -36.94 -25.37 7.44
N ARG E 110 -37.02 -26.11 8.55
CA ARG E 110 -38.14 -26.00 9.46
C ARG E 110 -38.07 -24.68 10.22
N TYR E 111 -39.19 -23.95 10.27
CA TYR E 111 -39.22 -22.66 10.96
C TYR E 111 -40.59 -22.44 11.57
N PHE E 112 -40.64 -22.31 12.89
CA PHE E 112 -41.90 -22.08 13.60
C PHE E 112 -41.74 -20.92 14.55
N LEU E 113 -42.82 -20.17 14.74
CA LEU E 113 -42.81 -19.01 15.62
C LEU E 113 -42.94 -19.44 17.08
N ASP E 114 -42.17 -18.78 17.94
CA ASP E 114 -42.22 -19.11 19.36
C ASP E 114 -42.46 -17.90 20.25
N THR E 115 -41.90 -16.74 19.89
CA THR E 115 -42.06 -15.51 20.65
C THR E 115 -42.73 -14.47 19.77
N TRP E 116 -43.79 -13.84 20.30
CA TRP E 116 -44.54 -12.82 19.59
C TRP E 116 -44.35 -11.47 20.26
N GLY E 117 -45.04 -10.47 19.74
CA GLY E 117 -45.00 -9.11 20.24
C GLY E 117 -46.14 -8.81 21.19
N GLN E 118 -46.81 -7.68 20.95
CA GLN E 118 -47.94 -7.28 21.78
C GLN E 118 -49.15 -6.95 20.93
N GLY E 119 -48.93 -6.36 19.76
CA GLY E 119 -50.01 -6.00 18.87
C GLY E 119 -50.30 -4.52 18.87
N LEU E 120 -50.29 -3.91 17.68
CA LEU E 120 -50.53 -2.48 17.52
C LEU E 120 -51.76 -2.31 16.62
N LEU E 121 -52.74 -1.55 17.10
CA LEU E 121 -53.97 -1.31 16.35
C LEU E 121 -53.68 -0.36 15.19
N VAL E 122 -53.78 -0.87 13.97
CA VAL E 122 -53.54 -0.08 12.76
C VAL E 122 -54.92 0.17 12.15
N THR E 123 -55.52 1.30 12.51
CA THR E 123 -56.84 1.66 12.01
C THR E 123 -56.73 2.49 10.74
N VAL E 124 -57.60 2.20 9.78
CA VAL E 124 -57.64 2.90 8.50
C VAL E 124 -59.01 3.55 8.37
N SER E 125 -59.02 4.87 8.18
CA SER E 125 -60.25 5.63 8.03
C SER E 125 -60.00 6.82 7.12
N SER E 126 -61.01 7.65 6.94
CA SER E 126 -60.91 8.83 6.09
C SER E 126 -60.27 9.99 6.85
N ASP F 1 7.41 32.59 -42.55
CA ASP F 1 7.13 33.17 -43.86
C ASP F 1 6.26 34.41 -43.74
N ILE F 2 5.57 34.53 -42.61
CA ILE F 2 4.71 35.68 -42.37
C ILE F 2 5.55 36.90 -42.06
N GLN F 3 5.36 37.95 -42.86
CA GLN F 3 6.09 39.19 -42.66
C GLN F 3 5.09 40.22 -42.16
N MET F 4 5.61 41.34 -41.64
CA MET F 4 4.71 42.36 -41.13
C MET F 4 5.38 43.70 -41.42
N THR F 5 4.82 44.47 -42.35
CA THR F 5 5.37 45.76 -42.73
C THR F 5 4.45 46.91 -42.34
N GLN F 6 5.04 48.04 -41.95
CA GLN F 6 4.30 49.21 -41.52
C GLN F 6 4.53 50.44 -42.41
N SER F 7 4.50 50.26 -43.74
CA SER F 7 4.71 51.35 -44.69
C SER F 7 3.62 52.42 -44.56
N PRO F 8 3.96 53.73 -44.64
CA PRO F 8 5.27 54.36 -44.86
C PRO F 8 6.18 54.34 -43.64
N SER F 9 7.48 54.51 -43.86
CA SER F 9 8.46 54.50 -42.77
C SER F 9 8.27 55.66 -41.80
N SER F 10 8.04 56.86 -42.30
CA SER F 10 7.88 58.01 -41.42
C SER F 10 6.92 59.01 -42.05
N LEU F 11 6.42 59.91 -41.21
CA LEU F 11 5.49 60.95 -41.62
C LEU F 11 5.63 62.13 -40.66
N SER F 12 5.15 63.30 -41.11
CA SER F 12 5.20 64.51 -40.32
C SER F 12 3.80 65.06 -40.12
N ALA F 13 3.57 65.64 -38.95
CA ALA F 13 2.27 66.22 -38.60
C ALA F 13 2.51 67.29 -37.54
N SER F 14 1.42 67.87 -37.03
CA SER F 14 1.48 68.90 -36.01
C SER F 14 0.64 68.47 -34.81
N VAL F 15 0.63 69.30 -33.78
CA VAL F 15 -0.13 69.00 -32.57
C VAL F 15 -1.62 69.19 -32.82
N GLY F 16 -2.43 68.26 -32.32
CA GLY F 16 -3.87 68.33 -32.48
C GLY F 16 -4.38 67.87 -33.83
N ASP F 17 -3.52 67.37 -34.71
CA ASP F 17 -3.93 66.90 -36.02
C ASP F 17 -4.12 65.40 -36.03
N THR F 18 -4.98 64.92 -36.92
CA THR F 18 -5.26 63.49 -37.02
C THR F 18 -4.13 62.79 -37.75
N VAL F 19 -3.61 61.72 -37.13
CA VAL F 19 -2.53 60.93 -37.70
C VAL F 19 -3.06 59.52 -37.93
N THR F 20 -2.96 59.05 -39.17
CA THR F 20 -3.43 57.73 -39.55
C THR F 20 -2.24 56.85 -39.94
N ILE F 21 -2.18 55.65 -39.37
CA ILE F 21 -1.11 54.71 -39.64
C ILE F 21 -1.74 53.39 -40.09
N THR F 22 -1.19 52.80 -41.14
CA THR F 22 -1.68 51.55 -41.69
C THR F 22 -0.53 50.56 -41.82
N CYS F 23 -0.85 49.28 -41.63
CA CYS F 23 0.15 48.23 -41.76
C CYS F 23 -0.58 46.99 -42.26
N ARG F 24 -0.22 46.53 -43.46
CA ARG F 24 -0.86 45.39 -44.09
C ARG F 24 -0.07 44.10 -43.86
N ALA F 25 -0.79 43.04 -43.49
CA ALA F 25 -0.21 41.74 -43.24
C ALA F 25 -0.09 40.94 -44.53
N SER F 26 0.68 39.86 -44.47
CA SER F 26 0.88 39.03 -45.65
C SER F 26 -0.37 38.22 -46.00
N GLN F 27 -1.04 37.66 -44.99
CA GLN F 27 -2.23 36.85 -45.22
C GLN F 27 -3.34 37.34 -44.29
N SER F 28 -4.53 36.77 -44.50
CA SER F 28 -5.68 37.15 -43.69
C SER F 28 -5.56 36.56 -42.29
N ILE F 29 -5.67 37.42 -41.29
CA ILE F 29 -5.58 37.00 -39.88
C ILE F 29 -6.80 37.51 -39.13
N SER F 30 -7.85 37.85 -39.88
CA SER F 30 -9.13 38.36 -39.38
C SER F 30 -8.95 39.60 -38.52
N THR F 31 -9.16 39.47 -37.22
CA THR F 31 -9.01 40.58 -36.28
C THR F 31 -8.04 40.23 -35.16
N TRP F 32 -7.00 39.46 -35.47
CA TRP F 32 -6.01 39.06 -34.48
C TRP F 32 -4.78 39.98 -34.57
N LEU F 33 -5.00 41.24 -34.20
CA LEU F 33 -3.93 42.23 -34.25
C LEU F 33 -4.03 43.14 -33.02
N ALA F 34 -2.86 43.57 -32.53
CA ALA F 34 -2.78 44.47 -31.40
C ALA F 34 -1.81 45.59 -31.73
N TRP F 35 -1.86 46.66 -30.95
CA TRP F 35 -0.99 47.81 -31.14
C TRP F 35 -0.29 48.17 -29.84
N TYR F 36 0.91 48.72 -29.98
CA TYR F 36 1.72 49.12 -28.85
C TYR F 36 2.33 50.49 -29.09
N GLN F 37 2.51 51.24 -28.00
CA GLN F 37 3.09 52.58 -28.06
C GLN F 37 4.43 52.53 -27.35
N GLN F 38 5.51 52.70 -28.12
CA GLN F 38 6.86 52.64 -27.58
C GLN F 38 7.45 54.05 -27.52
N LYS F 39 7.51 54.61 -26.32
CA LYS F 39 8.06 55.93 -26.08
C LYS F 39 9.59 55.84 -26.11
N PRO F 40 10.30 56.99 -26.28
CA PRO F 40 11.76 56.94 -26.27
C PRO F 40 12.29 56.53 -24.90
N GLY F 41 12.83 55.33 -24.81
CA GLY F 41 13.31 54.78 -23.56
C GLY F 41 12.24 53.92 -22.93
N LYS F 42 12.57 53.39 -21.74
CA LYS F 42 11.76 52.51 -20.89
C LYS F 42 11.07 51.38 -21.65
N ALA F 43 9.92 50.91 -21.18
CA ALA F 43 9.18 49.83 -21.82
C ALA F 43 7.90 50.35 -22.46
N PRO F 44 7.48 49.77 -23.58
CA PRO F 44 6.26 50.23 -24.25
C PRO F 44 5.00 49.80 -23.52
N LYS F 45 3.87 50.35 -23.97
CA LYS F 45 2.56 50.08 -23.40
C LYS F 45 1.58 49.74 -24.51
N VAL F 46 0.65 48.83 -24.21
CA VAL F 46 -0.37 48.40 -25.18
C VAL F 46 -1.40 49.51 -25.35
N LEU F 47 -1.97 49.61 -26.56
CA LEU F 47 -2.98 50.62 -26.87
C LEU F 47 -4.34 50.01 -27.13
N ILE F 48 -4.45 49.12 -28.10
CA ILE F 48 -5.73 48.49 -28.44
C ILE F 48 -5.47 47.07 -28.93
N TYR F 49 -6.28 46.14 -28.45
CA TYR F 49 -6.19 44.73 -28.82
C TYR F 49 -7.40 44.35 -29.64
N SER F 50 -7.21 43.32 -30.48
CA SER F 50 -8.22 42.75 -31.40
C SER F 50 -8.71 43.75 -32.44
N ALA F 51 -7.96 44.85 -32.63
CA ALA F 51 -8.20 45.94 -33.59
C ALA F 51 -9.50 46.72 -33.38
N SER F 52 -10.30 46.37 -32.36
CA SER F 52 -11.55 47.07 -32.11
C SER F 52 -11.83 47.37 -30.64
N ILE F 53 -11.25 46.64 -29.70
CA ILE F 53 -11.50 46.86 -28.28
C ILE F 53 -10.29 47.57 -27.68
N LEU F 54 -10.47 48.82 -27.28
CA LEU F 54 -9.38 49.59 -26.70
C LEU F 54 -9.08 49.12 -25.28
N GLN F 55 -7.80 49.17 -24.90
CA GLN F 55 -7.38 48.76 -23.58
C GLN F 55 -7.85 49.77 -22.55
N SER F 56 -8.23 49.27 -21.36
CA SER F 56 -8.71 50.14 -20.28
C SER F 56 -7.57 51.02 -19.79
N GLY F 57 -7.61 52.30 -20.17
CA GLY F 57 -6.61 53.27 -19.79
C GLY F 57 -6.16 54.19 -20.92
N VAL F 58 -6.30 53.76 -22.16
CA VAL F 58 -5.90 54.57 -23.31
C VAL F 58 -6.97 55.64 -23.51
N PRO F 59 -6.62 56.85 -23.96
CA PRO F 59 -7.65 57.88 -24.17
C PRO F 59 -8.53 57.55 -25.37
N SER F 60 -9.64 58.29 -25.46
CA SER F 60 -10.61 58.11 -26.53
C SER F 60 -10.10 58.54 -27.91
N ARG F 61 -8.98 59.28 -27.98
CA ARG F 61 -8.46 59.72 -29.26
C ARG F 61 -7.87 58.57 -30.07
N PHE F 62 -7.48 57.48 -29.43
CA PHE F 62 -6.90 56.33 -30.12
C PHE F 62 -8.02 55.40 -30.55
N ARG F 63 -8.20 55.24 -31.86
CA ARG F 63 -9.23 54.39 -32.41
C ARG F 63 -8.63 53.50 -33.50
N GLY F 64 -8.88 52.19 -33.39
CA GLY F 64 -8.37 51.25 -34.37
C GLY F 64 -9.46 50.64 -35.23
N SER F 65 -9.09 50.20 -36.43
CA SER F 65 -10.05 49.60 -37.35
C SER F 65 -9.31 48.63 -38.27
N GLY F 66 -10.02 48.08 -39.23
CA GLY F 66 -9.44 47.14 -40.18
C GLY F 66 -9.70 45.69 -39.78
N SER F 67 -9.73 44.82 -40.79
CA SER F 67 -9.97 43.41 -40.57
C SER F 67 -9.34 42.61 -41.72
N GLY F 68 -9.15 41.33 -41.48
CA GLY F 68 -8.57 40.45 -42.49
C GLY F 68 -7.09 40.68 -42.69
N SER F 69 -6.72 41.24 -43.84
CA SER F 69 -5.33 41.51 -44.17
C SER F 69 -4.96 42.98 -44.11
N ASP F 70 -5.92 43.88 -44.25
CA ASP F 70 -5.66 45.32 -44.20
C ASP F 70 -6.20 45.91 -42.90
N PHE F 71 -5.42 46.83 -42.32
CA PHE F 71 -5.78 47.47 -41.07
C PHE F 71 -5.42 48.95 -41.12
N THR F 72 -6.23 49.76 -40.44
CA THR F 72 -6.03 51.20 -40.40
C THR F 72 -6.41 51.73 -39.02
N LEU F 73 -5.50 52.47 -38.40
CA LEU F 73 -5.73 53.06 -37.08
C LEU F 73 -5.67 54.57 -37.23
N THR F 74 -6.60 55.26 -36.59
CA THR F 74 -6.68 56.71 -36.63
C THR F 74 -6.49 57.28 -35.24
N ILE F 75 -6.06 58.54 -35.20
CA ILE F 75 -5.82 59.26 -33.94
C ILE F 75 -6.71 60.49 -33.95
N GLY F 76 -7.56 60.62 -32.93
CA GLY F 76 -8.45 61.77 -32.84
C GLY F 76 -7.72 63.07 -32.57
N SER F 77 -6.72 63.03 -31.69
CA SER F 77 -5.96 64.21 -31.35
C SER F 77 -4.56 63.79 -30.93
N LEU F 78 -3.56 64.49 -31.46
CA LEU F 78 -2.15 64.21 -31.18
C LEU F 78 -1.71 65.16 -30.07
N GLN F 79 -1.43 64.62 -28.89
CA GLN F 79 -1.02 65.40 -27.74
C GLN F 79 0.49 65.29 -27.53
N ILE F 80 0.98 65.87 -26.43
CA ILE F 80 2.39 65.86 -26.11
C ILE F 80 2.82 64.45 -25.71
N GLU F 81 2.01 63.77 -24.89
CA GLU F 81 2.35 62.42 -24.44
C GLU F 81 2.18 61.38 -25.55
N ASP F 82 1.55 61.72 -26.67
CA ASP F 82 1.36 60.79 -27.77
C ASP F 82 2.54 60.74 -28.73
N PHE F 83 3.57 61.57 -28.53
CA PHE F 83 4.74 61.57 -29.40
C PHE F 83 5.58 60.35 -29.07
N ALA F 84 5.35 59.27 -29.81
CA ALA F 84 6.09 58.02 -29.59
C ALA F 84 6.10 57.23 -30.90
N THR F 85 6.50 55.97 -30.81
CA THR F 85 6.57 55.07 -31.95
C THR F 85 5.47 54.02 -31.82
N TYR F 86 4.75 53.78 -32.92
CA TYR F 86 3.65 52.82 -32.94
C TYR F 86 4.12 51.50 -33.55
N PHE F 87 3.66 50.39 -32.97
CA PHE F 87 4.02 49.06 -33.43
C PHE F 87 2.78 48.18 -33.45
N CYS F 88 2.48 47.59 -34.60
CA CYS F 88 1.34 46.69 -34.74
C CYS F 88 1.88 45.26 -34.75
N GLN F 89 1.44 44.47 -33.78
CA GLN F 89 1.89 43.09 -33.61
C GLN F 89 0.72 42.13 -33.71
N GLN F 90 0.90 41.08 -34.52
CA GLN F 90 -0.11 40.05 -34.72
C GLN F 90 0.19 38.88 -33.79
N TYR F 91 -0.84 38.10 -33.48
CA TYR F 91 -0.70 36.95 -32.60
C TYR F 91 -1.47 35.76 -33.12
N THR F 92 -1.40 35.53 -34.44
CA THR F 92 -2.09 34.39 -35.05
C THR F 92 -1.15 33.19 -35.00
N GLY F 93 -1.03 32.63 -33.79
CA GLY F 93 -0.18 31.49 -33.56
C GLY F 93 1.28 31.88 -33.49
N SER F 94 2.12 30.88 -33.23
CA SER F 94 3.54 31.11 -33.15
C SER F 94 4.14 31.26 -34.55
N PRO F 95 5.08 32.20 -34.75
CA PRO F 95 5.64 33.12 -33.76
C PRO F 95 4.87 34.44 -33.66
N PHE F 96 5.20 35.23 -32.64
CA PHE F 96 4.55 36.53 -32.42
C PHE F 96 5.43 37.60 -33.05
N THR F 97 5.35 37.68 -34.38
CA THR F 97 6.14 38.66 -35.12
C THR F 97 5.59 40.07 -34.93
N PHE F 98 6.50 41.04 -34.85
CA PHE F 98 6.17 42.44 -34.67
C PHE F 98 6.22 43.17 -36.01
N GLY F 99 5.93 44.47 -35.96
CA GLY F 99 5.94 45.30 -37.14
C GLY F 99 7.30 45.94 -37.40
N GLY F 100 7.35 46.75 -38.46
CA GLY F 100 8.59 47.41 -38.83
C GLY F 100 8.93 48.62 -37.97
N GLY F 101 7.91 49.36 -37.52
CA GLY F 101 8.16 50.53 -36.70
C GLY F 101 8.02 51.84 -37.45
N THR F 102 7.31 52.79 -36.86
CA THR F 102 7.09 54.10 -37.46
C THR F 102 7.33 55.19 -36.43
N LYS F 103 7.76 56.35 -36.91
CA LYS F 103 8.02 57.50 -36.05
C LYS F 103 7.34 58.73 -36.61
N VAL F 104 6.90 59.61 -35.71
CA VAL F 104 6.22 60.84 -36.09
C VAL F 104 7.20 61.99 -35.99
N GLU F 105 6.93 63.05 -36.75
CA GLU F 105 7.77 64.24 -36.79
C GLU F 105 6.91 65.49 -36.56
N ILE F 106 7.47 66.47 -35.86
CA ILE F 106 6.80 67.72 -35.56
C ILE F 106 7.58 68.84 -36.23
N LYS F 107 6.90 69.61 -37.08
CA LYS F 107 7.53 70.72 -37.78
C LYS F 107 7.40 72.02 -36.99
N ASP G 1 -51.19 -23.25 -4.90
CA ASP G 1 -50.78 -22.78 -3.58
C ASP G 1 -51.40 -23.64 -2.49
N ILE G 2 -50.72 -23.74 -1.35
CA ILE G 2 -51.21 -24.53 -0.23
C ILE G 2 -52.34 -23.76 0.47
N GLN G 3 -53.38 -24.48 0.87
CA GLN G 3 -54.52 -23.91 1.56
C GLN G 3 -54.89 -24.80 2.73
N MET G 4 -55.50 -24.21 3.75
CA MET G 4 -55.87 -24.95 4.95
C MET G 4 -57.33 -24.75 5.28
N THR G 5 -57.95 -25.80 5.80
CA THR G 5 -59.34 -25.81 6.22
C THR G 5 -59.42 -26.44 7.60
N GLN G 6 -60.41 -26.03 8.38
CA GLN G 6 -60.60 -26.55 9.72
C GLN G 6 -62.04 -26.99 9.92
N SER G 7 -62.22 -28.10 10.65
CA SER G 7 -63.53 -28.63 10.92
C SER G 7 -63.48 -29.34 12.27
N PRO G 8 -64.43 -29.05 13.18
CA PRO G 8 -65.53 -28.09 13.04
C PRO G 8 -65.11 -26.65 13.33
N SER G 9 -65.95 -25.70 12.93
CA SER G 9 -65.64 -24.29 13.15
C SER G 9 -65.73 -23.94 14.64
N SER G 10 -66.68 -24.54 15.35
CA SER G 10 -66.84 -24.27 16.77
C SER G 10 -67.42 -25.53 17.44
N LEU G 11 -67.20 -25.63 18.74
CA LEU G 11 -67.69 -26.77 19.50
C LEU G 11 -67.84 -26.35 20.95
N SER G 12 -68.57 -27.16 21.71
CA SER G 12 -68.83 -26.89 23.12
C SER G 12 -68.46 -28.12 23.94
N ALA G 13 -67.96 -27.89 25.14
CA ALA G 13 -67.55 -28.94 26.06
C ALA G 13 -67.65 -28.39 27.48
N SER G 14 -67.15 -29.16 28.44
CA SER G 14 -67.15 -28.79 29.84
C SER G 14 -65.72 -28.77 30.37
N VAL G 15 -65.59 -28.49 31.67
CA VAL G 15 -64.29 -28.43 32.31
C VAL G 15 -63.79 -29.84 32.59
N GLY G 16 -62.58 -30.14 32.13
CA GLY G 16 -61.98 -31.44 32.33
C GLY G 16 -62.25 -32.47 31.25
N ASP G 17 -63.12 -32.17 30.30
CA ASP G 17 -63.42 -33.12 29.24
C ASP G 17 -62.39 -33.02 28.11
N THR G 18 -62.35 -34.07 27.29
CA THR G 18 -61.42 -34.13 26.18
C THR G 18 -61.97 -33.39 24.97
N VAL G 19 -61.15 -32.56 24.36
CA VAL G 19 -61.52 -31.78 23.18
C VAL G 19 -60.57 -32.16 22.05
N THR G 20 -61.14 -32.55 20.91
CA THR G 20 -60.37 -32.96 19.74
C THR G 20 -60.56 -31.95 18.61
N ILE G 21 -59.43 -31.45 18.08
CA ILE G 21 -59.43 -30.49 16.99
C ILE G 21 -58.70 -31.12 15.81
N THR G 22 -59.34 -31.12 14.65
CA THR G 22 -58.77 -31.71 13.44
C THR G 22 -58.48 -30.63 12.41
N CYS G 23 -57.30 -30.71 11.79
CA CYS G 23 -56.86 -29.79 10.76
C CYS G 23 -56.44 -30.61 9.54
N ARG G 24 -57.00 -30.26 8.38
CA ARG G 24 -56.71 -30.98 7.15
C ARG G 24 -55.96 -30.08 6.16
N ALA G 25 -55.14 -30.72 5.34
CA ALA G 25 -54.34 -30.04 4.33
C ALA G 25 -54.72 -30.52 2.93
N SER G 26 -54.51 -29.66 1.94
CA SER G 26 -54.83 -30.03 0.56
C SER G 26 -53.83 -31.03 0.01
N GLN G 27 -52.53 -30.81 0.24
CA GLN G 27 -51.49 -31.71 -0.21
C GLN G 27 -50.71 -32.19 1.02
N SER G 28 -50.12 -33.38 0.88
CA SER G 28 -49.37 -34.00 1.97
C SER G 28 -48.09 -33.20 2.28
N ILE G 29 -47.99 -32.73 3.52
CA ILE G 29 -46.85 -31.98 3.99
C ILE G 29 -46.12 -32.74 5.10
N SER G 30 -46.31 -34.06 5.15
CA SER G 30 -45.72 -34.98 6.12
C SER G 30 -46.05 -34.60 7.56
N THR G 31 -45.07 -34.05 8.28
CA THR G 31 -45.25 -33.62 9.66
C THR G 31 -44.77 -32.19 9.84
N TRP G 32 -44.94 -31.35 8.83
CA TRP G 32 -44.49 -29.96 8.88
C TRP G 32 -45.68 -29.07 9.25
N LEU G 33 -46.09 -29.19 10.51
CA LEU G 33 -47.22 -28.40 11.00
C LEU G 33 -47.03 -28.15 12.49
N ALA G 34 -47.49 -26.98 12.94
CA ALA G 34 -47.40 -26.57 14.33
C ALA G 34 -48.72 -25.94 14.74
N TRP G 35 -49.00 -25.99 16.04
CA TRP G 35 -50.21 -25.43 16.60
C TRP G 35 -49.89 -24.21 17.46
N TYR G 36 -50.85 -23.30 17.54
CA TYR G 36 -50.67 -22.07 18.31
C TYR G 36 -51.90 -21.85 19.19
N GLN G 37 -51.66 -21.31 20.37
CA GLN G 37 -52.71 -21.01 21.34
C GLN G 37 -52.89 -19.50 21.37
N GLN G 38 -54.10 -19.04 21.08
CA GLN G 38 -54.41 -17.61 21.05
C GLN G 38 -55.53 -17.31 22.05
N LYS G 39 -55.15 -16.75 23.18
CA LYS G 39 -56.11 -16.37 24.21
C LYS G 39 -56.83 -15.11 23.75
N PRO G 40 -58.02 -14.80 24.34
CA PRO G 40 -58.73 -13.57 23.94
C PRO G 40 -57.92 -12.33 24.29
N GLY G 41 -57.44 -11.65 23.26
CA GLY G 41 -56.62 -10.47 23.42
C GLY G 41 -55.14 -10.82 23.36
N LYS G 42 -54.32 -9.78 23.40
CA LYS G 42 -52.85 -9.75 23.37
C LYS G 42 -52.28 -10.63 22.23
N ALA G 43 -51.02 -11.13 22.35
CA ALA G 43 -50.41 -11.92 21.29
C ALA G 43 -50.51 -13.42 21.55
N PRO G 44 -50.66 -14.24 20.52
CA PRO G 44 -50.74 -15.70 20.71
C PRO G 44 -49.40 -16.30 21.11
N LYS G 45 -49.47 -17.48 21.72
CA LYS G 45 -48.31 -18.21 22.18
C LYS G 45 -48.30 -19.59 21.51
N VAL G 46 -47.09 -20.06 21.17
CA VAL G 46 -46.95 -21.36 20.53
C VAL G 46 -47.36 -22.47 21.50
N LEU G 47 -47.95 -23.53 20.96
CA LEU G 47 -48.42 -24.66 21.76
C LEU G 47 -47.59 -25.92 21.51
N ILE G 48 -47.48 -26.36 20.26
CA ILE G 48 -46.71 -27.55 19.92
C ILE G 48 -46.13 -27.34 18.52
N TYR G 49 -44.97 -27.93 18.28
CA TYR G 49 -44.29 -27.82 17.00
C TYR G 49 -43.91 -29.22 16.50
N SER G 50 -43.86 -29.33 15.17
CA SER G 50 -43.55 -30.56 14.42
C SER G 50 -44.56 -31.68 14.65
N ALA G 51 -45.73 -31.33 15.21
CA ALA G 51 -46.87 -32.20 15.51
C ALA G 51 -46.61 -33.29 16.56
N SER G 52 -45.38 -33.41 17.05
CA SER G 52 -45.08 -34.43 18.06
C SER G 52 -44.19 -33.97 19.20
N ILE G 53 -43.40 -32.91 19.04
CA ILE G 53 -42.52 -32.43 20.10
C ILE G 53 -43.17 -31.27 20.82
N LEU G 54 -43.41 -31.43 22.12
CA LEU G 54 -44.03 -30.37 22.91
C LEU G 54 -43.04 -29.26 23.21
N GLN G 55 -43.57 -28.06 23.39
CA GLN G 55 -42.77 -26.89 23.70
C GLN G 55 -42.38 -26.90 25.18
N SER G 56 -41.19 -26.39 25.48
CA SER G 56 -40.72 -26.34 26.86
C SER G 56 -41.52 -25.31 27.64
N GLY G 57 -42.32 -25.78 28.60
CA GLY G 57 -43.13 -24.91 29.43
C GLY G 57 -44.63 -25.09 29.32
N VAL G 58 -45.10 -26.06 28.54
CA VAL G 58 -46.54 -26.30 28.40
C VAL G 58 -46.87 -27.53 29.25
N PRO G 59 -48.06 -27.62 29.84
CA PRO G 59 -48.38 -28.81 30.64
C PRO G 59 -48.46 -30.08 29.79
N SER G 60 -48.20 -31.21 30.45
CA SER G 60 -48.19 -32.51 29.80
C SER G 60 -49.59 -33.03 29.44
N ARG G 61 -50.66 -32.34 29.83
CA ARG G 61 -52.00 -32.81 29.50
C ARG G 61 -52.33 -32.66 28.02
N PHE G 62 -51.55 -31.90 27.25
CA PHE G 62 -51.79 -31.72 25.83
C PHE G 62 -50.96 -32.70 25.04
N ARG G 63 -51.52 -33.17 23.92
CA ARG G 63 -50.85 -34.14 23.07
C ARG G 63 -51.30 -33.96 21.63
N GLY G 64 -50.37 -34.06 20.70
CA GLY G 64 -50.68 -33.92 19.29
C GLY G 64 -50.10 -35.06 18.50
N SER G 65 -50.79 -35.42 17.41
CA SER G 65 -50.36 -36.51 16.55
C SER G 65 -50.94 -36.30 15.16
N GLY G 66 -50.38 -37.00 14.20
CA GLY G 66 -50.80 -36.93 12.82
C GLY G 66 -49.63 -36.87 11.87
N SER G 67 -49.85 -37.34 10.64
CA SER G 67 -48.82 -37.35 9.62
C SER G 67 -49.47 -37.25 8.25
N GLY G 68 -48.69 -36.82 7.27
CA GLY G 68 -49.18 -36.68 5.91
C GLY G 68 -50.03 -35.44 5.72
N SER G 69 -51.35 -35.63 5.57
CA SER G 69 -52.28 -34.53 5.37
C SER G 69 -53.35 -34.43 6.43
N ASP G 70 -53.61 -35.50 7.19
CA ASP G 70 -54.62 -35.49 8.24
C ASP G 70 -53.95 -35.39 9.60
N PHE G 71 -54.38 -34.42 10.40
CA PHE G 71 -53.82 -34.19 11.73
C PHE G 71 -54.95 -33.97 12.72
N THR G 72 -54.76 -34.45 13.95
CA THR G 72 -55.75 -34.32 15.00
C THR G 72 -55.05 -34.10 16.33
N LEU G 73 -55.45 -33.04 17.04
CA LEU G 73 -54.87 -32.71 18.33
C LEU G 73 -55.90 -33.01 19.42
N THR G 74 -55.44 -33.66 20.49
CA THR G 74 -56.29 -34.03 21.61
C THR G 74 -55.87 -33.27 22.86
N ILE G 75 -56.81 -33.16 23.80
CA ILE G 75 -56.59 -32.47 25.07
C ILE G 75 -56.96 -33.43 26.19
N GLY G 76 -56.00 -33.72 27.07
CA GLY G 76 -56.28 -34.62 28.17
C GLY G 76 -57.21 -34.02 29.22
N SER G 77 -56.96 -32.78 29.60
CA SER G 77 -57.78 -32.10 30.60
C SER G 77 -57.96 -30.64 30.20
N LEU G 78 -59.20 -30.17 30.26
CA LEU G 78 -59.54 -28.79 29.91
C LEU G 78 -59.60 -27.98 31.19
N GLN G 79 -58.64 -27.09 31.38
CA GLN G 79 -58.56 -26.25 32.56
C GLN G 79 -59.16 -24.88 32.28
N ILE G 80 -59.07 -23.99 33.29
CA ILE G 80 -59.61 -22.64 33.15
C ILE G 80 -58.72 -21.80 32.24
N GLU G 81 -57.44 -22.12 32.15
CA GLU G 81 -56.51 -21.38 31.31
C GLU G 81 -56.43 -21.93 29.89
N ASP G 82 -57.07 -23.05 29.60
CA ASP G 82 -57.06 -23.66 28.28
C ASP G 82 -58.15 -23.14 27.37
N PHE G 83 -59.03 -22.28 27.86
CA PHE G 83 -60.13 -21.74 27.05
C PHE G 83 -59.55 -20.65 26.14
N ALA G 84 -59.24 -21.03 24.91
CA ALA G 84 -58.69 -20.11 23.93
C ALA G 84 -59.03 -20.61 22.53
N THR G 85 -58.40 -20.02 21.52
CA THR G 85 -58.60 -20.38 20.13
C THR G 85 -57.37 -21.09 19.61
N TYR G 86 -57.57 -22.21 18.91
CA TYR G 86 -56.49 -22.99 18.36
C TYR G 86 -56.36 -22.74 16.87
N PHE G 87 -55.11 -22.65 16.39
CA PHE G 87 -54.81 -22.40 14.99
C PHE G 87 -53.72 -23.36 14.52
N CYS G 88 -53.91 -23.96 13.35
CA CYS G 88 -52.94 -24.87 12.77
C CYS G 88 -52.21 -24.12 11.66
N GLN G 89 -50.89 -24.06 11.74
CA GLN G 89 -50.08 -23.36 10.76
C GLN G 89 -49.04 -24.28 10.14
N GLN G 90 -48.88 -24.16 8.84
CA GLN G 90 -47.91 -24.93 8.08
C GLN G 90 -46.68 -24.09 7.82
N TYR G 91 -45.54 -24.74 7.63
CA TYR G 91 -44.29 -24.04 7.39
C TYR G 91 -43.46 -24.75 6.34
N THR G 92 -44.11 -25.30 5.31
CA THR G 92 -43.41 -25.96 4.22
C THR G 92 -43.12 -24.92 3.14
N GLY G 93 -42.18 -24.03 3.48
CA GLY G 93 -41.79 -22.97 2.59
C GLY G 93 -42.79 -21.82 2.61
N SER G 94 -42.43 -20.77 1.87
CA SER G 94 -43.31 -19.60 1.79
C SER G 94 -44.51 -19.92 0.90
N PRO G 95 -45.71 -19.45 1.27
CA PRO G 95 -46.05 -18.66 2.46
C PRO G 95 -46.39 -19.51 3.67
N PHE G 96 -46.47 -18.86 4.84
CA PHE G 96 -46.80 -19.53 6.09
C PHE G 96 -48.30 -19.30 6.35
N THR G 97 -49.12 -20.04 5.62
CA THR G 97 -50.57 -19.91 5.76
C THR G 97 -51.05 -20.50 7.09
N PHE G 98 -52.05 -19.85 7.67
CA PHE G 98 -52.64 -20.27 8.93
C PHE G 98 -53.93 -21.04 8.69
N GLY G 99 -54.59 -21.44 9.78
CA GLY G 99 -55.83 -22.16 9.71
C GLY G 99 -57.04 -21.26 9.79
N GLY G 100 -58.22 -21.89 9.74
CA GLY G 100 -59.45 -21.13 9.80
C GLY G 100 -59.81 -20.64 11.18
N GLY G 101 -59.44 -21.38 12.22
CA GLY G 101 -59.73 -20.98 13.58
C GLY G 101 -60.85 -21.76 14.23
N THR G 102 -60.64 -22.18 15.48
CA THR G 102 -61.61 -22.94 16.25
C THR G 102 -61.84 -22.25 17.58
N LYS G 103 -63.05 -22.41 18.13
CA LYS G 103 -63.40 -21.79 19.39
C LYS G 103 -64.12 -22.81 20.26
N VAL G 104 -63.94 -22.66 21.58
CA VAL G 104 -64.55 -23.54 22.57
C VAL G 104 -65.61 -22.75 23.33
N GLU G 105 -66.65 -23.46 23.77
CA GLU G 105 -67.75 -22.85 24.51
C GLU G 105 -68.06 -23.70 25.73
N ILE G 106 -68.45 -23.02 26.81
CA ILE G 106 -68.76 -23.67 28.08
C ILE G 106 -70.25 -23.47 28.35
N LYS G 107 -70.97 -24.58 28.53
CA LYS G 107 -72.41 -24.54 28.79
C LYS G 107 -72.68 -24.03 30.21
N GLN H 1 41.37 -12.81 19.81
CA GLN H 1 41.60 -14.12 19.22
C GLN H 1 40.27 -14.87 19.19
N VAL H 2 39.89 -15.32 17.99
CA VAL H 2 38.63 -16.04 17.82
C VAL H 2 38.71 -17.45 18.40
N GLN H 3 37.67 -17.85 19.11
CA GLN H 3 37.58 -19.16 19.73
C GLN H 3 36.29 -19.84 19.28
N LEU H 4 36.37 -21.16 19.10
CA LEU H 4 35.24 -21.96 18.67
C LEU H 4 34.83 -22.91 19.79
N GLN H 5 33.52 -23.02 20.02
CA GLN H 5 32.97 -23.88 21.05
C GLN H 5 31.78 -24.64 20.48
N GLU H 6 31.69 -25.93 20.79
CA GLU H 6 30.61 -26.77 20.33
C GLU H 6 29.94 -27.47 21.52
N SER H 7 28.67 -27.78 21.36
CA SER H 7 27.91 -28.45 22.41
C SER H 7 26.87 -29.37 21.75
N GLY H 8 26.52 -30.43 22.47
CA GLY H 8 25.55 -31.39 21.98
C GLY H 8 25.48 -32.63 22.84
N PRO H 9 24.64 -33.59 22.44
CA PRO H 9 24.52 -34.82 23.22
C PRO H 9 25.75 -35.70 23.13
N GLY H 10 25.94 -36.52 24.16
CA GLY H 10 27.07 -37.42 24.21
C GLY H 10 26.79 -38.77 23.58
N VAL H 11 25.70 -39.41 24.00
CA VAL H 11 25.27 -40.70 23.49
C VAL H 11 24.07 -40.47 22.60
N VAL H 12 24.18 -40.85 21.33
CA VAL H 12 23.12 -40.68 20.35
C VAL H 12 22.83 -42.01 19.67
N LYS H 13 21.57 -42.44 19.71
CA LYS H 13 21.15 -43.68 19.07
C LYS H 13 21.00 -43.45 17.57
N PRO H 14 21.17 -44.50 16.75
CA PRO H 14 21.04 -44.34 15.30
C PRO H 14 19.58 -44.25 14.87
N SER H 15 19.39 -44.03 13.56
CA SER H 15 18.09 -43.91 12.90
C SER H 15 17.23 -42.79 13.49
N GLU H 16 17.79 -41.58 13.47
CA GLU H 16 17.10 -40.40 13.97
C GLU H 16 17.72 -39.18 13.31
N THR H 17 17.22 -38.00 13.66
CA THR H 17 17.70 -36.73 13.11
C THR H 17 18.71 -36.12 14.08
N LEU H 18 20.00 -36.31 13.78
CA LEU H 18 21.06 -35.77 14.63
C LEU H 18 21.16 -34.26 14.45
N SER H 19 21.40 -33.55 15.56
CA SER H 19 21.52 -32.10 15.53
C SER H 19 22.65 -31.66 16.45
N LEU H 20 23.59 -30.90 15.89
CA LEU H 20 24.74 -30.37 16.61
C LEU H 20 24.82 -28.87 16.37
N THR H 21 25.34 -28.14 17.37
CA THR H 21 25.49 -26.70 17.28
C THR H 21 26.91 -26.30 17.62
N CYS H 22 27.31 -25.13 17.14
CA CYS H 22 28.65 -24.60 17.38
C CYS H 22 28.55 -23.11 17.70
N ALA H 23 29.11 -22.72 18.84
CA ALA H 23 29.08 -21.32 19.26
C ALA H 23 30.37 -20.63 18.84
N VAL H 24 30.23 -19.42 18.30
CA VAL H 24 31.36 -18.62 17.84
C VAL H 24 31.52 -17.44 18.77
N SER H 25 32.72 -17.25 19.30
CA SER H 25 33.02 -16.16 20.21
C SER H 25 34.05 -15.23 19.59
N GLY H 26 33.86 -13.92 19.81
CA GLY H 26 34.76 -12.92 19.28
C GLY H 26 34.40 -12.45 17.89
N ASP H 27 34.64 -13.29 16.89
CA ASP H 27 34.33 -12.94 15.51
C ASP H 27 32.84 -13.13 15.23
N SER H 28 32.32 -12.33 14.30
CA SER H 28 30.92 -12.38 13.94
C SER H 28 30.67 -13.39 12.82
N ILE H 29 29.41 -13.80 12.69
CA ILE H 29 29.03 -14.75 11.65
C ILE H 29 29.14 -14.11 10.28
N LYS H 30 28.79 -12.83 10.17
CA LYS H 30 28.84 -12.07 8.92
C LYS H 30 30.24 -12.01 8.36
N SER H 31 31.15 -11.34 9.07
CA SER H 31 32.57 -11.16 8.74
C SER H 31 32.70 -10.60 7.32
N ALA H 32 33.75 -11.02 6.60
CA ALA H 32 33.98 -10.56 5.24
C ALA H 32 33.90 -11.71 4.24
N TYR H 33 34.73 -12.75 4.41
CA TYR H 33 34.73 -13.92 3.52
C TYR H 33 35.16 -15.10 4.37
N GLN H 34 34.18 -15.82 4.92
CA GLN H 34 34.47 -16.98 5.76
C GLN H 34 33.44 -18.06 5.49
N TYR H 35 33.82 -19.29 5.84
CA TYR H 35 32.97 -20.46 5.67
C TYR H 35 32.93 -21.24 6.98
N TRP H 36 31.72 -21.46 7.50
CA TRP H 36 31.54 -22.21 8.74
C TRP H 36 31.45 -23.70 8.40
N ASN H 37 32.63 -24.27 8.18
CA ASN H 37 32.75 -25.68 7.80
C ASN H 37 32.40 -26.61 8.96
N TRP H 38 31.84 -27.77 8.59
CA TRP H 38 31.48 -28.83 9.52
C TRP H 38 32.18 -30.09 9.05
N ILE H 39 33.13 -30.60 9.85
CA ILE H 39 33.89 -31.78 9.48
C ILE H 39 33.96 -32.77 10.63
N ARG H 40 34.26 -34.02 10.30
CA ARG H 40 34.38 -35.10 11.27
C ARG H 40 35.76 -35.73 11.14
N GLN H 41 36.21 -36.36 12.22
CA GLN H 41 37.52 -37.01 12.26
C GLN H 41 37.34 -38.43 12.79
N PRO H 42 37.00 -39.39 11.94
CA PRO H 42 36.83 -40.77 12.41
C PRO H 42 38.17 -41.39 12.79
N ARG H 43 38.14 -42.20 13.83
CA ARG H 43 39.36 -42.85 14.31
C ARG H 43 39.74 -43.99 13.37
N GLY H 44 41.01 -44.01 12.95
CA GLY H 44 41.48 -45.04 12.05
C GLY H 44 42.07 -44.47 10.77
N LYS H 45 41.47 -43.38 10.28
CA LYS H 45 41.95 -42.73 9.07
C LYS H 45 41.85 -41.21 9.18
N GLY H 46 42.05 -40.51 8.07
CA GLY H 46 41.98 -39.07 8.07
C GLY H 46 40.57 -38.55 8.18
N PRO H 47 40.45 -37.24 8.33
CA PRO H 47 39.12 -36.61 8.44
C PRO H 47 38.39 -36.58 7.11
N GLU H 48 37.10 -36.22 7.19
CA GLU H 48 36.23 -36.13 6.03
C GLU H 48 35.40 -34.86 6.08
N TRP H 49 34.94 -34.42 4.91
CA TRP H 49 34.14 -33.22 4.74
C TRP H 49 32.66 -33.56 4.59
N ILE H 50 31.81 -32.85 5.33
CA ILE H 50 30.37 -33.05 5.26
C ILE H 50 29.76 -31.91 4.48
N GLY H 51 29.97 -30.68 4.94
CA GLY H 51 29.42 -29.53 4.26
C GLY H 51 29.84 -28.23 4.89
N GLY H 52 29.50 -27.15 4.20
CA GLY H 52 29.80 -25.81 4.67
C GLY H 52 28.66 -24.88 4.34
N VAL H 53 28.67 -23.72 5.00
CA VAL H 53 27.64 -22.70 4.81
C VAL H 53 28.32 -21.34 4.64
N TYR H 54 27.81 -20.55 3.71
CA TYR H 54 28.36 -19.22 3.48
C TYR H 54 28.00 -18.30 4.64
N SER H 55 28.75 -17.21 4.76
CA SER H 55 28.55 -16.26 5.84
C SER H 55 27.44 -15.24 5.58
N SER H 56 27.32 -14.80 4.33
CA SER H 56 26.32 -13.76 4.00
C SER H 56 25.20 -14.36 3.12
N SER H 57 25.56 -14.94 1.97
CA SER H 57 24.54 -15.46 1.03
C SER H 57 23.78 -16.64 1.65
N ASP H 58 24.22 -17.11 2.81
CA ASP H 58 23.57 -18.28 3.47
C ASP H 58 23.48 -19.42 2.47
N SER H 59 24.32 -19.40 1.42
CA SER H 59 24.34 -20.51 0.44
C SER H 59 25.02 -21.72 1.10
N THR H 60 25.10 -22.85 0.40
CA THR H 60 25.65 -24.06 1.05
C THR H 60 26.31 -24.99 0.03
N ALA H 61 26.88 -26.09 0.51
CA ALA H 61 27.52 -27.07 -0.35
C ALA H 61 27.66 -28.34 0.48
N TYR H 62 27.46 -29.50 -0.15
CA TYR H 62 27.55 -30.77 0.55
C TYR H 62 28.48 -31.73 -0.16
N ASN H 63 28.86 -32.77 0.58
CA ASN H 63 29.74 -33.81 0.06
C ASN H 63 29.01 -34.60 -1.02
N PRO H 64 29.72 -35.12 -2.03
CA PRO H 64 29.05 -35.90 -3.08
C PRO H 64 28.45 -37.23 -2.62
N SER H 65 28.68 -37.67 -1.38
CA SER H 65 28.13 -38.92 -0.88
C SER H 65 27.21 -38.73 0.32
N LEU H 66 26.82 -37.50 0.65
CA LEU H 66 25.94 -37.25 1.79
C LEU H 66 24.76 -36.36 1.43
N GLU H 67 24.18 -36.53 0.25
CA GLU H 67 23.03 -35.72 -0.12
C GLU H 67 21.76 -36.21 0.55
N SER H 68 20.77 -35.31 0.64
CA SER H 68 19.43 -35.50 1.21
C SER H 68 19.45 -35.90 2.68
N ARG H 69 20.59 -35.77 3.36
CA ARG H 69 20.70 -36.13 4.78
C ARG H 69 21.31 -35.02 5.62
N VAL H 70 21.90 -34.00 5.02
CA VAL H 70 22.55 -32.91 5.73
C VAL H 70 21.89 -31.60 5.34
N SER H 71 21.50 -30.80 6.35
CA SER H 71 20.87 -29.50 6.13
C SER H 71 21.45 -28.55 7.18
N ILE H 72 22.43 -27.75 6.77
CA ILE H 72 23.08 -26.81 7.67
C ILE H 72 22.22 -25.55 7.78
N SER H 73 21.93 -25.15 9.02
CA SER H 73 21.12 -23.97 9.29
C SER H 73 21.87 -23.05 10.23
N ARG H 74 21.68 -21.75 10.05
CA ARG H 74 22.35 -20.74 10.87
C ARG H 74 21.39 -19.60 11.14
N ASP H 75 21.67 -18.85 12.21
CA ASP H 75 20.87 -17.71 12.60
C ASP H 75 21.77 -16.53 12.96
N THR H 76 21.25 -15.32 12.79
CA THR H 76 22.03 -14.13 13.10
C THR H 76 22.19 -13.93 14.59
N SER H 77 21.15 -14.20 15.37
CA SER H 77 21.23 -14.02 16.81
C SER H 77 22.01 -15.16 17.47
N ASN H 78 22.46 -14.89 18.70
CA ASN H 78 23.23 -15.76 19.61
C ASN H 78 24.65 -16.07 19.14
N ASN H 79 25.05 -15.62 17.94
CA ASN H 79 26.39 -15.83 17.36
C ASN H 79 26.75 -17.32 17.31
N ARG H 80 25.89 -18.10 16.65
CA ARG H 80 26.10 -19.53 16.54
C ARG H 80 25.48 -20.05 15.26
N PHE H 81 25.92 -21.26 14.88
CA PHE H 81 25.44 -21.95 13.69
C PHE H 81 25.30 -23.42 14.03
N SER H 82 24.24 -24.05 13.54
CA SER H 82 23.96 -25.46 13.82
C SER H 82 24.13 -26.34 12.59
N LEU H 83 23.98 -27.64 12.83
CA LEU H 83 24.09 -28.68 11.80
C LEU H 83 23.04 -29.75 12.06
N ASN H 84 22.36 -30.17 11.00
CA ASN H 84 21.34 -31.22 11.09
C ASN H 84 21.77 -32.40 10.22
N LEU H 85 21.75 -33.59 10.81
CA LEU H 85 22.14 -34.82 10.12
C LEU H 85 21.03 -35.85 10.25
N ARG H 86 20.74 -36.54 9.15
CA ARG H 86 19.72 -37.58 9.10
C ARG H 86 20.36 -38.90 8.72
N SER H 87 19.77 -39.99 9.24
CA SER H 87 20.23 -41.37 9.00
C SER H 87 21.68 -41.54 9.44
N VAL H 88 21.87 -41.44 10.77
CA VAL H 88 23.19 -41.56 11.37
C VAL H 88 23.79 -42.94 11.13
N THR H 89 23.02 -43.97 11.45
CA THR H 89 23.36 -45.40 11.32
C THR H 89 24.65 -45.67 12.09
N ALA H 90 25.47 -46.60 11.61
CA ALA H 90 26.73 -46.94 12.26
C ALA H 90 27.94 -46.33 11.58
N THR H 91 27.73 -45.45 10.59
CA THR H 91 28.84 -44.81 9.88
C THR H 91 29.22 -43.47 10.49
N ASP H 92 28.24 -42.61 10.74
CA ASP H 92 28.48 -41.28 11.32
C ASP H 92 28.78 -41.47 12.80
N THR H 93 30.06 -41.65 13.13
CA THR H 93 30.51 -41.84 14.50
C THR H 93 31.70 -40.96 14.82
N ALA H 94 32.37 -41.27 15.94
CA ALA H 94 33.56 -40.59 16.45
C ALA H 94 33.34 -39.10 16.71
N THR H 95 34.45 -38.35 16.85
CA THR H 95 34.39 -36.93 17.13
C THR H 95 33.95 -36.12 15.91
N TYR H 96 33.42 -34.93 16.21
CA TYR H 96 32.96 -33.98 15.20
C TYR H 96 33.64 -32.64 15.47
N PHE H 97 33.87 -31.88 14.41
CA PHE H 97 34.53 -30.59 14.53
C PHE H 97 33.78 -29.51 13.75
N CYS H 98 33.85 -28.28 14.26
CA CYS H 98 33.22 -27.12 13.64
C CYS H 98 34.33 -26.08 13.46
N ALA H 99 35.04 -26.19 12.35
CA ALA H 99 36.15 -25.29 12.04
C ALA H 99 35.70 -24.14 11.16
N ARG H 100 36.59 -23.16 11.00
CA ARG H 100 36.36 -21.97 10.21
C ARG H 100 37.46 -21.88 9.16
N SER H 101 37.11 -21.44 7.96
CA SER H 101 38.06 -21.30 6.87
C SER H 101 38.09 -19.86 6.37
N VAL H 102 39.28 -19.41 6.00
CA VAL H 102 39.50 -18.07 5.49
C VAL H 102 39.98 -18.19 4.05
N ARG H 103 39.61 -17.22 3.22
CA ARG H 103 39.99 -17.23 1.82
C ARG H 103 41.48 -16.97 1.66
N ASP H 104 42.02 -17.43 0.54
CA ASP H 104 43.44 -17.27 0.23
C ASP H 104 43.61 -16.09 -0.72
N SER H 105 44.64 -15.29 -0.47
CA SER H 105 44.91 -14.13 -1.31
C SER H 105 45.71 -14.47 -2.56
N ARG H 106 46.29 -15.67 -2.63
CA ARG H 106 47.07 -16.06 -3.80
C ARG H 106 46.19 -16.43 -4.97
N GLY H 107 45.02 -17.03 -4.72
CA GLY H 107 44.11 -17.44 -5.77
C GLY H 107 42.67 -17.06 -5.47
N TRP H 108 41.81 -17.37 -6.44
CA TRP H 108 40.39 -17.08 -6.35
C TRP H 108 39.64 -18.38 -6.07
N GLY H 109 38.76 -18.35 -5.08
CA GLY H 109 37.98 -19.52 -4.72
C GLY H 109 38.65 -20.47 -3.77
N ARG H 110 39.91 -20.24 -3.42
CA ARG H 110 40.61 -21.12 -2.50
C ARG H 110 40.15 -20.87 -1.07
N TYR H 111 40.04 -21.95 -0.30
CA TYR H 111 39.61 -21.85 1.09
C TYR H 111 40.32 -22.93 1.90
N PHE H 112 41.00 -22.52 2.97
CA PHE H 112 41.73 -23.43 3.83
C PHE H 112 41.36 -23.16 5.27
N LEU H 113 41.33 -24.23 6.07
CA LEU H 113 40.98 -24.14 7.47
C LEU H 113 42.16 -23.63 8.30
N ASP H 114 41.88 -22.73 9.23
CA ASP H 114 42.93 -22.18 10.08
C ASP H 114 42.61 -22.29 11.56
N THR H 115 41.34 -22.13 11.95
CA THR H 115 40.92 -22.22 13.33
C THR H 115 39.96 -23.39 13.49
N TRP H 116 40.21 -24.23 14.49
CA TRP H 116 39.40 -25.40 14.77
C TRP H 116 38.71 -25.25 16.13
N GLY H 117 37.96 -26.28 16.51
CA GLY H 117 37.26 -26.28 17.78
C GLY H 117 37.98 -27.11 18.83
N GLN H 118 37.26 -28.00 19.50
CA GLN H 118 37.85 -28.87 20.52
C GLN H 118 37.56 -30.32 20.22
N GLY H 119 36.37 -30.60 19.68
CA GLY H 119 35.99 -31.96 19.36
C GLY H 119 34.97 -32.55 20.32
N LEU H 120 33.85 -33.02 19.79
CA LEU H 120 32.78 -33.61 20.57
C LEU H 120 32.60 -35.05 20.10
N LEU H 121 32.90 -36.00 20.98
CA LEU H 121 32.78 -37.42 20.66
C LEU H 121 31.31 -37.81 20.58
N VAL H 122 30.86 -38.22 19.40
CA VAL H 122 29.49 -38.63 19.17
C VAL H 122 29.49 -40.16 19.16
N THR H 123 29.03 -40.76 20.26
CA THR H 123 28.98 -42.21 20.37
C THR H 123 27.64 -42.74 19.88
N VAL H 124 27.70 -43.82 19.11
CA VAL H 124 26.51 -44.46 18.55
C VAL H 124 26.42 -45.87 19.13
N SER H 125 25.30 -46.16 19.79
CA SER H 125 25.09 -47.46 20.40
C SER H 125 23.58 -47.72 20.46
N SER H 126 23.22 -48.90 20.96
CA SER H 126 21.82 -49.29 21.09
C SER H 126 21.15 -48.56 22.25
N LEU I 9 -9.26 15.23 15.66
CA LEU I 9 -9.64 16.56 15.17
C LEU I 9 -11.14 16.60 14.86
N GLY I 10 -11.63 17.78 14.46
CA GLY I 10 -13.02 17.94 14.14
C GLY I 10 -13.88 18.24 15.36
N PHE I 11 -13.52 19.28 16.10
CA PHE I 11 -14.22 19.69 17.31
C PHE I 11 -14.73 21.12 17.19
N LEU I 12 -15.23 21.49 16.01
CA LEU I 12 -15.74 22.82 15.75
C LEU I 12 -17.23 22.97 16.06
N GLY I 13 -17.87 21.92 16.62
CA GLY I 13 -19.28 21.98 16.92
C GLY I 13 -19.65 22.90 18.07
N ALA I 14 -18.70 23.20 18.94
CA ALA I 14 -18.95 24.08 20.07
C ALA I 14 -18.75 25.56 19.73
N ALA I 15 -18.38 25.87 18.49
CA ALA I 15 -18.17 27.25 18.08
C ALA I 15 -19.49 27.98 17.91
N GLY I 16 -19.42 29.31 18.00
CA GLY I 16 -20.58 30.17 17.86
C GLY I 16 -21.32 30.44 19.15
N SER I 17 -20.99 29.74 20.23
CA SER I 17 -21.63 29.91 21.52
C SER I 17 -20.60 30.37 22.55
N THR I 18 -21.03 30.43 23.81
CA THR I 18 -20.17 30.83 24.90
C THR I 18 -19.12 29.74 25.14
N MET I 19 -17.89 30.16 25.47
CA MET I 19 -16.82 29.19 25.71
C MET I 19 -17.00 28.36 26.97
N GLY I 20 -17.98 28.69 27.83
CA GLY I 20 -18.17 27.88 29.03
C GLY I 20 -18.68 26.49 28.67
N ALA I 21 -19.70 26.44 27.80
CA ALA I 21 -20.22 25.15 27.34
C ALA I 21 -19.21 24.45 26.46
N ALA I 22 -18.41 25.24 25.72
CA ALA I 22 -17.36 24.66 24.88
C ALA I 22 -16.30 23.98 25.73
N SER I 23 -15.91 24.64 26.83
CA SER I 23 -14.92 24.08 27.74
C SER I 23 -15.46 22.83 28.42
N ASN I 24 -16.74 22.86 28.80
CA ASN I 24 -17.36 21.70 29.43
C ASN I 24 -17.44 20.51 28.47
N THR I 25 -17.85 20.76 27.23
CA THR I 25 -17.95 19.66 26.27
C THR I 25 -16.58 19.17 25.81
N LEU I 26 -15.53 20.01 25.88
CA LEU I 26 -14.22 19.50 25.49
C LEU I 26 -13.61 18.71 26.64
N THR I 27 -13.90 19.10 27.88
CA THR I 27 -13.38 18.37 29.03
C THR I 27 -14.07 17.03 29.22
N VAL I 28 -15.37 16.95 28.96
CA VAL I 28 -16.05 15.66 29.13
C VAL I 28 -15.74 14.74 27.94
N GLN I 29 -15.39 15.32 26.79
CA GLN I 29 -15.07 14.61 25.54
C GLN I 29 -16.18 13.66 25.08
N MET I 54 -6.81 -7.04 -5.47
CA MET I 54 -6.46 -6.07 -6.51
C MET I 54 -5.53 -4.99 -5.95
N LEU I 55 -4.85 -4.29 -6.85
CA LEU I 55 -3.93 -3.23 -6.44
C LEU I 55 -4.65 -1.98 -5.96
N GLN I 56 -5.93 -1.83 -6.32
CA GLN I 56 -6.71 -0.65 -5.90
C GLN I 56 -6.87 -0.62 -4.39
N LEU I 57 -7.14 -1.79 -3.78
CA LEU I 57 -7.28 -1.85 -2.33
C LEU I 57 -5.95 -1.58 -1.65
N GLY I 58 -4.84 -2.03 -2.27
CA GLY I 58 -3.52 -1.80 -1.71
C GLY I 58 -3.17 -0.32 -1.71
N VAL I 59 -3.37 0.36 -2.84
CA VAL I 59 -3.06 1.80 -2.89
C VAL I 59 -4.04 2.58 -2.02
N TRP I 60 -5.28 2.07 -1.87
CA TRP I 60 -6.27 2.70 -1.02
C TRP I 60 -5.82 2.69 0.44
N GLY I 61 -5.45 1.50 0.94
CA GLY I 61 -4.98 1.39 2.30
C GLY I 61 -3.68 2.14 2.52
N PHE I 62 -2.81 2.17 1.49
CA PHE I 62 -1.55 2.89 1.58
C PHE I 62 -1.77 4.39 1.74
N LYS I 63 -2.64 4.98 0.92
CA LYS I 63 -2.86 6.41 1.03
C LYS I 63 -3.64 6.75 2.30
N GLN I 64 -4.51 5.83 2.76
CA GLN I 64 -5.22 6.11 4.02
C GLN I 64 -4.23 6.07 5.18
N LEU I 65 -3.26 5.15 5.12
CA LEU I 65 -2.25 5.04 6.16
C LEU I 65 -1.34 6.27 6.14
N GLN I 66 -0.96 6.77 4.96
CA GLN I 66 -0.11 7.95 4.91
C GLN I 66 -0.89 9.19 5.35
N ALA I 67 -2.21 9.21 5.12
CA ALA I 67 -3.01 10.34 5.58
C ALA I 67 -3.08 10.33 7.10
N ARG I 68 -3.23 9.14 7.69
CA ARG I 68 -3.25 9.03 9.15
C ARG I 68 -1.89 9.38 9.73
N VAL I 69 -0.80 9.02 9.02
CA VAL I 69 0.55 9.35 9.48
C VAL I 69 0.75 10.86 9.47
N LEU I 70 0.29 11.54 8.42
CA LEU I 70 0.40 12.99 8.35
C LEU I 70 -0.44 13.65 9.44
N ALA I 71 -1.63 13.10 9.70
CA ALA I 71 -2.50 13.64 10.73
C ALA I 71 -1.88 13.51 12.12
N ILE I 72 -1.31 12.33 12.42
CA ILE I 72 -0.71 12.16 13.73
C ILE I 72 0.60 12.96 13.82
N GLU I 73 1.26 13.20 12.68
CA GLU I 73 2.46 14.02 12.69
C GLU I 73 2.11 15.45 13.05
N ARG I 74 1.00 15.94 12.50
CA ARG I 74 0.53 17.29 12.83
C ARG I 74 0.09 17.35 14.29
N TYR I 75 -0.51 16.25 14.79
CA TYR I 75 -0.94 16.20 16.18
C TYR I 75 0.26 16.27 17.13
N LEU I 76 1.33 15.52 16.83
CA LEU I 76 2.53 15.59 17.66
C LEU I 76 3.23 16.93 17.52
N GLU I 77 3.13 17.57 16.36
CA GLU I 77 3.73 18.90 16.22
C GLU I 77 3.01 19.91 17.10
N VAL I 78 1.67 19.81 17.14
CA VAL I 78 0.86 20.68 17.99
C VAL I 78 1.16 20.38 19.46
N GLN I 79 1.31 19.09 19.80
CA GLN I 79 1.61 18.69 21.17
C GLN I 79 2.97 19.20 21.60
N GLN I 80 3.95 19.18 20.69
CA GLN I 80 5.29 19.68 21.00
C GLN I 80 5.24 21.20 21.21
N LEU I 81 4.46 21.89 20.37
CA LEU I 81 4.33 23.33 20.49
C LEU I 81 3.63 23.70 21.80
N LEU I 82 2.71 22.86 22.27
CA LEU I 82 2.04 23.12 23.53
C LEU I 82 2.91 22.74 24.72
N GLY I 83 3.73 21.71 24.58
CA GLY I 83 4.59 21.28 25.68
C GLY I 83 5.84 22.13 25.86
N ILE I 84 6.28 22.81 24.80
CA ILE I 84 7.48 23.65 24.93
C ILE I 84 7.14 24.92 25.73
N TRP I 85 5.86 25.27 25.82
CA TRP I 85 5.42 26.45 26.57
C TRP I 85 5.37 26.21 28.06
N GLY I 86 5.59 24.98 28.52
CA GLY I 86 5.54 24.66 29.93
C GLY I 86 4.25 24.03 30.39
N CYS I 87 3.21 24.03 29.55
CA CYS I 87 1.94 23.43 29.93
C CYS I 87 1.99 21.91 29.90
N SER I 88 2.85 21.35 29.04
CA SER I 88 3.06 19.91 28.87
C SER I 88 1.75 19.19 28.50
N GLY I 89 1.22 19.55 27.33
CA GLY I 89 -0.02 18.93 26.88
C GLY I 89 -1.21 19.42 27.67
N LYS I 90 -1.97 18.46 28.21
CA LYS I 90 -3.18 18.66 29.01
C LYS I 90 -4.26 19.42 28.25
N LEU I 91 -5.30 19.86 28.96
CA LEU I 91 -6.39 20.60 28.36
C LEU I 91 -6.57 21.98 28.96
N ILE I 92 -6.38 22.13 30.27
CA ILE I 92 -6.52 23.40 30.96
C ILE I 92 -5.15 23.74 31.53
N CYS I 93 -4.47 24.71 30.93
CA CYS I 93 -3.15 25.12 31.38
C CYS I 93 -3.24 26.34 32.30
N CYS I 94 -2.20 26.52 33.10
CA CYS I 94 -2.11 27.62 34.04
C CYS I 94 -0.70 28.21 33.93
N THR I 95 -0.54 29.25 33.12
CA THR I 95 0.74 29.89 32.91
C THR I 95 0.88 31.02 33.92
N ALA I 96 2.08 31.15 34.51
CA ALA I 96 2.38 32.14 35.53
C ALA I 96 2.54 33.57 35.04
N VAL I 97 2.50 33.84 33.74
CA VAL I 97 2.67 35.23 33.28
C VAL I 97 1.36 35.99 33.52
N PRO I 98 1.43 37.21 34.05
CA PRO I 98 0.19 37.96 34.30
C PRO I 98 -0.32 38.67 33.05
N TRP I 99 -1.59 39.07 33.13
CA TRP I 99 -2.25 39.75 32.02
C TRP I 99 -1.91 41.25 32.05
N ASN I 100 -1.66 41.80 30.87
CA ASN I 100 -1.32 43.21 30.72
C ASN I 100 -2.55 44.01 30.33
N SER I 101 -2.63 45.24 30.85
CA SER I 101 -3.76 46.11 30.56
C SER I 101 -3.79 46.59 29.11
N SER I 102 -2.67 46.51 28.39
CA SER I 102 -2.61 46.95 27.01
C SER I 102 -3.20 45.94 26.04
N TRP I 103 -3.51 44.72 26.49
CA TRP I 103 -4.07 43.69 25.63
C TRP I 103 -5.61 43.69 25.70
N SER I 104 -6.19 44.86 25.40
CA SER I 104 -7.63 45.10 25.39
C SER I 104 -8.29 44.74 26.73
N ASN I 105 -7.93 45.52 27.75
CA ASN I 105 -8.47 45.28 29.09
C ASN I 105 -9.98 45.53 29.18
N LYS I 106 -10.68 44.54 29.74
CA LYS I 106 -12.12 44.57 29.92
C LYS I 106 -12.48 43.71 31.12
N SER I 107 -13.74 43.81 31.56
CA SER I 107 -14.19 43.01 32.68
C SER I 107 -14.36 41.56 32.25
N GLN I 108 -14.31 40.64 33.23
CA GLN I 108 -14.44 39.21 32.94
C GLN I 108 -15.80 38.86 32.37
N GLU I 109 -16.84 39.61 32.74
CA GLU I 109 -18.18 39.33 32.22
C GLU I 109 -18.35 39.76 30.77
N ASP I 110 -17.43 40.57 30.25
CA ASP I 110 -17.52 41.01 28.86
C ASP I 110 -16.90 40.03 27.88
N ILE I 111 -16.18 39.01 28.35
CA ILE I 111 -15.54 38.03 27.50
C ILE I 111 -16.12 36.64 27.72
N TRP I 112 -16.22 36.21 28.96
CA TRP I 112 -16.72 34.88 29.30
C TRP I 112 -18.23 34.76 29.37
N ASP I 113 -19.01 35.79 29.07
CA ASP I 113 -20.45 35.64 29.19
C ASP I 113 -21.25 35.92 27.93
N ASN I 114 -20.93 36.94 27.14
CA ASN I 114 -21.74 37.26 25.98
C ASN I 114 -21.08 37.20 24.61
N MET I 115 -20.00 36.43 24.42
CA MET I 115 -19.41 36.38 23.08
C MET I 115 -18.64 35.08 22.88
N THR I 116 -18.27 34.85 21.62
CA THR I 116 -17.55 33.66 21.17
C THR I 116 -16.09 33.99 20.88
N TRP I 117 -15.38 33.00 20.33
CA TRP I 117 -13.97 33.12 20.00
C TRP I 117 -13.69 33.85 18.69
N MET I 118 -14.71 34.06 17.85
CA MET I 118 -14.57 34.73 16.55
C MET I 118 -13.99 36.14 16.70
N GLN I 119 -14.76 37.03 17.32
CA GLN I 119 -14.24 38.38 17.52
C GLN I 119 -13.09 38.41 18.52
N TRP I 120 -12.96 37.38 19.36
CA TRP I 120 -11.85 37.30 20.31
C TRP I 120 -10.52 37.21 19.58
N ASP I 121 -10.34 36.17 18.74
CA ASP I 121 -9.06 36.13 18.04
C ASP I 121 -9.01 37.17 16.92
N ARG I 122 -10.16 37.72 16.52
CA ARG I 122 -10.12 38.77 15.51
C ARG I 122 -9.53 40.05 16.09
N GLU I 123 -9.73 40.28 17.40
CA GLU I 123 -9.15 41.45 18.05
C GLU I 123 -7.81 41.14 18.71
N ILE I 124 -7.45 39.86 18.82
CA ILE I 124 -6.15 39.45 19.37
C ILE I 124 -5.34 39.01 18.14
N GLY I 125 -5.84 39.39 16.95
CA GLY I 125 -5.15 39.07 15.71
C GLY I 125 -3.81 39.80 15.63
N ASN I 126 -3.78 41.06 16.07
CA ASN I 126 -2.56 41.83 16.06
C ASN I 126 -1.67 41.38 17.22
N TYR I 127 -0.35 41.54 17.02
CA TYR I 127 0.73 41.15 17.97
C TYR I 127 0.55 39.73 18.51
N THR I 128 0.09 38.82 17.64
CA THR I 128 -0.15 37.44 18.03
C THR I 128 1.16 36.72 18.33
N ASP I 129 2.17 36.88 17.47
CA ASP I 129 3.46 36.22 17.68
C ASP I 129 4.18 36.77 18.91
N THR I 130 3.89 38.03 19.28
CA THR I 130 4.52 38.63 20.45
C THR I 130 3.99 38.00 21.73
N ILE I 131 2.72 37.60 21.72
CA ILE I 131 2.10 36.98 22.89
C ILE I 131 2.73 35.62 23.16
N TYR I 132 2.91 34.81 22.11
CA TYR I 132 3.51 33.49 22.28
C TYR I 132 4.98 33.59 22.64
N ARG I 133 5.66 34.60 22.10
CA ARG I 133 7.08 34.79 22.39
C ARG I 133 7.29 35.21 23.84
N LEU I 134 6.41 36.07 24.35
CA LEU I 134 6.53 36.52 25.74
C LEU I 134 6.11 35.42 26.70
N LEU I 135 5.23 34.51 26.25
CA LEU I 135 4.76 33.42 27.09
C LEU I 135 5.86 32.40 27.35
N GLU I 136 6.65 32.08 26.32
CA GLU I 136 7.71 31.09 26.50
C GLU I 136 8.89 31.69 27.28
N GLU I 137 9.08 33.00 27.18
CA GLU I 137 10.16 33.64 27.91
C GLU I 137 9.84 33.71 29.40
N SER I 138 8.57 33.95 29.73
CA SER I 138 8.16 34.03 31.13
C SER I 138 8.23 32.66 31.81
N GLN I 139 7.85 31.60 31.09
CA GLN I 139 7.91 30.27 31.67
C GLN I 139 9.34 29.77 31.78
N PHE I 140 10.24 30.31 30.95
CA PHE I 140 11.65 29.92 31.01
C PHE I 140 12.30 30.48 32.27
N GLN I 141 11.82 31.64 32.72
CA GLN I 141 12.36 32.27 33.93
C GLN I 141 11.92 31.50 35.18
N GLN I 142 10.69 30.97 35.16
CA GLN I 142 10.18 30.21 36.29
C GLN I 142 10.94 28.91 36.48
N GLU I 143 11.33 28.27 35.36
CA GLU I 143 12.08 27.02 35.44
C GLU I 143 13.49 27.25 35.97
N ILE I 144 14.13 28.33 35.53
CA ILE I 144 15.49 28.64 35.96
C ILE I 144 15.44 29.43 37.27
N LEU J 9 3.42 -2.48 23.27
CA LEU J 9 2.53 -3.64 23.07
C LEU J 9 3.30 -4.94 23.26
N GLY J 10 2.56 -6.04 23.35
CA GLY J 10 3.18 -7.34 23.53
C GLY J 10 3.75 -7.57 24.91
N PHE J 11 3.27 -6.86 25.92
CA PHE J 11 3.74 -7.00 27.29
C PHE J 11 2.90 -7.97 28.11
N LEU J 12 2.30 -8.96 27.45
CA LEU J 12 1.46 -9.95 28.12
C LEU J 12 2.26 -11.13 28.68
N GLY J 13 3.58 -11.12 28.53
CA GLY J 13 4.39 -12.22 29.04
C GLY J 13 4.49 -12.28 30.55
N ALA J 14 4.24 -11.15 31.23
CA ALA J 14 4.30 -11.09 32.67
C ALA J 14 2.94 -11.29 33.33
N ALA J 15 1.92 -11.64 32.55
CA ALA J 15 0.58 -11.85 33.08
C ALA J 15 0.52 -13.13 33.92
N GLY J 16 -0.31 -13.09 34.96
CA GLY J 16 -0.47 -14.22 35.85
C GLY J 16 0.58 -14.37 36.91
N SER J 17 1.54 -13.45 36.99
CA SER J 17 2.60 -13.51 37.97
C SER J 17 2.51 -12.28 38.87
N THR J 18 3.52 -12.14 39.75
CA THR J 18 3.56 -11.02 40.67
C THR J 18 3.86 -9.73 39.90
N MET J 19 3.19 -8.65 40.30
CA MET J 19 3.39 -7.36 39.63
C MET J 19 4.75 -6.73 39.92
N GLY J 20 5.50 -7.24 40.90
CA GLY J 20 6.82 -6.68 41.16
C GLY J 20 7.78 -6.93 40.02
N ALA J 21 7.77 -8.17 39.49
CA ALA J 21 8.62 -8.52 38.37
C ALA J 21 8.19 -7.77 37.12
N ALA J 22 6.88 -7.59 36.93
CA ALA J 22 6.37 -6.85 35.79
C ALA J 22 6.76 -5.39 35.89
N SER J 23 6.75 -4.84 37.10
CA SER J 23 7.16 -3.45 37.32
C SER J 23 8.64 -3.28 37.02
N ASN J 24 9.46 -4.24 37.44
CA ASN J 24 10.89 -4.19 37.15
C ASN J 24 11.15 -4.30 35.64
N THR J 25 10.39 -5.18 34.97
CA THR J 25 10.54 -5.35 33.53
C THR J 25 10.14 -4.09 32.76
N LEU J 26 9.06 -3.43 33.19
CA LEU J 26 8.65 -2.20 32.50
C LEU J 26 9.60 -1.05 32.80
N THR J 27 10.20 -1.02 34.00
CA THR J 27 11.14 0.06 34.29
C THR J 27 12.44 -0.12 33.51
N VAL J 28 12.87 -1.37 33.32
CA VAL J 28 14.09 -1.62 32.54
C VAL J 28 13.84 -1.31 31.07
N GLN J 29 12.70 -1.74 30.54
CA GLN J 29 12.34 -1.51 29.14
C GLN J 29 12.01 -0.03 28.90
N MET J 54 5.29 -10.82 -5.73
CA MET J 54 5.92 -9.88 -4.80
C MET J 54 4.90 -9.02 -4.08
N LEU J 55 3.63 -9.14 -4.47
CA LEU J 55 2.57 -8.37 -3.84
C LEU J 55 2.23 -8.87 -2.44
N GLN J 56 2.51 -10.14 -2.15
CA GLN J 56 2.21 -10.70 -0.83
C GLN J 56 3.05 -10.02 0.25
N LEU J 57 4.33 -9.77 -0.03
CA LEU J 57 5.18 -9.10 0.94
C LEU J 57 4.74 -7.66 1.16
N GLY J 58 4.29 -7.00 0.08
CA GLY J 58 3.83 -5.62 0.20
C GLY J 58 2.54 -5.53 1.02
N VAL J 59 1.58 -6.43 0.78
CA VAL J 59 0.34 -6.37 1.55
C VAL J 59 0.58 -6.79 3.00
N TRP J 60 1.52 -7.73 3.24
CA TRP J 60 1.82 -8.13 4.61
C TRP J 60 2.49 -6.98 5.36
N GLY J 61 3.41 -6.28 4.69
CA GLY J 61 4.06 -5.13 5.32
C GLY J 61 3.07 -4.01 5.57
N PHE J 62 2.11 -3.83 4.66
CA PHE J 62 1.09 -2.81 4.84
C PHE J 62 0.20 -3.14 6.03
N LYS J 63 -0.17 -4.41 6.20
CA LYS J 63 -1.00 -4.80 7.33
C LYS J 63 -0.25 -4.65 8.65
N GLN J 64 1.03 -5.04 8.66
CA GLN J 64 1.83 -4.91 9.88
C GLN J 64 2.04 -3.43 10.24
N LEU J 65 2.32 -2.59 9.25
CA LEU J 65 2.52 -1.17 9.49
C LEU J 65 1.23 -0.50 9.93
N GLN J 66 0.08 -0.88 9.36
CA GLN J 66 -1.17 -0.26 9.77
C GLN J 66 -1.55 -0.72 11.18
N ALA J 67 -1.19 -1.96 11.55
CA ALA J 67 -1.48 -2.42 12.90
C ALA J 67 -0.61 -1.67 13.91
N ARG J 68 0.67 -1.44 13.54
CA ARG J 68 1.57 -0.69 14.40
C ARG J 68 1.10 0.77 14.53
N VAL J 69 0.60 1.34 13.43
CA VAL J 69 0.09 2.71 13.45
C VAL J 69 -1.13 2.79 14.36
N LEU J 70 -2.06 1.83 14.23
CA LEU J 70 -3.26 1.80 15.07
C LEU J 70 -2.89 1.70 16.54
N ALA J 71 -1.86 0.90 16.85
CA ALA J 71 -1.38 0.81 18.22
C ALA J 71 -0.77 2.13 18.67
N ILE J 72 -0.17 2.88 17.72
CA ILE J 72 0.43 4.16 18.06
C ILE J 72 -0.67 5.17 18.41
N GLU J 73 -1.76 5.26 17.62
CA GLU J 73 -2.80 6.20 18.07
C GLU J 73 -3.51 5.70 19.31
N ARG J 74 -3.52 4.38 19.57
CA ARG J 74 -4.12 3.90 20.81
C ARG J 74 -3.29 4.35 21.99
N TYR J 75 -1.96 4.29 21.84
CA TYR J 75 -1.05 4.76 22.89
C TYR J 75 -1.20 6.26 23.10
N LEU J 76 -1.37 7.00 21.99
CA LEU J 76 -1.56 8.45 22.10
C LEU J 76 -2.88 8.79 22.79
N GLU J 77 -3.92 8.00 22.53
CA GLU J 77 -5.21 8.23 23.19
C GLU J 77 -5.10 7.96 24.68
N VAL J 78 -4.37 6.90 25.05
CA VAL J 78 -4.17 6.59 26.46
C VAL J 78 -3.35 7.69 27.13
N GLN J 79 -2.35 8.20 26.40
CA GLN J 79 -1.51 9.29 26.92
C GLN J 79 -2.33 10.56 27.11
N GLN J 80 -3.27 10.83 26.20
CA GLN J 80 -4.12 12.01 26.33
C GLN J 80 -5.07 11.86 27.52
N LEU J 81 -5.62 10.64 27.70
CA LEU J 81 -6.51 10.38 28.82
C LEU J 81 -5.77 10.48 30.15
N LEU J 82 -4.48 10.15 30.14
CA LEU J 82 -3.68 10.27 31.36
C LEU J 82 -3.26 11.72 31.58
N GLY J 83 -3.05 12.47 30.49
CA GLY J 83 -2.64 13.86 30.60
C GLY J 83 -3.75 14.78 31.06
N ILE J 84 -5.01 14.45 30.72
CA ILE J 84 -6.11 15.29 31.16
C ILE J 84 -6.33 15.09 32.66
N TRP J 85 -5.86 13.97 33.21
CA TRP J 85 -5.95 13.66 34.63
C TRP J 85 -4.76 14.20 35.41
N GLY J 86 -3.99 15.12 34.83
CA GLY J 86 -2.84 15.69 35.50
C GLY J 86 -1.60 14.85 35.46
N CYS J 87 -1.50 13.90 34.52
CA CYS J 87 -0.31 13.06 34.44
C CYS J 87 0.11 13.00 32.97
N SER J 88 0.87 14.00 32.53
CA SER J 88 1.38 14.08 31.17
C SER J 88 2.63 13.21 31.12
N GLY J 89 2.55 12.10 30.39
CA GLY J 89 3.68 11.19 30.37
C GLY J 89 3.65 10.55 31.72
N LYS J 90 4.83 10.39 32.35
CA LYS J 90 4.97 9.84 33.70
C LYS J 90 4.26 8.49 33.84
N LEU J 91 4.87 7.48 33.20
CA LEU J 91 4.34 6.11 33.18
C LEU J 91 4.04 5.58 34.58
N ILE J 92 4.77 6.05 35.60
CA ILE J 92 4.53 5.65 36.99
C ILE J 92 4.29 6.95 37.76
N CYS J 93 3.02 7.38 37.81
CA CYS J 93 2.61 8.57 38.54
C CYS J 93 1.54 8.12 39.53
N CYS J 94 1.58 8.67 40.74
CA CYS J 94 0.63 8.18 41.73
C CYS J 94 -0.78 8.77 41.72
N THR J 95 -0.99 9.98 42.22
CA THR J 95 -2.34 10.57 42.29
C THR J 95 -2.42 12.03 42.70
N ALA J 96 -3.68 12.46 42.90
CA ALA J 96 -4.06 13.78 43.36
C ALA J 96 -5.18 13.67 44.40
N VAL J 97 -5.47 12.45 44.86
CA VAL J 97 -6.52 12.18 45.84
C VAL J 97 -6.10 10.98 46.70
N PRO J 98 -6.30 11.01 48.01
CA PRO J 98 -5.90 9.87 48.85
C PRO J 98 -6.84 8.68 48.71
N TRP J 99 -6.30 7.51 49.03
CA TRP J 99 -7.04 6.26 48.97
C TRP J 99 -8.02 6.16 50.15
N ASN J 100 -9.15 5.51 49.90
CA ASN J 100 -10.19 5.32 50.89
C ASN J 100 -10.29 3.84 51.23
N SER J 101 -10.39 3.54 52.53
CA SER J 101 -10.47 2.16 53.00
C SER J 101 -11.80 1.48 52.71
N SER J 102 -12.84 2.23 52.33
CA SER J 102 -14.13 1.63 52.04
C SER J 102 -14.18 0.90 50.70
N TRP J 103 -13.18 1.06 49.85
CA TRP J 103 -13.18 0.38 48.55
C TRP J 103 -12.78 -1.07 48.69
N SER J 104 -11.64 -1.34 49.31
CA SER J 104 -11.16 -2.71 49.48
C SER J 104 -10.32 -2.77 50.75
N ASN J 105 -9.75 -3.94 51.00
CA ASN J 105 -8.91 -4.20 52.17
C ASN J 105 -7.52 -4.64 51.72
N LYS J 106 -6.72 -5.09 52.69
CA LYS J 106 -5.35 -5.60 52.57
C LYS J 106 -4.35 -4.50 52.20
N SER J 107 -3.11 -4.65 52.64
CA SER J 107 -2.03 -3.70 52.40
C SER J 107 -1.01 -4.28 51.42
N GLN J 108 0.11 -3.58 51.27
CA GLN J 108 1.16 -3.98 50.35
C GLN J 108 1.88 -5.25 50.80
N GLU J 109 1.81 -5.61 52.08
CA GLU J 109 2.51 -6.81 52.55
C GLU J 109 1.87 -8.11 52.09
N ASP J 110 0.57 -8.12 51.77
CA ASP J 110 -0.08 -9.36 51.33
C ASP J 110 -0.73 -9.20 49.95
N ILE J 111 -0.28 -8.25 49.16
CA ILE J 111 -0.84 -8.03 47.82
C ILE J 111 0.27 -8.09 46.78
N TRP J 112 1.37 -7.39 47.03
CA TRP J 112 2.48 -7.36 46.09
C TRP J 112 3.42 -8.56 46.19
N ASP J 113 3.02 -9.66 46.81
CA ASP J 113 3.90 -10.81 46.88
C ASP J 113 3.24 -12.16 46.67
N ASN J 114 1.91 -12.24 46.51
CA ASN J 114 1.28 -13.55 46.33
C ASN J 114 0.10 -13.56 45.36
N MET J 115 -0.20 -12.46 44.66
CA MET J 115 -1.34 -12.47 43.76
C MET J 115 -1.03 -11.63 42.52
N THR J 116 -1.75 -11.94 41.44
CA THR J 116 -1.62 -11.28 40.15
C THR J 116 -2.69 -10.20 40.01
N TRP J 117 -2.84 -9.68 38.79
CA TRP J 117 -3.81 -8.63 38.50
C TRP J 117 -5.22 -9.16 38.27
N MET J 118 -5.44 -10.48 38.33
CA MET J 118 -6.78 -11.02 38.11
C MET J 118 -7.75 -10.62 39.21
N GLN J 119 -7.34 -10.76 40.47
CA GLN J 119 -8.20 -10.37 41.58
C GLN J 119 -8.40 -8.87 41.61
N TRP J 120 -7.38 -8.10 41.21
CA TRP J 120 -7.50 -6.65 41.16
C TRP J 120 -8.49 -6.23 40.08
N ASP J 121 -8.44 -6.91 38.93
CA ASP J 121 -9.37 -6.60 37.84
C ASP J 121 -10.79 -6.98 38.21
N ARG J 122 -10.95 -8.07 38.98
CA ARG J 122 -12.28 -8.47 39.39
C ARG J 122 -12.83 -7.55 40.48
N GLU J 123 -11.94 -7.01 41.33
CA GLU J 123 -12.36 -6.11 42.39
C GLU J 123 -12.69 -4.71 41.86
N ILE J 124 -11.91 -4.23 40.88
CA ILE J 124 -12.16 -2.89 40.33
C ILE J 124 -13.40 -2.89 39.43
N GLY J 125 -13.88 -4.07 38.99
CA GLY J 125 -15.05 -4.16 38.13
C GLY J 125 -16.32 -3.61 38.77
N ASN J 126 -16.40 -3.57 40.10
CA ASN J 126 -17.58 -3.05 40.75
C ASN J 126 -17.63 -1.53 40.75
N TYR J 127 -16.47 -0.87 40.81
CA TYR J 127 -16.41 0.59 40.84
C TYR J 127 -15.33 1.11 39.89
N THR J 128 -15.33 0.61 38.65
CA THR J 128 -14.36 1.01 37.64
C THR J 128 -14.53 2.47 37.24
N ASP J 129 -15.75 2.86 36.89
CA ASP J 129 -16.00 4.23 36.49
C ASP J 129 -15.90 5.20 37.67
N THR J 130 -16.22 4.72 38.88
CA THR J 130 -16.18 5.56 40.07
C THR J 130 -14.76 6.03 40.39
N ILE J 131 -13.78 5.13 40.24
CA ILE J 131 -12.39 5.48 40.50
C ILE J 131 -11.88 6.46 39.45
N TYR J 132 -12.28 6.26 38.19
CA TYR J 132 -11.83 7.15 37.12
C TYR J 132 -12.39 8.55 37.26
N ARG J 133 -13.65 8.68 37.68
CA ARG J 133 -14.24 10.00 37.80
C ARG J 133 -13.74 10.73 39.05
N LEU J 134 -13.49 9.99 40.14
CA LEU J 134 -13.03 10.60 41.39
C LEU J 134 -11.65 11.24 41.22
N LEU J 135 -10.81 10.62 40.39
CA LEU J 135 -9.48 11.17 40.16
C LEU J 135 -9.53 12.32 39.15
N GLU J 136 -10.67 12.48 38.48
CA GLU J 136 -10.81 13.55 37.49
C GLU J 136 -11.10 14.89 38.15
N GLU J 137 -12.16 14.98 38.97
CA GLU J 137 -12.45 16.26 39.62
C GLU J 137 -11.46 16.58 40.72
N SER J 138 -10.76 15.58 41.26
CA SER J 138 -9.77 15.84 42.31
C SER J 138 -8.59 16.60 41.73
N GLN J 139 -8.16 16.21 40.52
CA GLN J 139 -7.05 16.91 39.87
C GLN J 139 -7.51 18.28 39.39
N PHE J 140 -8.79 18.40 39.04
CA PHE J 140 -9.34 19.68 38.60
C PHE J 140 -9.36 20.67 39.75
N GLN J 141 -9.54 20.16 40.97
CA GLN J 141 -9.54 21.03 42.15
C GLN J 141 -8.14 21.55 42.43
N GLN J 142 -7.11 20.74 42.17
CA GLN J 142 -5.74 21.18 42.39
C GLN J 142 -5.33 22.21 41.36
N GLU J 143 -5.91 22.14 40.16
CA GLU J 143 -5.59 23.10 39.10
C GLU J 143 -6.17 24.47 39.45
N ILE J 144 -7.33 24.49 40.10
CA ILE J 144 -7.96 25.76 40.50
C ILE J 144 -7.17 26.38 41.64
N ASN J 145 -6.77 25.57 42.61
CA ASN J 145 -6.00 26.03 43.75
C ASN J 145 -4.56 26.36 43.34
N ASP K 1 35.74 -38.72 -9.01
CA ASP K 1 36.00 -38.00 -7.77
C ASP K 1 37.50 -37.76 -7.59
N ILE K 2 37.85 -36.64 -6.95
CA ILE K 2 39.24 -36.29 -6.71
C ILE K 2 39.72 -37.10 -5.51
N GLN K 3 40.45 -38.17 -5.77
CA GLN K 3 40.96 -39.02 -4.70
C GLN K 3 42.31 -38.51 -4.22
N MET K 4 42.56 -38.67 -2.92
CA MET K 4 43.81 -38.25 -2.30
C MET K 4 44.46 -39.44 -1.62
N THR K 5 45.76 -39.60 -1.83
CA THR K 5 46.52 -40.70 -1.24
C THR K 5 47.81 -40.16 -0.64
N GLN K 6 48.32 -40.89 0.35
CA GLN K 6 49.55 -40.50 1.03
C GLN K 6 50.43 -41.72 1.21
N SER K 7 51.73 -41.56 0.96
CA SER K 7 52.70 -42.65 1.09
C SER K 7 54.04 -42.03 1.44
N PRO K 8 54.83 -42.64 2.34
CA PRO K 8 54.57 -43.88 3.08
C PRO K 8 53.64 -43.68 4.28
N SER K 9 53.26 -44.79 4.92
CA SER K 9 52.37 -44.71 6.08
C SER K 9 53.07 -44.10 7.28
N SER K 10 54.29 -44.55 7.58
CA SER K 10 55.04 -44.03 8.72
C SER K 10 56.53 -44.22 8.48
N LEU K 11 57.33 -43.50 9.26
CA LEU K 11 58.78 -43.57 9.18
C LEU K 11 59.33 -43.60 10.60
N SER K 12 60.66 -43.58 10.71
CA SER K 12 61.33 -43.61 12.00
C SER K 12 62.60 -42.77 11.91
N ALA K 13 62.76 -41.84 12.84
CA ALA K 13 63.93 -40.98 12.87
C ALA K 13 64.23 -40.59 14.32
N SER K 14 65.15 -39.65 14.49
CA SER K 14 65.55 -39.16 15.80
C SER K 14 65.30 -37.65 15.89
N VAL K 15 65.68 -37.07 17.03
CA VAL K 15 65.49 -35.64 17.24
C VAL K 15 66.53 -34.86 16.44
N GLY K 16 66.10 -33.74 15.86
CA GLY K 16 66.97 -32.90 15.07
C GLY K 16 67.21 -33.36 13.64
N ASP K 17 66.60 -34.44 13.21
CA ASP K 17 66.78 -34.95 11.86
C ASP K 17 65.76 -34.35 10.91
N THR K 18 65.99 -34.55 9.62
CA THR K 18 65.12 -34.05 8.57
C THR K 18 64.05 -35.09 8.25
N VAL K 19 62.80 -34.65 8.20
CA VAL K 19 61.66 -35.52 7.90
C VAL K 19 61.01 -35.02 6.62
N THR K 20 60.84 -35.94 5.66
CA THR K 20 60.24 -35.62 4.37
C THR K 20 58.94 -36.40 4.20
N ILE K 21 57.86 -35.68 3.89
CA ILE K 21 56.55 -36.27 3.69
C ILE K 21 56.09 -35.93 2.28
N THR K 22 55.70 -36.95 1.50
CA THR K 22 55.25 -36.78 0.13
C THR K 22 53.78 -37.12 0.00
N CYS K 23 53.07 -36.30 -0.78
CA CYS K 23 51.64 -36.49 -1.04
C CYS K 23 51.44 -36.47 -2.55
N ARG K 24 50.75 -37.48 -3.07
CA ARG K 24 50.49 -37.60 -4.49
C ARG K 24 49.00 -37.42 -4.76
N ALA K 25 48.66 -36.60 -5.74
CA ALA K 25 47.28 -36.32 -6.11
C ALA K 25 46.90 -37.10 -7.37
N SER K 26 45.57 -37.19 -7.59
CA SER K 26 45.06 -37.90 -8.75
C SER K 26 45.36 -37.15 -10.05
N GLN K 27 45.19 -35.83 -10.03
CA GLN K 27 45.45 -35.01 -11.20
C GLN K 27 46.15 -33.73 -10.76
N SER K 28 46.56 -32.93 -11.75
CA SER K 28 47.25 -31.68 -11.47
C SER K 28 46.28 -30.66 -10.88
N ILE K 29 46.63 -30.11 -9.72
CA ILE K 29 45.83 -29.12 -9.03
C ILE K 29 46.64 -27.86 -8.72
N SER K 30 47.69 -27.60 -9.51
CA SER K 30 48.59 -26.46 -9.39
C SER K 30 49.24 -26.38 -8.01
N THR K 31 48.87 -25.37 -7.23
CA THR K 31 49.41 -25.15 -5.89
C THR K 31 48.27 -24.99 -4.90
N TRP K 32 47.17 -25.69 -5.13
CA TRP K 32 45.99 -25.62 -4.25
C TRP K 32 46.03 -26.75 -3.23
N LEU K 33 47.07 -26.71 -2.39
CA LEU K 33 47.27 -27.72 -1.35
C LEU K 33 47.67 -27.05 -0.05
N ALA K 34 47.24 -27.64 1.06
CA ALA K 34 47.56 -27.15 2.39
C ALA K 34 48.02 -28.31 3.26
N TRP K 35 48.73 -27.98 4.33
CA TRP K 35 49.24 -28.96 5.26
C TRP K 35 48.70 -28.69 6.67
N TYR K 36 48.46 -29.76 7.42
CA TYR K 36 47.91 -29.67 8.76
C TYR K 36 48.70 -30.57 9.71
N GLN K 37 48.90 -30.06 10.94
CA GLN K 37 49.62 -30.78 11.98
C GLN K 37 48.61 -31.19 13.04
N GLN K 38 48.50 -32.50 13.30
CA GLN K 38 47.55 -33.03 14.28
C GLN K 38 48.31 -33.73 15.40
N LYS K 39 48.37 -33.08 16.56
CA LYS K 39 49.01 -33.63 17.74
C LYS K 39 48.08 -34.65 18.39
N PRO K 40 48.63 -35.57 19.23
CA PRO K 40 47.77 -36.56 19.88
C PRO K 40 46.77 -35.90 20.82
N GLY K 41 45.49 -35.96 20.45
CA GLY K 41 44.42 -35.35 21.20
C GLY K 41 44.08 -33.98 20.63
N LYS K 42 43.06 -33.38 21.23
CA LYS K 42 42.45 -32.07 20.95
C LYS K 42 42.22 -31.88 19.45
N ALA K 43 42.26 -30.63 18.95
CA ALA K 43 42.04 -30.33 17.55
C ALA K 43 43.35 -29.95 16.86
N PRO K 44 43.50 -30.30 15.57
CA PRO K 44 44.73 -29.96 14.86
C PRO K 44 44.80 -28.48 14.50
N LYS K 45 45.97 -28.09 14.01
CA LYS K 45 46.26 -26.72 13.61
C LYS K 45 46.90 -26.72 12.23
N VAL K 46 46.63 -25.66 11.45
CA VAL K 46 47.17 -25.55 10.10
C VAL K 46 48.68 -25.33 10.19
N LEU K 47 49.41 -25.89 9.21
CA LEU K 47 50.87 -25.78 9.17
C LEU K 47 51.36 -24.90 8.04
N ILE K 48 51.04 -25.25 6.79
CA ILE K 48 51.47 -24.49 5.62
C ILE K 48 50.33 -24.52 4.60
N TYR K 49 49.92 -23.35 4.13
CA TYR K 49 48.86 -23.24 3.14
C TYR K 49 49.43 -22.73 1.82
N SER K 50 48.73 -23.09 0.74
CA SER K 50 49.06 -22.76 -0.66
C SER K 50 50.38 -23.38 -1.12
N ALA K 51 50.90 -24.36 -0.34
CA ALA K 51 52.12 -25.13 -0.55
C ALA K 51 53.41 -24.33 -0.51
N SER K 52 53.34 -23.01 -0.41
CA SER K 52 54.53 -22.18 -0.35
C SER K 52 54.48 -21.05 0.67
N ILE K 53 53.31 -20.59 1.08
CA ILE K 53 53.18 -19.49 2.02
C ILE K 53 53.13 -20.04 3.44
N LEU K 54 53.96 -19.50 4.32
CA LEU K 54 53.99 -19.92 5.71
C LEU K 54 52.83 -19.31 6.49
N GLN K 55 52.61 -19.83 7.69
CA GLN K 55 51.56 -19.36 8.57
C GLN K 55 52.13 -18.45 9.64
N SER K 56 51.39 -17.40 9.99
CA SER K 56 51.82 -16.46 11.01
C SER K 56 51.81 -17.13 12.38
N GLY K 57 53.00 -17.45 12.89
CA GLY K 57 53.14 -18.08 14.18
C GLY K 57 53.78 -19.46 14.15
N VAL K 58 54.23 -19.93 12.99
CA VAL K 58 54.86 -21.25 12.89
C VAL K 58 56.36 -21.03 12.80
N PRO K 59 57.19 -21.94 13.31
CA PRO K 59 58.64 -21.75 13.21
C PRO K 59 59.13 -21.88 11.77
N SER K 60 60.34 -21.35 11.55
CA SER K 60 60.97 -21.36 10.24
C SER K 60 61.65 -22.68 9.87
N ARG K 61 61.48 -23.73 10.68
CA ARG K 61 62.09 -25.02 10.39
C ARG K 61 61.24 -25.88 9.46
N PHE K 62 60.09 -25.39 9.03
CA PHE K 62 59.20 -26.12 8.14
C PHE K 62 59.14 -25.42 6.78
N ARG K 63 59.38 -26.17 5.72
CA ARG K 63 59.35 -25.63 4.37
C ARG K 63 58.63 -26.60 3.45
N GLY K 64 57.81 -26.05 2.56
CA GLY K 64 57.07 -26.87 1.62
C GLY K 64 57.22 -26.34 0.20
N SER K 65 57.17 -27.27 -0.75
CA SER K 65 57.30 -26.94 -2.16
C SER K 65 56.65 -28.03 -2.99
N GLY K 66 56.37 -27.70 -4.24
CA GLY K 66 55.76 -28.63 -5.17
C GLY K 66 54.70 -27.95 -6.01
N SER K 67 54.43 -28.53 -7.18
CA SER K 67 53.44 -28.00 -8.10
C SER K 67 52.89 -29.15 -8.93
N GLY K 68 51.70 -28.92 -9.49
CA GLY K 68 51.06 -29.93 -10.32
C GLY K 68 50.37 -31.02 -9.52
N SER K 69 50.94 -32.22 -9.52
CA SER K 69 50.38 -33.35 -8.79
C SER K 69 51.34 -33.97 -7.78
N ASP K 70 52.63 -33.69 -7.87
CA ASP K 70 53.62 -34.23 -6.95
C ASP K 70 54.04 -33.13 -5.98
N PHE K 71 53.91 -33.40 -4.68
CA PHE K 71 54.25 -32.44 -3.64
C PHE K 71 55.06 -33.13 -2.56
N THR K 72 56.04 -32.41 -2.01
CA THR K 72 56.90 -32.96 -0.97
C THR K 72 57.23 -31.86 0.02
N LEU K 73 57.03 -32.13 1.30
CA LEU K 73 57.31 -31.18 2.38
C LEU K 73 58.46 -31.69 3.22
N THR K 74 59.41 -30.80 3.52
CA THR K 74 60.58 -31.13 4.31
C THR K 74 60.55 -30.37 5.63
N ILE K 75 61.28 -30.89 6.61
CA ILE K 75 61.37 -30.30 7.94
C ILE K 75 62.85 -30.09 8.24
N GLY K 76 63.22 -28.84 8.54
CA GLY K 76 64.61 -28.54 8.84
C GLY K 76 65.07 -29.10 10.18
N SER K 77 64.26 -28.96 11.22
CA SER K 77 64.62 -29.46 12.54
C SER K 77 63.39 -30.07 13.20
N LEU K 78 63.56 -31.28 13.74
CA LEU K 78 62.49 -32.00 14.42
C LEU K 78 62.66 -31.80 15.92
N GLN K 79 61.74 -31.06 16.53
CA GLN K 79 61.79 -30.76 17.95
C GLN K 79 60.88 -31.70 18.73
N ILE K 80 60.78 -31.46 20.04
CA ILE K 80 59.95 -32.29 20.91
C ILE K 80 58.46 -31.99 20.68
N GLU K 81 58.13 -30.78 20.23
CA GLU K 81 56.76 -30.41 19.97
C GLU K 81 56.31 -30.69 18.54
N ASP K 82 57.22 -31.17 17.68
CA ASP K 82 56.89 -31.47 16.30
C ASP K 82 56.45 -32.91 16.10
N PHE K 83 56.46 -33.73 17.15
CA PHE K 83 56.03 -35.12 17.05
C PHE K 83 54.52 -35.17 16.96
N ALA K 84 54.00 -35.26 15.74
CA ALA K 84 52.56 -35.30 15.52
C ALA K 84 52.29 -36.01 14.20
N THR K 85 51.03 -35.98 13.77
CA THR K 85 50.61 -36.61 12.53
C THR K 85 50.36 -35.53 11.49
N TYR K 86 50.94 -35.69 10.31
CA TYR K 86 50.82 -34.73 9.22
C TYR K 86 49.74 -35.16 8.24
N PHE K 87 48.92 -34.19 7.82
CA PHE K 87 47.84 -34.42 6.87
C PHE K 87 47.86 -33.36 5.78
N CYS K 88 47.72 -33.79 4.53
CA CYS K 88 47.69 -32.91 3.38
C CYS K 88 46.26 -32.86 2.85
N GLN K 89 45.71 -31.66 2.72
CA GLN K 89 44.35 -31.47 2.24
C GLN K 89 44.32 -30.54 1.03
N GLN K 90 43.58 -30.96 0.01
CA GLN K 90 43.41 -30.18 -1.21
C GLN K 90 42.08 -29.46 -1.12
N TYR K 91 41.99 -28.30 -1.77
CA TYR K 91 40.77 -27.51 -1.75
C TYR K 91 40.38 -27.03 -3.14
N THR K 92 40.53 -27.89 -4.14
CA THR K 92 40.17 -27.53 -5.51
C THR K 92 38.68 -27.84 -5.69
N GLY K 93 37.86 -27.00 -5.07
CA GLY K 93 36.42 -27.16 -5.11
C GLY K 93 35.95 -28.29 -4.20
N SER K 94 34.63 -28.46 -4.16
CA SER K 94 34.06 -29.51 -3.34
C SER K 94 34.26 -30.86 -4.02
N PRO K 95 34.57 -31.93 -3.25
CA PRO K 95 34.74 -31.97 -1.79
C PRO K 95 36.16 -31.63 -1.34
N PHE K 96 36.31 -31.38 -0.04
CA PHE K 96 37.60 -31.05 0.55
C PHE K 96 38.16 -32.34 1.15
N THR K 97 38.68 -33.19 0.27
CA THR K 97 39.24 -34.46 0.69
C THR K 97 40.56 -34.30 1.44
N PHE K 98 40.75 -35.14 2.44
CA PHE K 98 41.95 -35.15 3.27
C PHE K 98 42.92 -36.21 2.77
N GLY K 99 44.09 -36.25 3.40
CA GLY K 99 45.12 -37.22 3.04
C GLY K 99 44.99 -38.52 3.82
N GLY K 100 45.91 -39.43 3.53
CA GLY K 100 45.90 -40.71 4.21
C GLY K 100 46.39 -40.67 5.63
N GLY K 101 47.33 -39.78 5.94
CA GLY K 101 47.86 -39.66 7.28
C GLY K 101 49.21 -40.32 7.47
N THR K 102 50.15 -39.58 8.06
CA THR K 102 51.49 -40.08 8.34
C THR K 102 51.79 -39.95 9.82
N LYS K 103 52.82 -40.65 10.26
CA LYS K 103 53.22 -40.62 11.67
C LYS K 103 54.73 -40.76 11.76
N VAL K 104 55.29 -40.24 12.86
CA VAL K 104 56.72 -40.28 13.11
C VAL K 104 56.98 -41.20 14.31
N GLU K 105 58.17 -41.77 14.36
CA GLU K 105 58.57 -42.68 15.42
C GLU K 105 59.96 -42.31 15.92
N ILE K 106 60.22 -42.62 17.20
CA ILE K 106 61.50 -42.35 17.83
C ILE K 106 62.08 -43.68 18.29
N LYS K 107 63.29 -43.97 17.86
CA LYS K 107 63.96 -45.21 18.23
C LYS K 107 64.58 -45.11 19.62
N LEU L 9 14.05 15.76 13.73
CA LEU L 9 15.46 15.45 13.97
C LEU L 9 16.36 16.32 13.10
N GLY L 10 17.67 16.20 13.31
CA GLY L 10 18.63 16.98 12.56
C GLY L 10 18.99 18.29 13.22
N PHE L 11 19.31 18.24 14.51
CA PHE L 11 19.68 19.42 15.29
C PHE L 11 21.13 19.35 15.74
N LEU L 12 22.02 18.85 14.89
CA LEU L 12 23.42 18.72 15.20
C LEU L 12 24.23 19.97 14.83
N GLY L 13 23.57 21.04 14.38
CA GLY L 13 24.28 22.25 14.00
C GLY L 13 24.89 23.00 15.16
N ALA L 14 24.39 22.78 16.37
CA ALA L 14 24.92 23.45 17.56
C ALA L 14 26.09 22.71 18.19
N ALA L 15 26.51 21.59 17.60
CA ALA L 15 27.62 20.81 18.14
C ALA L 15 28.94 21.53 17.95
N GLY L 16 29.81 21.42 18.96
CA GLY L 16 31.12 22.04 18.91
C GLY L 16 31.13 23.53 19.22
N SER L 17 30.00 24.11 19.58
CA SER L 17 29.91 25.53 19.89
C SER L 17 29.74 25.72 21.40
N THR L 18 29.52 26.98 21.80
CA THR L 18 29.32 27.31 23.20
C THR L 18 27.97 26.79 23.67
N MET L 19 27.92 26.30 24.92
CA MET L 19 26.68 25.77 25.46
C MET L 19 25.62 26.85 25.61
N GLY L 20 26.03 28.10 25.83
CA GLY L 20 25.06 29.18 25.92
C GLY L 20 24.39 29.45 24.58
N ALA L 21 25.19 29.50 23.51
CA ALA L 21 24.64 29.72 22.18
C ALA L 21 23.84 28.51 21.74
N ALA L 22 24.26 27.30 22.14
CA ALA L 22 23.52 26.09 21.79
C ALA L 22 22.18 26.07 22.50
N SER L 23 22.14 26.51 23.76
CA SER L 23 20.89 26.57 24.50
C SER L 23 19.96 27.60 23.89
N ASN L 24 20.50 28.76 23.49
CA ASN L 24 19.69 29.79 22.87
C ASN L 24 19.13 29.34 21.53
N THR L 25 19.94 28.68 20.71
CA THR L 25 19.45 28.22 19.41
C THR L 25 18.50 27.04 19.54
N LEU L 26 18.58 26.25 20.62
CA LEU L 26 17.62 25.16 20.75
C LEU L 26 16.31 25.69 21.30
N THR L 27 16.36 26.73 22.14
CA THR L 27 15.12 27.29 22.67
C THR L 27 14.39 28.13 21.63
N VAL L 28 15.11 28.83 20.75
CA VAL L 28 14.42 29.63 19.74
C VAL L 28 13.90 28.74 18.60
N GLN L 29 14.51 27.56 18.41
CA GLN L 29 14.15 26.57 17.38
C GLN L 29 14.12 27.16 15.96
N MET L 54 3.99 2.23 -12.39
CA MET L 54 3.07 2.43 -11.27
C MET L 54 3.59 1.77 -10.00
N LEU L 55 4.50 0.81 -10.16
CA LEU L 55 5.07 0.11 -9.01
C LEU L 55 6.11 0.97 -8.30
N GLN L 56 6.77 1.86 -9.05
CA GLN L 56 7.79 2.73 -8.47
C GLN L 56 7.19 3.68 -7.43
N LEU L 57 6.03 4.25 -7.74
CA LEU L 57 5.36 5.16 -6.80
C LEU L 57 4.94 4.42 -5.54
N GLY L 58 4.44 3.19 -5.69
CA GLY L 58 4.00 2.40 -4.55
C GLY L 58 5.17 2.02 -3.64
N VAL L 59 6.29 1.57 -4.22
CA VAL L 59 7.43 1.19 -3.38
C VAL L 59 8.07 2.44 -2.75
N TRP L 60 8.08 3.57 -3.48
CA TRP L 60 8.64 4.79 -2.93
C TRP L 60 7.82 5.29 -1.76
N GLY L 61 6.49 5.29 -1.91
CA GLY L 61 5.62 5.71 -0.83
C GLY L 61 5.67 4.75 0.35
N PHE L 62 5.83 3.45 0.08
CA PHE L 62 5.91 2.47 1.16
C PHE L 62 7.17 2.67 1.98
N LYS L 63 8.31 2.91 1.32
CA LYS L 63 9.55 3.14 2.06
C LYS L 63 9.50 4.47 2.80
N GLN L 64 8.90 5.49 2.19
CA GLN L 64 8.78 6.78 2.86
C GLN L 64 7.86 6.67 4.08
N LEU L 65 6.80 5.87 3.96
CA LEU L 65 5.86 5.68 5.06
C LEU L 65 6.51 4.90 6.19
N GLN L 66 7.32 3.87 5.87
CA GLN L 66 7.96 3.12 6.94
C GLN L 66 9.02 3.96 7.63
N ALA L 67 9.72 4.83 6.87
CA ALA L 67 10.71 5.71 7.49
C ALA L 67 10.03 6.74 8.38
N ARG L 68 8.88 7.26 7.92
CA ARG L 68 8.14 8.25 8.70
C ARG L 68 7.57 7.64 9.98
N VAL L 69 7.02 6.42 9.90
CA VAL L 69 6.47 5.81 11.11
C VAL L 69 7.60 5.43 12.06
N LEU L 70 8.79 5.11 11.51
CA LEU L 70 9.92 4.81 12.38
C LEU L 70 10.37 6.07 13.10
N ALA L 71 10.33 7.22 12.40
CA ALA L 71 10.69 8.49 13.01
C ALA L 71 9.70 8.88 14.10
N ILE L 72 8.41 8.66 13.86
CA ILE L 72 7.39 8.96 14.86
C ILE L 72 7.54 8.02 16.06
N GLU L 73 7.87 6.75 15.81
CA GLU L 73 8.07 5.81 16.91
C GLU L 73 9.27 6.21 17.75
N ARG L 74 10.34 6.68 17.11
CA ARG L 74 11.53 7.13 17.84
C ARG L 74 11.22 8.39 18.65
N TYR L 75 10.40 9.29 18.08
CA TYR L 75 10.03 10.50 18.80
C TYR L 75 9.17 10.20 20.01
N LEU L 76 8.21 9.27 19.88
CA LEU L 76 7.40 8.91 21.03
C LEU L 76 8.22 8.13 22.06
N GLU L 77 9.22 7.36 21.62
CA GLU L 77 10.07 6.65 22.57
C GLU L 77 10.92 7.61 23.39
N VAL L 78 11.53 8.61 22.73
CA VAL L 78 12.33 9.57 23.47
C VAL L 78 11.43 10.46 24.32
N GLN L 79 10.20 10.75 23.88
CA GLN L 79 9.28 11.55 24.68
C GLN L 79 8.85 10.78 25.91
N GLN L 80 8.63 9.47 25.78
CA GLN L 80 8.25 8.64 26.92
C GLN L 80 9.40 8.54 27.90
N LEU L 81 10.63 8.42 27.38
CA LEU L 81 11.81 8.35 28.23
C LEU L 81 12.04 9.66 28.98
N LEU L 82 11.72 10.78 28.34
CA LEU L 82 11.86 12.08 29.00
C LEU L 82 10.75 12.32 30.01
N GLY L 83 9.54 11.84 29.73
CA GLY L 83 8.43 12.04 30.64
C GLY L 83 8.41 11.11 31.83
N ILE L 84 9.00 9.91 31.71
CA ILE L 84 9.00 8.98 32.82
C ILE L 84 9.97 9.44 33.91
N TRP L 85 10.95 10.28 33.55
CA TRP L 85 11.91 10.77 34.54
C TRP L 85 11.29 11.85 35.44
N GLY L 86 10.18 12.44 35.03
CA GLY L 86 9.54 13.47 35.82
C GLY L 86 9.66 14.85 35.22
N CYS L 87 9.75 14.92 33.89
CA CYS L 87 9.86 16.19 33.18
C CYS L 87 8.68 16.51 32.28
N SER L 88 7.97 15.48 31.79
CA SER L 88 6.80 15.61 30.92
C SER L 88 7.07 16.42 29.66
N GLY L 89 8.24 16.20 29.06
CA GLY L 89 8.60 16.91 27.85
C GLY L 89 9.51 18.10 28.07
N LYS L 90 9.16 19.23 27.43
CA LYS L 90 9.88 20.50 27.49
C LYS L 90 11.32 20.40 27.01
N LEU L 91 12.10 21.44 27.24
CA LEU L 91 13.51 21.47 26.84
C LEU L 91 14.45 21.38 28.03
N ILE L 92 14.29 22.26 29.02
CA ILE L 92 15.12 22.28 30.22
C ILE L 92 14.23 21.82 31.37
N CYS L 93 14.66 20.75 32.05
CA CYS L 93 13.91 20.18 33.15
C CYS L 93 14.72 20.26 34.44
N CYS L 94 14.08 20.74 35.51
CA CYS L 94 14.71 20.87 36.82
C CYS L 94 14.18 19.74 37.70
N THR L 95 15.01 18.73 37.93
CA THR L 95 14.62 17.60 38.75
C THR L 95 14.83 17.91 40.24
N ALA L 96 14.24 17.05 41.07
CA ALA L 96 14.34 17.21 42.52
C ALA L 96 15.59 16.56 43.10
N VAL L 97 16.35 15.81 42.32
CA VAL L 97 17.56 15.16 42.81
C VAL L 97 18.71 16.18 42.78
N PRO L 98 19.47 16.30 43.87
CA PRO L 98 20.57 17.26 43.90
C PRO L 98 21.88 16.68 43.36
N TRP L 99 22.75 17.59 42.92
CA TRP L 99 24.05 17.18 42.40
C TRP L 99 24.96 16.75 43.52
N ASN L 100 25.73 15.70 43.28
CA ASN L 100 26.66 15.16 44.26
C ASN L 100 28.10 15.47 43.87
N SER L 101 28.94 15.68 44.89
CA SER L 101 30.34 16.01 44.67
C SER L 101 31.15 14.83 44.14
N SER L 102 30.63 13.60 44.20
CA SER L 102 31.37 12.45 43.70
C SER L 102 31.37 12.35 42.19
N TRP L 103 30.50 13.08 41.50
CA TRP L 103 30.44 13.03 40.04
C TRP L 103 31.22 14.18 39.40
N SER L 104 32.54 14.17 39.66
CA SER L 104 33.51 15.14 39.14
C SER L 104 33.11 16.58 39.49
N ASN L 105 33.19 16.87 40.79
CA ASN L 105 32.84 18.20 41.28
C ASN L 105 33.76 19.30 40.74
N LYS L 106 33.14 20.33 40.18
CA LYS L 106 33.82 21.47 39.58
C LYS L 106 32.90 22.69 39.68
N SER L 107 33.45 23.86 39.38
CA SER L 107 32.66 25.07 39.42
C SER L 107 31.73 25.13 38.22
N GLN L 108 30.72 26.01 38.32
CA GLN L 108 29.74 26.16 37.23
C GLN L 108 30.38 26.73 35.97
N GLU L 109 31.29 27.67 36.12
CA GLU L 109 31.97 28.30 34.98
C GLU L 109 33.05 27.42 34.35
N ASP L 110 33.43 26.32 34.99
CA ASP L 110 34.46 25.45 34.44
C ASP L 110 33.94 24.48 33.37
N ILE L 111 32.63 24.40 33.18
CA ILE L 111 32.03 23.52 32.19
C ILE L 111 31.28 24.32 31.12
N TRP L 112 30.42 25.23 31.54
CA TRP L 112 29.62 26.04 30.63
C TRP L 112 30.42 27.12 29.89
N ASP L 113 31.75 27.27 29.94
CA ASP L 113 32.38 28.34 29.20
C ASP L 113 33.70 28.02 28.52
N ASN L 114 34.16 26.76 28.51
CA ASN L 114 35.45 26.49 27.86
C ASN L 114 35.57 25.21 27.03
N MET L 115 34.54 24.38 26.91
CA MET L 115 34.64 23.20 26.06
C MET L 115 33.29 22.90 25.43
N THR L 116 33.23 21.79 24.70
CA THR L 116 32.03 21.34 24.01
C THR L 116 31.43 20.15 24.75
N TRP L 117 30.39 19.56 24.14
CA TRP L 117 29.71 18.43 24.73
C TRP L 117 30.49 17.12 24.65
N MET L 118 31.59 17.07 23.88
CA MET L 118 32.36 15.84 23.74
C MET L 118 33.03 15.47 25.06
N GLN L 119 33.74 16.43 25.67
CA GLN L 119 34.44 16.18 26.93
C GLN L 119 33.45 15.84 28.04
N TRP L 120 32.32 16.55 28.10
CA TRP L 120 31.32 16.26 29.13
C TRP L 120 30.69 14.89 28.92
N ASP L 121 30.43 14.52 27.65
CA ASP L 121 29.86 13.21 27.36
C ASP L 121 30.81 12.09 27.74
N ARG L 122 32.10 12.27 27.48
CA ARG L 122 33.07 11.25 27.86
C ARG L 122 33.31 11.23 29.36
N GLU L 123 33.13 12.37 30.03
CA GLU L 123 33.33 12.41 31.49
C GLU L 123 32.18 11.73 32.22
N ILE L 124 30.95 11.97 31.79
CA ILE L 124 29.78 11.36 32.45
C ILE L 124 29.56 9.94 31.95
N GLY L 125 30.31 9.50 30.93
CA GLY L 125 30.19 8.16 30.36
C GLY L 125 30.48 7.03 31.35
N ASN L 126 31.26 7.33 32.39
CA ASN L 126 31.61 6.34 33.40
C ASN L 126 30.47 6.02 34.36
N TYR L 127 29.57 6.97 34.60
CA TYR L 127 28.46 6.73 35.53
C TYR L 127 27.14 7.29 35.01
N THR L 128 26.90 7.18 33.70
CA THR L 128 25.66 7.69 33.13
C THR L 128 24.46 6.86 33.59
N ASP L 129 24.64 5.54 33.73
CA ASP L 129 23.54 4.69 34.17
C ASP L 129 23.22 4.92 35.64
N THR L 130 24.23 5.34 36.42
CA THR L 130 24.02 5.59 37.84
C THR L 130 23.14 6.83 38.06
N ILE L 131 23.36 7.86 37.23
CA ILE L 131 22.58 9.10 37.35
C ILE L 131 21.13 8.84 36.95
N TYR L 132 20.92 7.98 35.94
CA TYR L 132 19.56 7.67 35.50
C TYR L 132 18.80 6.90 36.56
N ARG L 133 19.48 6.00 37.27
CA ARG L 133 18.83 5.21 38.31
C ARG L 133 18.48 6.06 39.53
N LEU L 134 19.39 6.94 39.94
CA LEU L 134 19.14 7.79 41.10
C LEU L 134 18.05 8.81 40.83
N LEU L 135 17.99 9.32 39.60
CA LEU L 135 16.97 10.31 39.26
C LEU L 135 15.60 9.65 39.11
N GLU L 136 15.58 8.39 38.68
CA GLU L 136 14.32 7.67 38.51
C GLU L 136 13.70 7.33 39.86
N GLU L 137 14.54 6.94 40.83
CA GLU L 137 14.04 6.60 42.15
C GLU L 137 13.54 7.84 42.89
N SER L 138 14.15 8.99 42.61
CA SER L 138 13.72 10.23 43.26
C SER L 138 12.37 10.68 42.73
N GLN L 139 12.10 10.41 41.45
CA GLN L 139 10.83 10.79 40.85
C GLN L 139 9.68 9.94 41.42
N PHE L 140 9.96 8.66 41.69
CA PHE L 140 8.94 7.77 42.25
C PHE L 140 8.58 8.16 43.68
N GLN L 141 9.53 8.78 44.39
CA GLN L 141 9.29 9.20 45.76
C GLN L 141 8.29 10.35 45.81
N GLN L 142 8.30 11.21 44.80
CA GLN L 142 7.38 12.35 44.73
C GLN L 142 5.94 11.90 44.54
#